data_2H2E
#
_entry.id   2H2E
#
_cell.length_a   132.630
_cell.length_b   159.490
_cell.length_c   267.510
_cell.angle_alpha   90.00
_cell.angle_beta   90.00
_cell.angle_gamma   90.00
#
_symmetry.space_group_name_H-M   'I 2 2 2'
#
loop_
_entity.id
_entity.type
_entity.pdbx_description
1 polymer 'Ribulose-1,5 bisphosphate carboxylase/oxygenase large subunit N-methyltransferase'
2 non-polymer "S-5'-AZAMETHIONINE-5'-DEOXYADENOSINE"
3 non-polymer LYSINE
4 water water
#
_entity_poly.entity_id   1
_entity_poly.type   'polypeptide(L)'
_entity_poly.pdbx_seq_one_letter_code
;SLSPAVQTFWKWLQEEGVITAKTPVKASVVTEGLGLVALKDISRNDVILQVPKRLWINPDAVAASEIGRVCSELKPWLSV
ILFLIRERSREDSVWKHYFGILPQETDSTIYWSEEELQELQGSQLLKTTVSVKEYVKNECLKLEQEIILPNKRLFPDPVT
LDDFFWAFGILRSRAFSRLRNENLVVVPMADLINHSAGVTTEDHAYEVKGAAGLFSWDYLFSLKSPLSVKAGEQVYIQYD
LNKSNAELALDYGFIEPNENRHAYTLTLEISESDPFFDDKLDVAESNGFAQTAYFDIFYNRTLPPGLLPYLRLVALGGTD
AFLLESLFRDTIWGHLELSVSRDNEELLCKAVREACKSALAGYHTTIEQDRELKEGNLDSRLAIAVGIREGEKMVLQQID
GIFEQKELELDQLEYYQERRLKDLGLCGENGDILENLYFQ
;
_entity_poly.pdbx_strand_id   A,B,C
#
loop_
_chem_comp.id
_chem_comp.type
_chem_comp.name
_chem_comp.formula
SA8 non-polymer S-5'-AZAMETHIONINE-5'-DEOXYADENOSINE 'C15 H23 N7 O5'
#
# COMPACT_ATOMS: atom_id res chain seq x y z
N LEU A 2 -25.84 65.96 -30.35
CA LEU A 2 -25.19 64.79 -29.71
C LEU A 2 -26.15 64.10 -28.75
N SER A 3 -26.46 64.78 -27.64
CA SER A 3 -27.36 64.25 -26.63
C SER A 3 -27.70 65.35 -25.63
N PRO A 4 -28.99 65.50 -25.29
CA PRO A 4 -29.41 66.52 -24.34
C PRO A 4 -28.64 66.39 -23.01
N ALA A 5 -28.68 65.19 -22.44
CA ALA A 5 -28.01 64.90 -21.17
C ALA A 5 -26.51 65.14 -21.25
N VAL A 6 -25.89 64.67 -22.33
CA VAL A 6 -24.46 64.82 -22.53
C VAL A 6 -24.07 66.28 -22.72
N GLN A 7 -24.77 66.98 -23.63
CA GLN A 7 -24.47 68.39 -23.86
C GLN A 7 -24.58 69.15 -22.55
N THR A 8 -25.60 68.83 -21.76
CA THR A 8 -25.80 69.48 -20.49
C THR A 8 -24.65 69.12 -19.53
N PHE A 9 -24.20 67.88 -19.59
CA PHE A 9 -23.11 67.42 -18.73
C PHE A 9 -21.78 68.09 -19.14
N TRP A 10 -21.63 68.35 -20.44
CA TRP A 10 -20.41 68.97 -20.92
C TRP A 10 -20.34 70.44 -20.51
N LYS A 11 -21.44 71.17 -20.75
CA LYS A 11 -21.48 72.58 -20.40
C LYS A 11 -21.29 72.75 -18.90
N TRP A 12 -21.75 71.76 -18.14
CA TRP A 12 -21.62 71.80 -16.68
C TRP A 12 -20.14 71.80 -16.27
N LEU A 13 -19.37 70.91 -16.86
CA LEU A 13 -17.95 70.81 -16.55
C LEU A 13 -17.16 72.01 -17.06
N GLN A 14 -17.71 72.72 -18.03
CA GLN A 14 -17.05 73.90 -18.58
C GLN A 14 -17.05 75.02 -17.54
N GLU A 15 -18.24 75.34 -17.04
CA GLU A 15 -18.43 76.38 -16.04
C GLU A 15 -17.59 76.03 -14.82
N GLU A 16 -17.48 74.74 -14.53
CA GLU A 16 -16.70 74.24 -13.40
C GLU A 16 -15.22 74.52 -13.61
N GLY A 17 -14.87 74.98 -14.81
CA GLY A 17 -13.48 75.28 -15.13
C GLY A 17 -12.71 74.04 -15.51
N VAL A 18 -13.30 72.86 -15.27
CA VAL A 18 -12.64 71.60 -15.59
C VAL A 18 -12.27 71.59 -17.07
N ILE A 19 -13.29 71.52 -17.92
CA ILE A 19 -13.07 71.51 -19.36
C ILE A 19 -12.96 72.95 -19.89
N THR A 20 -11.78 73.28 -20.42
CA THR A 20 -11.52 74.61 -20.95
C THR A 20 -10.88 74.53 -22.33
N ALA A 21 -9.76 75.23 -22.50
CA ALA A 21 -9.05 75.24 -23.76
C ALA A 21 -7.92 74.22 -23.71
N LYS A 22 -7.45 73.93 -22.49
CA LYS A 22 -6.37 72.96 -22.33
C LYS A 22 -6.91 71.52 -22.35
N THR A 23 -8.19 71.39 -22.74
CA THR A 23 -8.85 70.08 -22.81
C THR A 23 -8.92 69.61 -24.27
N PRO A 24 -8.08 68.63 -24.64
CA PRO A 24 -7.97 68.05 -25.99
C PRO A 24 -8.86 66.84 -26.27
N VAL A 25 -10.14 66.94 -25.93
CA VAL A 25 -11.02 65.81 -26.17
C VAL A 25 -12.49 66.17 -25.96
N LYS A 26 -13.35 65.57 -26.77
CA LYS A 26 -14.78 65.82 -26.68
C LYS A 26 -15.49 64.50 -26.40
N ALA A 27 -16.63 64.59 -25.73
CA ALA A 27 -17.40 63.38 -25.43
C ALA A 27 -18.15 63.01 -26.71
N SER A 28 -18.16 61.73 -27.03
CA SER A 28 -18.85 61.27 -28.23
C SER A 28 -19.53 59.93 -27.99
N VAL A 29 -20.49 59.62 -28.86
CA VAL A 29 -21.23 58.37 -28.79
C VAL A 29 -20.49 57.32 -29.61
N VAL A 30 -20.00 56.28 -28.94
CA VAL A 30 -19.27 55.23 -29.61
C VAL A 30 -19.91 53.85 -29.45
N THR A 31 -19.38 52.85 -30.15
CA THR A 31 -19.94 51.51 -30.08
C THR A 31 -20.03 51.04 -28.65
N GLU A 32 -19.10 51.50 -27.81
CA GLU A 32 -19.10 51.10 -26.41
C GLU A 32 -19.83 52.05 -25.46
N GLY A 33 -20.76 52.84 -26.01
CA GLY A 33 -21.53 53.78 -25.20
C GLY A 33 -21.06 55.20 -25.39
N LEU A 34 -20.47 55.76 -24.34
CA LEU A 34 -19.92 57.11 -24.38
C LEU A 34 -18.41 56.96 -24.30
N GLY A 35 -17.67 57.92 -24.85
CA GLY A 35 -16.22 57.80 -24.80
C GLY A 35 -15.56 59.11 -25.10
N LEU A 36 -14.25 59.18 -24.90
CA LEU A 36 -13.52 60.40 -25.17
C LEU A 36 -12.81 60.35 -26.52
N VAL A 37 -13.22 61.25 -27.42
CA VAL A 37 -12.64 61.34 -28.75
C VAL A 37 -11.70 62.55 -28.87
N ALA A 38 -10.45 62.31 -29.25
CA ALA A 38 -9.44 63.37 -29.38
C ALA A 38 -9.80 64.48 -30.36
N LEU A 39 -9.77 65.71 -29.85
CA LEU A 39 -10.08 66.89 -30.66
C LEU A 39 -8.88 67.33 -31.49
N LYS A 40 -7.75 66.69 -31.23
CA LYS A 40 -6.52 66.98 -31.96
C LYS A 40 -5.46 65.96 -31.59
N ASP A 41 -4.59 65.67 -32.54
CA ASP A 41 -3.53 64.70 -32.32
C ASP A 41 -2.90 64.73 -30.93
N ILE A 42 -3.19 63.70 -30.15
CA ILE A 42 -2.67 63.53 -28.80
C ILE A 42 -1.51 62.54 -28.83
N SER A 43 -0.47 62.80 -28.03
CA SER A 43 0.69 61.92 -28.00
C SER A 43 0.73 61.09 -26.73
N ARG A 44 1.75 60.24 -26.60
CA ARG A 44 1.88 59.41 -25.42
C ARG A 44 2.00 60.21 -24.11
N ASN A 45 1.46 59.62 -23.05
CA ASN A 45 1.48 60.21 -21.71
C ASN A 45 0.91 61.62 -21.58
N ASP A 46 0.27 62.11 -22.64
CA ASP A 46 -0.32 63.45 -22.60
C ASP A 46 -1.48 63.48 -21.63
N VAL A 47 -1.64 64.59 -20.91
CA VAL A 47 -2.75 64.71 -19.98
C VAL A 47 -3.99 65.09 -20.78
N ILE A 48 -4.99 64.23 -20.70
CA ILE A 48 -6.25 64.40 -21.41
C ILE A 48 -7.19 65.33 -20.68
N LEU A 49 -7.13 65.28 -19.35
CA LEU A 49 -7.99 66.10 -18.52
C LEU A 49 -7.71 65.94 -17.01
N GLN A 50 -8.04 66.99 -16.25
CA GLN A 50 -7.86 66.99 -14.80
C GLN A 50 -9.15 67.43 -14.13
N VAL A 51 -9.58 66.68 -13.12
CA VAL A 51 -10.81 66.98 -12.42
C VAL A 51 -10.55 67.41 -10.97
N PRO A 52 -11.31 68.39 -10.46
CA PRO A 52 -11.16 68.91 -9.08
C PRO A 52 -11.67 67.91 -8.05
N LYS A 53 -10.85 67.59 -7.05
CA LYS A 53 -11.27 66.65 -6.00
C LYS A 53 -12.61 67.11 -5.42
N ARG A 54 -12.95 68.36 -5.72
CA ARG A 54 -14.20 68.99 -5.29
C ARG A 54 -15.36 68.21 -5.94
N LEU A 55 -15.01 67.42 -6.95
CA LEU A 55 -15.99 66.64 -7.70
C LEU A 55 -15.92 65.12 -7.55
N TRP A 56 -14.98 64.59 -6.77
CA TRP A 56 -14.89 63.13 -6.58
C TRP A 56 -16.21 62.64 -5.99
N ILE A 57 -16.19 61.40 -5.54
CA ILE A 57 -17.32 60.76 -4.88
C ILE A 57 -16.73 59.49 -4.28
N ASN A 58 -15.95 59.67 -3.22
CA ASN A 58 -15.30 58.55 -2.55
C ASN A 58 -15.69 58.59 -1.07
N PRO A 59 -15.24 57.60 -0.28
CA PRO A 59 -15.59 57.61 1.14
C PRO A 59 -15.52 59.02 1.76
N ASP A 60 -14.42 59.75 1.51
CA ASP A 60 -14.26 61.10 2.04
C ASP A 60 -15.45 61.97 1.73
N ALA A 61 -15.91 61.90 0.48
CA ALA A 61 -17.04 62.70 0.02
C ALA A 61 -18.31 62.51 0.85
N VAL A 62 -18.58 61.26 1.24
CA VAL A 62 -19.77 60.96 2.03
C VAL A 62 -19.61 61.45 3.46
N ALA A 63 -18.37 61.44 3.95
CA ALA A 63 -18.06 61.88 5.32
C ALA A 63 -18.43 63.34 5.55
N ALA A 64 -18.05 64.20 4.62
CA ALA A 64 -18.33 65.64 4.72
C ALA A 64 -19.72 66.06 4.24
N SER A 65 -20.66 65.11 4.25
CA SER A 65 -22.04 65.41 3.84
C SER A 65 -22.98 65.07 5.00
N GLU A 66 -24.24 65.45 4.85
CA GLU A 66 -25.27 65.21 5.86
C GLU A 66 -25.30 63.79 6.41
N ILE A 67 -25.05 62.82 5.53
CA ILE A 67 -25.07 61.43 5.92
C ILE A 67 -23.68 60.96 6.33
N GLY A 68 -22.81 61.92 6.64
CA GLY A 68 -21.45 61.60 7.04
C GLY A 68 -21.37 60.82 8.34
N ARG A 69 -22.24 61.16 9.29
CA ARG A 69 -22.25 60.51 10.60
C ARG A 69 -22.94 59.14 10.68
N VAL A 70 -24.06 58.97 9.97
CA VAL A 70 -24.80 57.72 9.98
C VAL A 70 -24.03 56.57 9.33
N CYS A 71 -23.08 56.93 8.46
CA CYS A 71 -22.26 55.94 7.76
C CYS A 71 -20.88 55.91 8.39
N SER A 72 -20.72 56.67 9.46
CA SER A 72 -19.45 56.77 10.16
C SER A 72 -18.77 55.42 10.40
N GLU A 73 -19.56 54.37 10.60
CA GLU A 73 -18.99 53.05 10.85
C GLU A 73 -19.26 52.01 9.78
N LEU A 74 -19.77 52.48 8.64
CA LEU A 74 -20.08 51.62 7.50
C LEU A 74 -18.82 51.38 6.64
N LYS A 75 -18.73 50.20 6.03
CA LYS A 75 -17.59 49.90 5.17
C LYS A 75 -17.55 50.97 4.08
N PRO A 76 -16.34 51.37 3.65
CA PRO A 76 -16.21 52.40 2.61
C PRO A 76 -17.22 52.26 1.46
N TRP A 77 -17.32 51.07 0.85
CA TRP A 77 -18.24 50.92 -0.27
C TRP A 77 -19.72 51.07 0.08
N LEU A 78 -20.17 50.34 1.11
CA LEU A 78 -21.57 50.42 1.52
C LEU A 78 -21.97 51.86 1.74
N SER A 79 -20.99 52.70 2.06
CA SER A 79 -21.21 54.12 2.33
C SER A 79 -21.42 54.94 1.04
N VAL A 80 -20.64 54.61 0.02
CA VAL A 80 -20.76 55.32 -1.26
C VAL A 80 -22.02 54.84 -1.97
N ILE A 81 -22.39 53.57 -1.75
CA ILE A 81 -23.61 53.05 -2.34
C ILE A 81 -24.77 53.97 -1.91
N LEU A 82 -24.85 54.24 -0.61
CA LEU A 82 -25.90 55.10 -0.08
C LEU A 82 -25.74 56.53 -0.61
N PHE A 83 -24.54 57.08 -0.50
CA PHE A 83 -24.27 58.44 -1.00
C PHE A 83 -24.78 58.66 -2.43
N LEU A 84 -24.53 57.67 -3.28
CA LEU A 84 -24.91 57.67 -4.69
C LEU A 84 -26.42 57.69 -4.89
N ILE A 85 -27.10 56.78 -4.20
CA ILE A 85 -28.54 56.70 -4.29
C ILE A 85 -29.15 58.04 -3.88
N ARG A 86 -28.63 58.58 -2.78
CA ARG A 86 -29.11 59.85 -2.25
C ARG A 86 -28.99 60.99 -3.24
N GLU A 87 -27.75 61.33 -3.62
CA GLU A 87 -27.51 62.43 -4.56
C GLU A 87 -28.25 62.29 -5.89
N ARG A 88 -28.56 61.05 -6.26
CA ARG A 88 -29.28 60.74 -7.52
C ARG A 88 -30.73 61.21 -7.45
N SER A 89 -31.21 61.43 -6.23
CA SER A 89 -32.59 61.88 -5.99
C SER A 89 -32.68 63.39 -5.83
N ARG A 90 -31.75 63.97 -5.07
CA ARG A 90 -31.69 65.42 -4.84
C ARG A 90 -31.57 66.21 -6.13
N GLU A 91 -32.66 66.85 -6.56
CA GLU A 91 -32.64 67.64 -7.79
C GLU A 91 -31.86 68.95 -7.62
N ASP A 92 -30.79 68.89 -6.85
CA ASP A 92 -29.94 70.06 -6.58
C ASP A 92 -28.51 69.60 -6.25
N SER A 93 -28.26 68.31 -6.44
CA SER A 93 -26.95 67.71 -6.16
C SER A 93 -25.87 68.26 -7.10
N VAL A 94 -24.62 68.07 -6.71
CA VAL A 94 -23.50 68.54 -7.53
C VAL A 94 -23.34 67.64 -8.77
N TRP A 95 -23.87 66.42 -8.68
CA TRP A 95 -23.78 65.47 -9.78
C TRP A 95 -25.13 65.30 -10.49
N LYS A 96 -25.92 66.36 -10.54
CA LYS A 96 -27.22 66.30 -11.18
C LYS A 96 -27.12 65.95 -12.66
N HIS A 97 -26.21 66.64 -13.35
CA HIS A 97 -26.00 66.42 -14.77
C HIS A 97 -25.19 65.15 -15.01
N TYR A 98 -24.36 64.82 -14.04
CA TYR A 98 -23.52 63.63 -14.11
C TYR A 98 -24.36 62.36 -14.10
N PHE A 99 -25.39 62.33 -13.24
CA PHE A 99 -26.27 61.17 -13.15
C PHE A 99 -27.15 61.01 -14.39
N GLY A 100 -27.24 62.07 -15.19
CA GLY A 100 -28.04 62.02 -16.40
C GLY A 100 -27.23 61.44 -17.56
N ILE A 101 -26.01 61.01 -17.23
CA ILE A 101 -25.08 60.43 -18.17
C ILE A 101 -24.90 58.95 -17.87
N LEU A 102 -24.99 58.60 -16.59
CA LEU A 102 -24.82 57.22 -16.15
C LEU A 102 -25.84 56.25 -16.71
N PRO A 103 -25.36 55.08 -17.17
CA PRO A 103 -26.22 54.03 -17.73
C PRO A 103 -27.10 53.46 -16.62
N GLN A 104 -28.37 53.27 -16.94
CA GLN A 104 -29.28 52.73 -15.96
C GLN A 104 -28.91 51.29 -15.65
N GLU A 105 -28.12 50.68 -16.55
CA GLU A 105 -27.70 49.28 -16.39
C GLU A 105 -26.49 48.98 -17.31
N THR A 106 -25.65 48.03 -16.92
CA THR A 106 -24.52 47.65 -17.76
C THR A 106 -24.69 46.20 -18.17
N ASP A 107 -23.69 45.61 -18.82
CA ASP A 107 -23.83 44.22 -19.24
C ASP A 107 -23.28 43.25 -18.21
N SER A 108 -22.86 43.79 -17.07
CA SER A 108 -22.33 42.98 -15.99
C SER A 108 -23.35 41.88 -15.66
N THR A 109 -22.89 40.68 -15.36
CA THR A 109 -23.82 39.60 -15.07
C THR A 109 -24.80 39.93 -13.95
N ILE A 110 -24.44 40.87 -13.07
CA ILE A 110 -25.32 41.22 -11.95
C ILE A 110 -26.63 41.84 -12.38
N TYR A 111 -26.87 41.94 -13.68
CA TYR A 111 -28.12 42.53 -14.17
C TYR A 111 -28.85 41.57 -15.10
N TRP A 112 -28.13 40.54 -15.55
CA TRP A 112 -28.70 39.56 -16.45
C TRP A 112 -30.01 38.97 -15.95
N SER A 113 -30.89 38.69 -16.89
CA SER A 113 -32.18 38.09 -16.59
C SER A 113 -31.96 36.62 -16.31
N GLU A 114 -33.02 35.92 -15.94
CA GLU A 114 -32.92 34.50 -15.64
C GLU A 114 -32.58 33.69 -16.87
N GLU A 115 -33.16 34.04 -18.02
CA GLU A 115 -32.87 33.28 -19.23
C GLU A 115 -31.43 33.53 -19.63
N GLU A 116 -31.01 34.80 -19.55
CA GLU A 116 -29.64 35.14 -19.90
C GLU A 116 -28.66 34.29 -19.09
N LEU A 117 -28.88 34.22 -17.79
CA LEU A 117 -28.03 33.43 -16.89
C LEU A 117 -27.96 31.96 -17.27
N GLN A 118 -29.01 31.43 -17.87
CA GLN A 118 -28.99 30.02 -18.24
C GLN A 118 -27.98 29.75 -19.33
N GLU A 119 -27.43 30.82 -19.90
CA GLU A 119 -26.44 30.70 -20.96
C GLU A 119 -25.06 30.49 -20.30
N LEU A 120 -25.04 30.58 -18.98
CA LEU A 120 -23.84 30.39 -18.19
C LEU A 120 -23.98 29.16 -17.29
N GLN A 121 -24.91 28.28 -17.67
CA GLN A 121 -25.18 27.07 -16.92
C GLN A 121 -23.97 26.16 -16.83
N GLY A 122 -23.57 25.85 -15.59
CA GLY A 122 -22.42 24.97 -15.35
C GLY A 122 -21.13 25.72 -15.16
N SER A 123 -21.15 27.03 -15.45
CA SER A 123 -19.97 27.87 -15.36
C SER A 123 -19.65 28.34 -13.96
N GLN A 124 -18.40 28.74 -13.77
CA GLN A 124 -17.95 29.23 -12.48
C GLN A 124 -18.42 30.66 -12.34
N LEU A 125 -18.49 31.36 -13.46
CA LEU A 125 -18.92 32.75 -13.46
C LEU A 125 -20.34 32.85 -12.92
N LEU A 126 -21.17 31.88 -13.25
CA LEU A 126 -22.55 31.89 -12.76
C LEU A 126 -22.50 31.76 -11.25
N LYS A 127 -21.71 30.81 -10.77
CA LYS A 127 -21.57 30.59 -9.33
C LYS A 127 -21.12 31.90 -8.68
N THR A 128 -20.02 32.45 -9.17
CA THR A 128 -19.53 33.70 -8.63
C THR A 128 -20.57 34.83 -8.67
N THR A 129 -21.30 34.98 -9.78
CA THR A 129 -22.26 36.07 -9.80
C THR A 129 -23.41 35.84 -8.81
N VAL A 130 -23.92 34.62 -8.73
CA VAL A 130 -25.01 34.35 -7.77
C VAL A 130 -24.54 34.72 -6.34
N SER A 131 -23.33 34.28 -6.00
CA SER A 131 -22.73 34.56 -4.69
C SER A 131 -22.62 36.06 -4.42
N VAL A 132 -22.05 36.78 -5.37
CA VAL A 132 -21.89 38.23 -5.21
C VAL A 132 -23.23 38.91 -5.11
N LYS A 133 -24.14 38.54 -5.99
CA LYS A 133 -25.48 39.13 -5.98
C LYS A 133 -26.15 38.98 -4.63
N GLU A 134 -26.16 37.77 -4.10
CA GLU A 134 -26.79 37.56 -2.81
C GLU A 134 -26.14 38.40 -1.70
N TYR A 135 -24.83 38.28 -1.53
CA TYR A 135 -24.15 39.04 -0.50
C TYR A 135 -24.54 40.51 -0.50
N VAL A 136 -24.41 41.17 -1.65
CA VAL A 136 -24.74 42.59 -1.73
C VAL A 136 -26.20 42.85 -1.41
N LYS A 137 -27.06 41.85 -1.65
CA LYS A 137 -28.48 42.00 -1.33
C LYS A 137 -28.63 42.07 0.17
N ASN A 138 -28.08 41.07 0.86
CA ASN A 138 -28.15 41.03 2.31
C ASN A 138 -27.57 42.29 2.93
N GLU A 139 -26.33 42.62 2.55
CA GLU A 139 -25.70 43.82 3.10
C GLU A 139 -26.55 45.07 2.92
N CYS A 140 -27.13 45.25 1.74
CA CYS A 140 -27.94 46.43 1.48
C CYS A 140 -29.32 46.43 2.14
N LEU A 141 -29.85 45.25 2.45
CA LEU A 141 -31.15 45.18 3.12
C LEU A 141 -30.96 45.60 4.58
N LYS A 142 -29.78 45.29 5.13
CA LYS A 142 -29.44 45.67 6.49
C LYS A 142 -29.23 47.17 6.54
N LEU A 143 -28.74 47.74 5.44
CA LEU A 143 -28.52 49.18 5.35
C LEU A 143 -29.84 49.94 5.45
N GLU A 144 -30.89 49.41 4.82
CA GLU A 144 -32.20 50.05 4.85
C GLU A 144 -32.75 50.06 6.27
N GLN A 145 -32.67 48.91 6.92
CA GLN A 145 -33.15 48.74 8.28
C GLN A 145 -32.50 49.64 9.32
N GLU A 146 -31.19 49.80 9.21
CA GLU A 146 -30.43 50.59 10.16
C GLU A 146 -30.03 52.01 9.76
N ILE A 147 -30.12 52.36 8.47
CA ILE A 147 -29.77 53.72 8.07
C ILE A 147 -30.81 54.40 7.18
N ILE A 148 -31.38 53.68 6.22
CA ILE A 148 -32.37 54.25 5.32
C ILE A 148 -33.73 54.55 5.98
N LEU A 149 -34.22 53.61 6.80
CA LEU A 149 -35.50 53.79 7.47
C LEU A 149 -35.38 54.66 8.73
N PRO A 150 -34.42 54.33 9.62
CA PRO A 150 -34.24 55.12 10.84
C PRO A 150 -34.11 56.62 10.57
N ASN A 151 -33.36 56.97 9.53
CA ASN A 151 -33.12 58.38 9.20
C ASN A 151 -34.01 58.89 8.06
N LYS A 152 -35.33 58.80 8.23
CA LYS A 152 -36.29 59.23 7.21
C LYS A 152 -36.18 60.70 6.79
N ARG A 153 -35.30 61.46 7.44
CA ARG A 153 -35.13 62.88 7.11
C ARG A 153 -34.12 63.09 5.97
N LEU A 154 -33.05 62.30 5.96
CA LEU A 154 -32.01 62.38 4.93
C LEU A 154 -32.31 61.43 3.75
N PHE A 155 -32.99 60.31 4.04
CA PHE A 155 -33.34 59.34 3.01
C PHE A 155 -34.85 59.28 2.86
N PRO A 156 -35.46 60.37 2.36
CA PRO A 156 -36.91 60.45 2.15
C PRO A 156 -37.46 59.28 1.32
N ASP A 157 -37.25 59.39 0.01
CA ASP A 157 -37.72 58.38 -0.94
C ASP A 157 -37.37 56.96 -0.52
N PRO A 158 -38.16 55.98 -0.98
CA PRO A 158 -37.91 54.58 -0.65
C PRO A 158 -36.66 54.14 -1.43
N VAL A 159 -35.99 53.08 -0.97
CA VAL A 159 -34.78 52.59 -1.64
C VAL A 159 -34.91 51.11 -1.99
N THR A 160 -35.11 50.81 -3.27
CA THR A 160 -35.26 49.43 -3.74
C THR A 160 -33.94 48.75 -4.08
N LEU A 161 -34.00 47.43 -4.25
CA LEU A 161 -32.82 46.64 -4.59
C LEU A 161 -32.20 47.16 -5.87
N ASP A 162 -33.03 47.40 -6.88
CA ASP A 162 -32.57 47.91 -8.15
C ASP A 162 -31.70 49.16 -7.93
N ASP A 163 -32.09 49.98 -6.95
CA ASP A 163 -31.33 51.19 -6.62
C ASP A 163 -29.98 50.76 -6.08
N PHE A 164 -30.01 49.71 -5.27
CA PHE A 164 -28.82 49.17 -4.66
C PHE A 164 -27.81 48.63 -5.67
N PHE A 165 -28.28 47.74 -6.54
CA PHE A 165 -27.43 47.16 -7.57
C PHE A 165 -26.96 48.19 -8.57
N TRP A 166 -27.78 49.20 -8.79
CA TRP A 166 -27.41 50.28 -9.71
C TRP A 166 -26.17 51.00 -9.15
N ALA A 167 -26.21 51.35 -7.87
CA ALA A 167 -25.11 52.03 -7.21
C ALA A 167 -23.90 51.09 -7.12
N PHE A 168 -24.14 49.82 -6.81
CA PHE A 168 -23.06 48.84 -6.72
C PHE A 168 -22.42 48.68 -8.08
N GLY A 169 -23.27 48.57 -9.10
CA GLY A 169 -22.82 48.41 -10.46
C GLY A 169 -22.03 49.63 -10.87
N ILE A 170 -22.62 50.81 -10.72
CA ILE A 170 -21.93 52.04 -11.05
C ILE A 170 -20.55 52.03 -10.37
N LEU A 171 -20.54 51.73 -9.08
CA LEU A 171 -19.32 51.70 -8.28
C LEU A 171 -18.29 50.70 -8.79
N ARG A 172 -18.73 49.51 -9.15
CA ARG A 172 -17.83 48.46 -9.62
C ARG A 172 -17.36 48.55 -11.08
N SER A 173 -18.00 49.38 -11.89
CA SER A 173 -17.62 49.51 -13.29
C SER A 173 -17.00 50.86 -13.64
N ARG A 174 -16.98 51.79 -12.68
CA ARG A 174 -16.45 53.12 -12.95
C ARG A 174 -15.34 53.66 -12.05
N ALA A 175 -15.39 53.28 -10.79
CA ALA A 175 -14.38 53.76 -9.84
C ALA A 175 -12.96 53.36 -10.20
N PHE A 176 -12.02 54.25 -9.87
CA PHE A 176 -10.61 54.00 -10.12
C PHE A 176 -9.97 53.63 -8.79
N SER A 177 -9.23 52.53 -8.80
CA SER A 177 -8.56 52.07 -7.60
C SER A 177 -7.05 52.20 -7.77
N ARG A 178 -6.61 53.38 -8.17
CA ARG A 178 -5.18 53.63 -8.37
C ARG A 178 -4.72 54.76 -7.45
N LEU A 179 -4.58 54.45 -6.16
CA LEU A 179 -4.15 55.44 -5.17
C LEU A 179 -3.13 54.85 -4.18
N ASN A 183 -8.42 53.82 -2.30
CA ASN A 183 -8.64 52.99 -3.49
C ASN A 183 -10.12 52.75 -3.81
N LEU A 184 -10.85 53.83 -4.11
CA LEU A 184 -12.27 53.73 -4.44
C LEU A 184 -12.79 55.13 -4.74
N VAL A 185 -12.42 55.68 -5.88
CA VAL A 185 -12.85 57.03 -6.24
C VAL A 185 -13.57 57.11 -7.60
N VAL A 186 -14.57 57.97 -7.68
CA VAL A 186 -15.34 58.16 -8.90
C VAL A 186 -15.11 59.57 -9.44
N VAL A 187 -14.61 59.69 -10.66
CA VAL A 187 -14.31 61.01 -11.20
C VAL A 187 -15.10 61.39 -12.46
N PRO A 188 -16.30 61.96 -12.29
CA PRO A 188 -17.22 62.38 -13.35
C PRO A 188 -16.68 62.72 -14.76
N MET A 189 -15.45 63.21 -14.87
CA MET A 189 -14.92 63.56 -16.18
C MET A 189 -14.27 62.36 -16.89
N ALA A 190 -13.17 61.88 -16.33
CA ALA A 190 -12.44 60.75 -16.88
C ALA A 190 -13.19 59.44 -16.62
N ASP A 191 -14.41 59.57 -16.15
CA ASP A 191 -15.26 58.42 -15.85
C ASP A 191 -15.70 57.79 -17.15
N LEU A 192 -15.68 58.59 -18.21
CA LEU A 192 -16.10 58.14 -19.53
C LEU A 192 -15.11 57.22 -20.28
N ILE A 193 -13.82 57.57 -20.23
CA ILE A 193 -12.77 56.79 -20.90
C ILE A 193 -13.09 55.28 -20.98
N ASN A 194 -12.85 54.68 -22.15
CA ASN A 194 -13.12 53.25 -22.37
C ASN A 194 -11.88 52.37 -22.37
N HIS A 195 -12.10 51.06 -22.37
CA HIS A 195 -11.04 50.05 -22.37
C HIS A 195 -10.73 49.52 -23.76
N SER A 196 -9.46 49.26 -24.03
CA SER A 196 -9.05 48.71 -25.31
C SER A 196 -7.93 47.72 -25.09
N ALA A 197 -7.94 46.63 -25.85
CA ALA A 197 -6.89 45.63 -25.71
C ALA A 197 -5.60 46.22 -26.27
N GLY A 198 -5.71 47.38 -26.91
CA GLY A 198 -4.54 48.02 -27.46
C GLY A 198 -3.57 48.33 -26.32
N VAL A 199 -4.00 49.20 -25.42
CA VAL A 199 -3.19 49.61 -24.28
C VAL A 199 -2.56 48.44 -23.51
N THR A 200 -1.30 48.60 -23.09
CA THR A 200 -0.61 47.56 -22.33
C THR A 200 0.27 48.10 -21.21
N THR A 201 -0.15 49.21 -20.60
CA THR A 201 0.61 49.83 -19.50
C THR A 201 -0.15 49.69 -18.19
N GLU A 202 -1.41 50.12 -18.20
CA GLU A 202 -2.31 50.06 -17.04
C GLU A 202 -1.94 50.94 -15.83
N ASP A 203 -1.53 52.17 -16.10
CA ASP A 203 -1.18 53.10 -15.03
C ASP A 203 -1.01 54.49 -15.65
N HIS A 204 -2.05 55.32 -15.49
CA HIS A 204 -2.07 56.66 -16.05
C HIS A 204 -3.05 57.59 -15.32
N ALA A 205 -2.94 57.65 -13.99
CA ALA A 205 -3.81 58.50 -13.18
C ALA A 205 -3.08 59.01 -11.93
N TYR A 206 -2.83 60.32 -11.86
CA TYR A 206 -2.17 60.93 -10.70
C TYR A 206 -2.84 62.28 -10.37
N GLU A 207 -2.17 63.14 -9.59
CA GLU A 207 -2.69 64.47 -9.22
C GLU A 207 -1.60 65.40 -8.69
N VAL A 208 -1.77 66.70 -8.90
CA VAL A 208 -0.79 67.68 -8.45
C VAL A 208 -1.35 68.50 -7.28
N TYR A 219 -5.85 69.53 -4.81
CA TYR A 219 -5.75 68.19 -5.38
C TYR A 219 -6.70 68.01 -6.56
N LEU A 220 -6.42 67.02 -7.41
CA LEU A 220 -7.26 66.75 -8.58
C LEU A 220 -7.05 65.37 -9.20
N PHE A 221 -7.49 65.19 -10.44
CA PHE A 221 -7.36 63.92 -11.14
C PHE A 221 -6.73 64.10 -12.52
N SER A 222 -5.45 63.77 -12.64
CA SER A 222 -4.74 63.88 -13.89
C SER A 222 -4.80 62.54 -14.64
N LEU A 223 -5.46 62.57 -15.79
CA LEU A 223 -5.62 61.41 -16.64
C LEU A 223 -4.77 61.61 -17.89
N LYS A 224 -3.80 60.72 -18.10
CA LYS A 224 -2.93 60.81 -19.26
C LYS A 224 -3.08 59.65 -20.24
N SER A 225 -3.44 59.98 -21.48
CA SER A 225 -3.62 58.99 -22.53
C SER A 225 -2.33 58.22 -22.72
N PRO A 226 -2.39 56.89 -22.55
CA PRO A 226 -1.23 56.00 -22.69
C PRO A 226 -0.79 55.83 -24.15
N LEU A 227 -1.72 55.98 -25.07
CA LEU A 227 -1.41 55.84 -26.49
C LEU A 227 -1.39 57.17 -27.21
N SER A 228 -0.98 57.12 -28.47
CA SER A 228 -0.92 58.31 -29.32
C SER A 228 -2.12 58.26 -30.26
N VAL A 229 -3.17 58.99 -29.92
CA VAL A 229 -4.36 59.02 -30.75
C VAL A 229 -4.32 60.16 -31.78
N LYS A 230 -4.80 59.91 -32.99
CA LYS A 230 -4.82 60.94 -34.02
C LYS A 230 -6.13 61.68 -33.86
N ALA A 231 -6.20 62.91 -34.36
CA ALA A 231 -7.41 63.70 -34.26
C ALA A 231 -8.61 62.99 -34.89
N GLY A 232 -9.68 62.86 -34.13
CA GLY A 232 -10.88 62.20 -34.64
C GLY A 232 -11.11 60.84 -33.99
N GLU A 233 -10.03 60.19 -33.57
CA GLU A 233 -10.09 58.87 -32.96
C GLU A 233 -10.31 58.87 -31.43
N GLN A 234 -10.72 57.72 -30.90
CA GLN A 234 -11.00 57.58 -29.46
C GLN A 234 -9.74 57.39 -28.60
N VAL A 235 -9.84 57.76 -27.34
CA VAL A 235 -8.73 57.60 -26.40
C VAL A 235 -9.08 56.46 -25.48
N TYR A 236 -8.28 55.40 -25.48
CA TYR A 236 -8.55 54.25 -24.62
C TYR A 236 -7.49 54.11 -23.53
N ILE A 237 -7.68 53.11 -22.67
CA ILE A 237 -6.75 52.78 -21.58
C ILE A 237 -6.95 51.31 -21.25
N GLN A 238 -6.04 50.73 -20.47
CA GLN A 238 -6.19 49.31 -20.09
C GLN A 238 -6.85 49.25 -18.71
N TYR A 239 -8.04 48.66 -18.62
CA TYR A 239 -8.71 48.58 -17.34
C TYR A 239 -7.99 47.72 -16.31
N ASP A 240 -7.47 46.58 -16.73
CA ASP A 240 -6.75 45.69 -15.81
C ASP A 240 -6.10 44.51 -16.51
N LEU A 241 -4.81 44.66 -16.79
CA LEU A 241 -4.02 43.65 -17.47
C LEU A 241 -4.09 42.27 -16.85
N ASN A 242 -4.45 42.18 -15.59
CA ASN A 242 -4.47 40.90 -14.91
C ASN A 242 -5.80 40.20 -14.65
N LYS A 243 -6.92 40.93 -14.70
CA LYS A 243 -8.20 40.28 -14.46
C LYS A 243 -8.45 39.23 -15.53
N SER A 244 -9.22 38.20 -15.17
CA SER A 244 -9.56 37.15 -16.13
C SER A 244 -10.84 37.58 -16.83
N ASN A 245 -11.22 36.89 -17.89
CA ASN A 245 -12.46 37.26 -18.59
C ASN A 245 -13.65 37.18 -17.63
N ALA A 246 -13.68 36.11 -16.83
CA ALA A 246 -14.74 35.91 -15.85
C ALA A 246 -14.82 37.14 -14.98
N GLU A 247 -13.67 37.69 -14.61
CA GLU A 247 -13.62 38.89 -13.79
C GLU A 247 -14.06 40.13 -14.58
N LEU A 248 -13.62 40.25 -15.83
CA LEU A 248 -14.01 41.40 -16.63
C LEU A 248 -15.52 41.36 -16.85
N ALA A 249 -16.03 40.19 -17.20
CA ALA A 249 -17.46 39.98 -17.46
C ALA A 249 -18.34 40.42 -16.29
N LEU A 250 -17.85 40.21 -15.08
CA LEU A 250 -18.60 40.57 -13.88
C LEU A 250 -18.38 42.03 -13.49
N ASP A 251 -17.12 42.45 -13.37
CA ASP A 251 -16.81 43.83 -13.00
C ASP A 251 -17.40 44.82 -14.01
N TYR A 252 -17.10 44.61 -15.29
CA TYR A 252 -17.66 45.44 -16.38
C TYR A 252 -18.48 44.51 -17.28
N GLY A 253 -19.19 45.06 -18.25
CA GLY A 253 -19.97 44.17 -19.09
C GLY A 253 -19.28 43.65 -20.34
N PHE A 254 -18.01 43.28 -20.26
CA PHE A 254 -17.32 42.79 -21.46
C PHE A 254 -16.20 41.80 -21.21
N ILE A 255 -15.79 41.11 -22.28
CA ILE A 255 -14.70 40.13 -22.23
C ILE A 255 -13.85 40.34 -23.48
N GLU A 256 -12.64 39.80 -23.50
CA GLU A 256 -11.76 39.92 -24.66
C GLU A 256 -11.70 38.59 -25.41
N PRO A 257 -11.29 38.63 -26.68
CA PRO A 257 -11.19 37.39 -27.47
C PRO A 257 -9.93 36.65 -27.09
N ASN A 258 -9.01 37.38 -26.47
CA ASN A 258 -7.72 36.84 -26.06
C ASN A 258 -7.79 35.62 -25.16
N GLU A 259 -7.49 34.46 -25.73
CA GLU A 259 -7.56 33.23 -24.96
C GLU A 259 -6.76 33.25 -23.65
N ASN A 260 -5.70 34.06 -23.58
CA ASN A 260 -4.93 34.11 -22.35
C ASN A 260 -5.66 34.82 -21.22
N ARG A 261 -6.91 35.21 -21.47
CA ARG A 261 -7.72 35.87 -20.44
C ARG A 261 -8.63 34.83 -19.78
N HIS A 262 -8.65 33.62 -20.34
CA HIS A 262 -9.47 32.55 -19.82
C HIS A 262 -8.88 31.81 -18.62
N ALA A 263 -9.48 32.01 -17.46
CA ALA A 263 -9.01 31.33 -16.28
C ALA A 263 -10.15 30.52 -15.65
N TYR A 264 -9.77 29.62 -14.75
CA TYR A 264 -10.72 28.82 -14.01
C TYR A 264 -10.00 28.57 -12.71
N THR A 265 -10.67 28.84 -11.59
CA THR A 265 -10.04 28.66 -10.29
C THR A 265 -10.48 27.42 -9.50
N LEU A 266 -9.48 26.61 -9.16
CA LEU A 266 -9.66 25.37 -8.41
C LEU A 266 -9.57 25.66 -6.94
N THR A 267 -10.36 24.95 -6.13
CA THR A 267 -10.30 25.17 -4.70
C THR A 267 -10.01 23.87 -3.95
N LEU A 268 -8.93 23.88 -3.18
CA LEU A 268 -8.53 22.72 -2.41
C LEU A 268 -8.60 23.06 -0.94
N GLU A 269 -8.88 22.07 -0.11
CA GLU A 269 -8.95 22.29 1.32
C GLU A 269 -8.68 20.99 2.07
N ILE A 270 -8.02 21.13 3.21
CA ILE A 270 -7.72 20.00 4.07
C ILE A 270 -8.97 19.79 4.90
N SER A 271 -9.69 18.69 4.64
CA SER A 271 -10.93 18.40 5.36
C SER A 271 -10.70 18.03 6.81
N GLU A 272 -11.66 18.38 7.67
CA GLU A 272 -11.57 18.08 9.08
C GLU A 272 -11.93 16.61 9.28
N SER A 273 -12.45 16.00 8.21
CA SER A 273 -12.84 14.59 8.20
C SER A 273 -11.63 13.72 7.88
N ASP A 274 -10.52 14.38 7.56
CA ASP A 274 -9.27 13.71 7.24
C ASP A 274 -8.68 13.33 8.60
N PRO A 275 -8.44 12.03 8.83
CA PRO A 275 -7.88 11.59 10.11
C PRO A 275 -6.60 12.32 10.49
N PHE A 276 -5.94 12.95 9.52
CA PHE A 276 -4.69 13.66 9.79
C PHE A 276 -4.83 15.17 9.69
N PHE A 277 -6.06 15.65 9.68
CA PHE A 277 -6.33 17.08 9.58
C PHE A 277 -5.35 17.96 10.34
N ASP A 278 -5.17 17.67 11.62
CA ASP A 278 -4.30 18.46 12.47
C ASP A 278 -2.88 18.58 12.00
N ASP A 279 -2.27 17.45 11.63
CA ASP A 279 -0.89 17.47 11.16
C ASP A 279 -0.79 18.13 9.79
N LYS A 280 -1.74 17.84 8.93
CA LYS A 280 -1.73 18.43 7.59
C LYS A 280 -1.92 19.94 7.65
N LEU A 281 -2.88 20.38 8.44
CA LEU A 281 -3.15 21.79 8.55
C LEU A 281 -1.91 22.50 9.05
N ASP A 282 -1.16 21.82 9.89
CA ASP A 282 0.06 22.41 10.41
C ASP A 282 1.07 22.64 9.29
N VAL A 283 1.26 21.61 8.47
CA VAL A 283 2.18 21.67 7.34
C VAL A 283 1.78 22.74 6.35
N ALA A 284 0.50 22.75 6.01
CA ALA A 284 0.00 23.73 5.05
C ALA A 284 0.35 25.14 5.52
N GLU A 285 -0.15 25.48 6.71
CA GLU A 285 0.04 26.80 7.29
C GLU A 285 1.48 27.21 7.53
N SER A 286 2.32 26.25 7.89
CA SER A 286 3.72 26.56 8.13
C SER A 286 4.39 26.93 6.82
N ASN A 287 3.67 26.75 5.72
CA ASN A 287 4.19 27.04 4.39
C ASN A 287 3.39 28.07 3.60
N GLY A 288 2.56 28.85 4.29
CA GLY A 288 1.79 29.87 3.60
C GLY A 288 0.42 29.51 3.06
N PHE A 289 -0.09 28.33 3.38
CA PHE A 289 -1.41 27.96 2.89
C PHE A 289 -2.35 27.73 4.03
N ALA A 290 -3.62 28.01 3.81
CA ALA A 290 -4.60 27.83 4.85
C ALA A 290 -5.37 26.55 4.64
N GLN A 291 -6.30 26.29 5.56
CA GLN A 291 -7.15 25.12 5.51
C GLN A 291 -7.83 25.06 4.15
N THR A 292 -8.16 26.23 3.62
CA THR A 292 -8.78 26.34 2.30
C THR A 292 -7.90 27.26 1.46
N ALA A 293 -7.66 26.87 0.22
CA ALA A 293 -6.80 27.65 -0.66
C ALA A 293 -7.33 27.60 -2.08
N TYR A 294 -7.29 28.74 -2.76
CA TYR A 294 -7.76 28.78 -4.14
C TYR A 294 -6.55 28.94 -5.03
N PHE A 295 -6.59 28.29 -6.19
CA PHE A 295 -5.51 28.33 -7.18
C PHE A 295 -6.11 28.73 -8.52
N ASP A 296 -5.65 29.86 -9.07
CA ASP A 296 -6.15 30.35 -10.36
C ASP A 296 -5.37 29.78 -11.53
N ILE A 297 -6.08 29.07 -12.41
CA ILE A 297 -5.46 28.42 -13.58
C ILE A 297 -5.84 29.04 -14.91
N PHE A 298 -4.88 29.75 -15.51
CA PHE A 298 -5.06 30.43 -16.79
C PHE A 298 -4.65 29.60 -17.99
N TYR A 299 -5.29 29.87 -19.14
CA TYR A 299 -4.98 29.11 -20.35
C TYR A 299 -3.54 29.33 -20.80
N ASN A 300 -2.93 28.27 -21.33
CA ASN A 300 -1.55 28.27 -21.81
C ASN A 300 -0.49 28.67 -20.79
N ARG A 301 -0.90 28.85 -19.55
CA ARG A 301 0.04 29.18 -18.49
C ARG A 301 0.40 27.88 -17.74
N THR A 302 1.49 27.88 -16.97
CA THR A 302 1.86 26.66 -16.25
C THR A 302 1.15 26.66 -14.90
N LEU A 303 0.99 25.48 -14.30
CA LEU A 303 0.30 25.38 -13.03
C LEU A 303 0.88 26.28 -11.95
N PRO A 304 0.01 26.85 -11.10
CA PRO A 304 0.44 27.73 -10.02
C PRO A 304 1.37 26.97 -9.12
N PRO A 305 2.43 27.61 -8.63
CA PRO A 305 3.35 26.89 -7.74
C PRO A 305 2.51 26.58 -6.51
N GLY A 306 2.77 25.46 -5.87
CA GLY A 306 1.99 25.12 -4.70
C GLY A 306 0.77 24.26 -5.00
N LEU A 307 0.21 24.36 -6.19
CA LEU A 307 -0.96 23.55 -6.50
C LEU A 307 -0.72 22.05 -6.31
N LEU A 308 0.43 21.56 -6.79
CA LEU A 308 0.71 20.13 -6.69
C LEU A 308 1.03 19.68 -5.28
N PRO A 309 1.97 20.35 -4.61
CA PRO A 309 2.31 19.95 -3.24
C PRO A 309 1.09 19.94 -2.32
N TYR A 310 0.15 20.85 -2.57
CA TYR A 310 -1.06 20.93 -1.79
C TYR A 310 -2.00 19.75 -2.14
N LEU A 311 -1.99 19.33 -3.40
CA LEU A 311 -2.79 18.20 -3.85
C LEU A 311 -2.21 16.93 -3.22
N ARG A 312 -0.89 16.87 -3.15
CA ARG A 312 -0.25 15.71 -2.56
C ARG A 312 -0.50 15.67 -1.06
N LEU A 313 -0.56 16.85 -0.44
CA LEU A 313 -0.81 16.94 1.00
C LEU A 313 -2.23 16.48 1.29
N VAL A 314 -3.14 16.81 0.39
CA VAL A 314 -4.53 16.43 0.51
C VAL A 314 -4.69 14.93 0.36
N ALA A 315 -4.01 14.39 -0.65
CA ALA A 315 -4.08 12.96 -0.92
C ALA A 315 -3.17 12.11 -0.03
N LEU A 316 -2.36 12.74 0.82
CA LEU A 316 -1.40 12.03 1.66
C LEU A 316 -1.75 10.63 2.14
N GLY A 317 -2.80 10.47 2.94
CA GLY A 317 -3.17 9.13 3.38
C GLY A 317 -2.17 8.25 4.14
N GLY A 318 -2.71 7.21 4.77
CA GLY A 318 -1.96 6.27 5.59
C GLY A 318 -0.50 5.90 5.34
N THR A 319 -0.24 5.21 4.23
CA THR A 319 1.12 4.76 3.88
C THR A 319 2.25 5.81 4.01
N ASP A 320 2.01 7.02 3.51
CA ASP A 320 3.01 8.07 3.53
C ASP A 320 2.84 9.04 4.69
N ALA A 321 1.98 8.67 5.63
CA ALA A 321 1.69 9.48 6.80
C ALA A 321 2.92 9.76 7.66
N PHE A 322 3.91 8.88 7.60
CA PHE A 322 5.12 9.05 8.39
C PHE A 322 5.84 10.35 8.04
N LEU A 323 5.42 10.98 6.95
CA LEU A 323 6.03 12.23 6.54
C LEU A 323 5.50 13.38 7.38
N LEU A 324 4.46 13.10 8.17
CA LEU A 324 3.85 14.11 9.02
C LEU A 324 4.42 14.15 10.44
N GLU A 325 5.56 13.50 10.67
CA GLU A 325 6.20 13.47 11.99
C GLU A 325 7.09 14.69 12.19
N SER A 326 7.33 15.06 13.44
CA SER A 326 8.16 16.22 13.76
C SER A 326 9.51 16.18 13.03
N LEU A 327 9.94 14.98 12.65
CA LEU A 327 11.21 14.80 11.94
C LEU A 327 11.34 15.58 10.64
N PHE A 328 10.35 15.46 9.77
CA PHE A 328 10.39 16.14 8.48
C PHE A 328 9.82 17.55 8.45
N ARG A 329 9.28 18.03 9.56
CA ARG A 329 8.69 19.37 9.53
C ARG A 329 9.54 20.42 8.82
N ASP A 330 10.84 20.20 8.72
CA ASP A 330 11.71 21.16 8.06
C ASP A 330 12.02 20.80 6.61
N THR A 331 11.34 19.79 6.11
CA THR A 331 11.57 19.31 4.74
C THR A 331 10.30 18.83 4.06
N ILE A 332 9.33 18.44 4.86
CA ILE A 332 8.05 17.92 4.35
C ILE A 332 7.56 18.62 3.09
N TRP A 333 7.66 19.95 3.06
CA TRP A 333 7.18 20.69 1.90
C TRP A 333 8.05 20.41 0.67
N GLY A 334 9.35 20.27 0.87
CA GLY A 334 10.22 20.00 -0.24
C GLY A 334 9.86 18.67 -0.84
N HIS A 335 9.59 17.70 0.02
CA HIS A 335 9.21 16.39 -0.47
C HIS A 335 7.90 16.55 -1.19
N LEU A 336 6.95 17.23 -0.57
CA LEU A 336 5.66 17.46 -1.23
C LEU A 336 5.87 18.02 -2.63
N GLU A 337 6.92 18.83 -2.81
CA GLU A 337 7.22 19.44 -4.12
C GLU A 337 7.89 18.48 -5.09
N LEU A 338 8.67 17.53 -4.58
CA LEU A 338 9.34 16.56 -5.44
C LEU A 338 8.46 15.36 -5.82
N SER A 339 7.39 15.15 -5.04
CA SER A 339 6.41 14.06 -5.19
C SER A 339 6.60 13.06 -4.06
N VAL A 340 5.49 12.50 -3.59
CA VAL A 340 5.52 11.57 -2.48
C VAL A 340 5.72 10.11 -2.88
N SER A 341 4.68 9.51 -3.43
CA SER A 341 4.74 8.11 -3.83
C SER A 341 3.83 7.88 -5.01
N ARG A 342 4.14 6.84 -5.78
CA ARG A 342 3.33 6.54 -6.95
C ARG A 342 1.84 6.42 -6.63
N ASP A 343 1.50 5.93 -5.44
CA ASP A 343 0.07 5.80 -5.07
C ASP A 343 -0.53 7.16 -4.76
N ASN A 344 0.26 8.03 -4.14
CA ASN A 344 -0.22 9.36 -3.81
C ASN A 344 -0.51 10.11 -5.11
N GLU A 345 0.50 10.14 -5.98
CA GLU A 345 0.45 10.81 -7.27
C GLU A 345 -0.68 10.32 -8.16
N GLU A 346 -0.96 9.02 -8.10
CA GLU A 346 -2.01 8.43 -8.91
C GLU A 346 -3.39 8.74 -8.36
N LEU A 347 -3.46 8.94 -7.06
CA LEU A 347 -4.73 9.24 -6.40
C LEU A 347 -5.18 10.64 -6.75
N LEU A 348 -4.26 11.60 -6.61
CA LEU A 348 -4.55 13.01 -6.90
C LEU A 348 -4.89 13.22 -8.36
N CYS A 349 -4.20 12.50 -9.25
CA CYS A 349 -4.44 12.63 -10.67
C CYS A 349 -5.87 12.22 -11.01
N LYS A 350 -6.36 11.15 -10.40
CA LYS A 350 -7.73 10.74 -10.70
C LYS A 350 -8.72 11.76 -10.16
N ALA A 351 -8.55 12.15 -8.90
CA ALA A 351 -9.43 13.14 -8.30
C ALA A 351 -9.55 14.38 -9.20
N VAL A 352 -8.41 14.91 -9.64
CA VAL A 352 -8.41 16.09 -10.49
C VAL A 352 -9.08 15.84 -11.83
N ARG A 353 -8.68 14.80 -12.55
CA ARG A 353 -9.28 14.53 -13.85
C ARG A 353 -10.75 14.26 -13.77
N GLU A 354 -11.21 13.62 -12.70
CA GLU A 354 -12.63 13.31 -12.54
C GLU A 354 -13.40 14.59 -12.28
N ALA A 355 -12.77 15.53 -11.58
CA ALA A 355 -13.40 16.80 -11.28
C ALA A 355 -13.65 17.55 -12.59
N CYS A 356 -12.64 17.60 -13.43
CA CYS A 356 -12.73 18.27 -14.71
C CYS A 356 -13.75 17.65 -15.63
N LYS A 357 -13.79 16.32 -15.69
CA LYS A 357 -14.76 15.65 -16.55
C LYS A 357 -16.16 15.96 -16.06
N SER A 358 -16.32 15.86 -14.74
CA SER A 358 -17.59 16.10 -14.10
C SER A 358 -18.08 17.51 -14.37
N ALA A 359 -17.18 18.48 -14.24
CA ALA A 359 -17.53 19.89 -14.50
C ALA A 359 -17.88 20.08 -15.96
N LEU A 360 -16.99 19.61 -16.84
CA LEU A 360 -17.20 19.73 -18.28
C LEU A 360 -18.59 19.19 -18.63
N ALA A 361 -19.11 18.30 -17.80
CA ALA A 361 -20.42 17.72 -18.05
C ALA A 361 -21.54 18.66 -17.67
N GLY A 362 -21.24 19.63 -16.81
CA GLY A 362 -22.24 20.58 -16.37
C GLY A 362 -22.71 21.62 -17.38
N TYR A 363 -21.97 21.76 -18.47
CA TYR A 363 -22.31 22.73 -19.49
C TYR A 363 -23.31 22.13 -20.48
N HIS A 364 -24.10 23.00 -21.14
CA HIS A 364 -25.08 22.49 -22.09
C HIS A 364 -24.67 22.51 -23.56
N THR A 365 -23.48 23.01 -23.85
CA THR A 365 -23.01 23.06 -25.23
C THR A 365 -21.56 22.61 -25.29
N THR A 366 -21.15 22.14 -26.47
CA THR A 366 -19.78 21.71 -26.69
C THR A 366 -18.99 22.91 -27.19
N ILE A 367 -17.67 22.80 -27.23
CA ILE A 367 -16.87 23.91 -27.71
C ILE A 367 -17.14 24.14 -29.18
N GLU A 368 -17.35 23.06 -29.93
CA GLU A 368 -17.62 23.22 -31.35
C GLU A 368 -18.85 24.06 -31.55
N GLN A 369 -19.81 23.91 -30.65
CA GLN A 369 -21.03 24.67 -30.77
C GLN A 369 -20.80 26.12 -30.44
N ASP A 370 -20.14 26.38 -29.33
CA ASP A 370 -19.88 27.76 -28.94
C ASP A 370 -19.11 28.48 -30.03
N ARG A 371 -18.13 27.79 -30.63
CA ARG A 371 -17.35 28.39 -31.69
C ARG A 371 -18.12 28.64 -32.98
N GLU A 372 -19.18 27.88 -33.20
CA GLU A 372 -19.95 28.11 -34.39
C GLU A 372 -20.82 29.33 -34.09
N LEU A 373 -21.22 29.46 -32.84
CA LEU A 373 -22.02 30.58 -32.41
C LEU A 373 -21.28 31.90 -32.52
N LYS A 374 -19.99 31.86 -32.24
CA LYS A 374 -19.18 33.07 -32.28
C LYS A 374 -18.94 33.50 -33.70
N GLU A 375 -19.27 32.61 -34.63
CA GLU A 375 -19.06 32.88 -36.04
C GLU A 375 -20.20 33.75 -36.60
N GLY A 376 -21.23 33.96 -35.79
CA GLY A 376 -22.36 34.77 -36.22
C GLY A 376 -22.46 36.04 -35.41
N ASN A 377 -23.63 36.65 -35.41
CA ASN A 377 -23.86 37.88 -34.65
C ASN A 377 -24.55 37.52 -33.35
N LEU A 378 -23.91 37.82 -32.23
CA LEU A 378 -24.46 37.52 -30.92
C LEU A 378 -24.75 38.84 -30.21
N ASP A 379 -25.69 38.85 -29.26
CA ASP A 379 -25.97 40.08 -28.55
C ASP A 379 -25.00 40.21 -27.37
N SER A 380 -24.77 41.44 -26.93
CA SER A 380 -23.86 41.72 -25.82
C SER A 380 -23.70 40.56 -24.84
N ARG A 381 -24.74 40.36 -24.04
CA ARG A 381 -24.75 39.32 -23.02
C ARG A 381 -24.58 37.88 -23.52
N LEU A 382 -25.17 37.54 -24.67
CA LEU A 382 -24.99 36.19 -25.22
C LEU A 382 -23.53 35.95 -25.59
N ALA A 383 -22.93 36.95 -26.23
CA ALA A 383 -21.54 36.90 -26.60
C ALA A 383 -20.71 36.57 -25.37
N ILE A 384 -20.87 37.39 -24.33
CA ILE A 384 -20.15 37.20 -23.07
C ILE A 384 -20.31 35.77 -22.54
N ALA A 385 -21.55 35.31 -22.51
CA ALA A 385 -21.85 33.97 -22.01
C ALA A 385 -21.06 32.95 -22.80
N VAL A 386 -21.29 32.93 -24.13
CA VAL A 386 -20.63 31.99 -25.03
C VAL A 386 -19.10 32.06 -24.92
N GLY A 387 -18.55 33.28 -24.94
CA GLY A 387 -17.12 33.40 -24.84
C GLY A 387 -16.63 32.83 -23.53
N ILE A 388 -17.27 33.25 -22.45
CA ILE A 388 -16.92 32.78 -21.10
C ILE A 388 -16.94 31.27 -20.95
N ARG A 389 -18.03 30.63 -21.40
CA ARG A 389 -18.14 29.18 -21.26
C ARG A 389 -17.17 28.40 -22.16
N GLU A 390 -16.92 28.89 -23.36
CA GLU A 390 -15.99 28.23 -24.28
C GLU A 390 -14.61 28.21 -23.59
N GLY A 391 -14.25 29.35 -23.01
CA GLY A 391 -12.98 29.46 -22.33
C GLY A 391 -12.86 28.49 -21.17
N GLU A 392 -13.81 28.56 -20.24
CA GLU A 392 -13.81 27.67 -19.08
C GLU A 392 -13.64 26.23 -19.50
N LYS A 393 -14.30 25.85 -20.59
CA LYS A 393 -14.19 24.47 -21.08
C LYS A 393 -12.77 24.22 -21.57
N MET A 394 -12.16 25.24 -22.15
CA MET A 394 -10.79 25.10 -22.63
C MET A 394 -9.81 24.87 -21.48
N VAL A 395 -9.88 25.70 -20.45
CA VAL A 395 -9.00 25.55 -19.29
C VAL A 395 -9.25 24.22 -18.60
N LEU A 396 -10.53 23.83 -18.47
CA LEU A 396 -10.91 22.57 -17.85
C LEU A 396 -10.34 21.42 -18.67
N GLN A 397 -10.45 21.52 -19.99
CA GLN A 397 -9.93 20.49 -20.87
C GLN A 397 -8.40 20.45 -20.80
N GLN A 398 -7.78 21.63 -20.72
CA GLN A 398 -6.32 21.73 -20.63
C GLN A 398 -5.87 21.05 -19.34
N ILE A 399 -6.48 21.46 -18.22
CA ILE A 399 -6.15 20.88 -16.93
C ILE A 399 -6.24 19.37 -16.98
N ASP A 400 -7.34 18.84 -17.52
CA ASP A 400 -7.51 17.39 -17.63
C ASP A 400 -6.40 16.78 -18.49
N GLY A 401 -6.01 17.51 -19.53
CA GLY A 401 -4.95 17.04 -20.42
C GLY A 401 -3.65 16.93 -19.65
N ILE A 402 -3.29 17.97 -18.93
CA ILE A 402 -2.06 17.98 -18.16
C ILE A 402 -1.97 16.76 -17.25
N PHE A 403 -3.00 16.49 -16.47
CA PHE A 403 -2.95 15.36 -15.58
C PHE A 403 -3.03 14.04 -16.31
N GLU A 404 -3.56 14.05 -17.53
CA GLU A 404 -3.62 12.81 -18.31
C GLU A 404 -2.18 12.40 -18.65
N GLN A 405 -1.37 13.37 -19.06
CA GLN A 405 0.03 13.09 -19.36
C GLN A 405 0.65 12.50 -18.10
N LYS A 406 0.55 13.24 -17.00
CA LYS A 406 1.11 12.81 -15.73
C LYS A 406 0.77 11.37 -15.44
N GLU A 407 -0.44 10.95 -15.75
CA GLU A 407 -0.82 9.56 -15.50
C GLU A 407 -0.04 8.59 -16.38
N LEU A 408 0.47 9.07 -17.50
CA LEU A 408 1.26 8.23 -18.39
C LEU A 408 2.68 8.19 -17.88
N GLU A 409 3.18 9.32 -17.41
CA GLU A 409 4.54 9.42 -16.89
C GLU A 409 4.57 9.09 -15.40
N LEU A 410 3.48 8.48 -14.93
CA LEU A 410 3.34 8.12 -13.54
C LEU A 410 4.53 7.36 -12.97
N ASP A 411 5.41 6.85 -13.83
CA ASP A 411 6.57 6.09 -13.36
C ASP A 411 7.90 6.77 -13.61
N GLN A 412 7.90 7.85 -14.38
CA GLN A 412 9.14 8.54 -14.67
C GLN A 412 9.60 9.43 -13.51
N LEU A 413 8.73 9.59 -12.50
CA LEU A 413 9.04 10.40 -11.33
C LEU A 413 9.79 9.58 -10.30
N GLU A 414 10.69 10.19 -9.54
CA GLU A 414 11.35 9.43 -8.50
C GLU A 414 10.77 9.85 -7.17
N TYR A 415 9.92 8.98 -6.62
CA TYR A 415 9.24 9.21 -5.37
C TYR A 415 10.12 9.14 -4.12
N TYR A 416 9.55 9.51 -2.99
CA TYR A 416 10.27 9.53 -1.73
C TYR A 416 11.25 8.37 -1.54
N GLN A 417 10.75 7.14 -1.39
CA GLN A 417 11.65 6.00 -1.18
C GLN A 417 12.85 5.99 -2.13
N GLU A 418 12.63 5.99 -3.43
CA GLU A 418 13.76 5.97 -4.33
C GLU A 418 14.75 7.08 -4.01
N ARG A 419 14.25 8.29 -3.84
CA ARG A 419 15.12 9.42 -3.52
C ARG A 419 15.90 9.10 -2.25
N ARG A 420 15.32 8.23 -1.43
CA ARG A 420 15.95 7.83 -0.18
C ARG A 420 17.14 6.94 -0.50
N LEU A 421 16.88 5.77 -1.09
CA LEU A 421 17.94 4.82 -1.43
C LEU A 421 18.91 5.30 -2.52
N LYS A 422 18.89 6.60 -2.82
CA LYS A 422 19.78 7.14 -3.85
C LYS A 422 21.20 7.23 -3.30
N ASP A 423 21.30 7.45 -1.99
CA ASP A 423 22.60 7.56 -1.33
C ASP A 423 22.94 6.33 -0.47
N LEU A 424 22.79 5.16 -1.06
CA LEU A 424 23.07 3.91 -0.37
C LEU A 424 24.55 3.60 -0.42
N GLY A 425 25.16 3.82 -1.57
CA GLY A 425 26.58 3.55 -1.73
C GLY A 425 26.92 2.11 -1.40
N LEU A 426 26.31 1.18 -2.13
CA LEU A 426 26.59 -0.24 -1.93
C LEU A 426 28.01 -0.49 -2.37
N CYS A 427 28.34 0.04 -3.54
CA CYS A 427 29.65 -0.13 -4.11
C CYS A 427 30.68 0.88 -3.64
N GLY A 428 31.09 0.75 -2.39
CA GLY A 428 32.07 1.66 -1.84
C GLY A 428 33.46 1.04 -1.79
N GLU A 429 33.90 0.65 -0.60
CA GLU A 429 35.20 0.03 -0.44
C GLU A 429 35.01 -1.14 0.50
N ASN A 430 36.05 -1.95 0.67
CA ASN A 430 35.94 -3.09 1.57
C ASN A 430 36.20 -2.59 2.98
N GLY A 431 35.37 -1.64 3.41
CA GLY A 431 35.50 -1.04 4.72
C GLY A 431 35.89 -1.97 5.84
N ASP A 432 35.51 -3.24 5.74
CA ASP A 432 35.85 -4.19 6.78
C ASP A 432 37.37 -4.30 7.03
N ILE A 433 38.17 -4.01 6.00
CA ILE A 433 39.62 -4.08 6.15
C ILE A 433 40.06 -3.09 7.20
N LEU A 434 39.55 -1.86 7.09
CA LEU A 434 39.89 -0.80 8.02
C LEU A 434 39.27 -1.02 9.39
N GLU A 435 37.98 -1.33 9.42
CA GLU A 435 37.32 -1.58 10.68
C GLU A 435 38.04 -2.66 11.46
N ASN A 436 38.65 -3.58 10.73
CA ASN A 436 39.37 -4.68 11.34
C ASN A 436 40.84 -4.31 11.56
N LEU A 437 41.14 -3.02 11.50
CA LEU A 437 42.49 -2.53 11.71
C LEU A 437 42.52 -1.69 12.97
N TYR A 438 41.42 -1.73 13.73
CA TYR A 438 41.34 -0.98 14.99
C TYR A 438 40.10 -1.31 15.82
N SER B 1 -43.90 -59.26 3.06
CA SER B 1 -44.56 -59.12 4.39
C SER B 1 -45.15 -57.73 4.56
N LEU B 2 -45.16 -56.96 3.47
CA LEU B 2 -45.62 -55.57 3.46
C LEU B 2 -47.13 -55.34 3.49
N SER B 3 -47.84 -55.76 2.44
CA SER B 3 -49.28 -55.56 2.42
C SER B 3 -49.90 -55.89 3.78
N PRO B 4 -49.42 -56.93 4.47
CA PRO B 4 -50.04 -57.20 5.78
C PRO B 4 -49.67 -56.19 6.86
N ALA B 5 -48.39 -55.82 6.92
CA ALA B 5 -47.90 -54.85 7.90
C ALA B 5 -48.51 -53.49 7.66
N VAL B 6 -48.73 -53.17 6.39
CA VAL B 6 -49.31 -51.90 6.01
C VAL B 6 -50.79 -51.88 6.37
N GLN B 7 -51.47 -52.98 6.07
CA GLN B 7 -52.90 -53.13 6.35
C GLN B 7 -53.16 -53.10 7.88
N THR B 8 -52.25 -53.69 8.65
CA THR B 8 -52.36 -53.71 10.11
C THR B 8 -52.29 -52.28 10.64
N PHE B 9 -51.51 -51.46 9.95
CA PHE B 9 -51.30 -50.04 10.27
C PHE B 9 -52.57 -49.27 9.97
N TRP B 10 -53.06 -49.43 8.75
CA TRP B 10 -54.26 -48.74 8.31
C TRP B 10 -55.41 -49.07 9.23
N LYS B 11 -55.56 -50.34 9.56
CA LYS B 11 -56.64 -50.73 10.43
C LYS B 11 -56.49 -49.98 11.73
N TRP B 12 -55.29 -50.03 12.30
CA TRP B 12 -55.05 -49.31 13.55
C TRP B 12 -55.55 -47.88 13.43
N LEU B 13 -55.22 -47.23 12.31
CA LEU B 13 -55.65 -45.85 12.11
C LEU B 13 -57.15 -45.72 11.95
N GLN B 14 -57.78 -46.74 11.38
CA GLN B 14 -59.22 -46.71 11.22
C GLN B 14 -59.82 -46.78 12.64
N GLU B 15 -59.23 -47.63 13.48
CA GLU B 15 -59.69 -47.77 14.86
C GLU B 15 -59.47 -46.48 15.66
N GLU B 16 -58.24 -45.96 15.64
CA GLU B 16 -57.93 -44.71 16.34
C GLU B 16 -58.77 -43.57 15.80
N GLY B 17 -59.52 -43.86 14.73
CA GLY B 17 -60.40 -42.86 14.14
C GLY B 17 -59.79 -41.88 13.15
N VAL B 18 -58.51 -42.01 12.86
CA VAL B 18 -57.85 -41.09 11.94
C VAL B 18 -58.32 -41.36 10.50
N ILE B 19 -58.55 -42.63 10.20
CA ILE B 19 -59.01 -43.05 8.87
C ILE B 19 -60.53 -43.30 8.88
N THR B 20 -61.24 -42.47 8.14
CA THR B 20 -62.70 -42.56 8.01
C THR B 20 -62.99 -42.85 6.54
N ALA B 21 -64.21 -43.29 6.24
CA ALA B 21 -64.58 -43.58 4.87
C ALA B 21 -64.39 -42.35 3.99
N LYS B 22 -64.25 -41.19 4.61
CA LYS B 22 -64.05 -39.94 3.91
C LYS B 22 -62.61 -39.67 3.46
N THR B 23 -61.65 -40.42 4.02
CA THR B 23 -60.23 -40.26 3.68
C THR B 23 -59.99 -40.51 2.19
N PRO B 24 -59.56 -39.46 1.46
CA PRO B 24 -59.27 -39.38 0.03
C PRO B 24 -58.00 -40.03 -0.47
N VAL B 25 -57.24 -40.63 0.44
CA VAL B 25 -55.96 -41.20 0.08
C VAL B 25 -55.70 -42.57 0.73
N LYS B 26 -54.91 -43.42 0.07
CA LYS B 26 -54.55 -44.75 0.60
C LYS B 26 -53.03 -44.98 0.55
N ALA B 27 -52.56 -45.96 1.32
CA ALA B 27 -51.14 -46.32 1.35
C ALA B 27 -50.86 -47.28 0.21
N SER B 28 -49.91 -46.94 -0.65
CA SER B 28 -49.58 -47.79 -1.77
C SER B 28 -48.08 -47.97 -1.87
N VAL B 29 -47.62 -49.04 -2.50
CA VAL B 29 -46.19 -49.23 -2.63
C VAL B 29 -45.76 -48.52 -3.91
N VAL B 30 -44.86 -47.59 -3.74
CA VAL B 30 -44.40 -46.75 -4.83
C VAL B 30 -42.90 -46.87 -5.05
N THR B 31 -42.43 -46.30 -6.16
CA THR B 31 -41.03 -46.28 -6.52
C THR B 31 -40.20 -45.78 -5.35
N GLU B 32 -40.72 -44.79 -4.62
CA GLU B 32 -39.99 -44.24 -3.49
C GLU B 32 -40.33 -44.87 -2.13
N GLY B 33 -40.68 -46.15 -2.14
CA GLY B 33 -41.01 -46.85 -0.91
C GLY B 33 -42.51 -46.92 -0.76
N LEU B 34 -43.05 -46.34 0.32
CA LEU B 34 -44.49 -46.29 0.52
C LEU B 34 -44.90 -44.85 0.27
N GLY B 35 -46.06 -44.67 -0.35
CA GLY B 35 -46.54 -43.33 -0.65
C GLY B 35 -48.03 -43.30 -0.46
N LEU B 36 -48.63 -42.13 -0.64
CA LEU B 36 -50.06 -42.00 -0.49
C LEU B 36 -50.63 -41.86 -1.90
N VAL B 37 -51.63 -42.67 -2.23
CA VAL B 37 -52.23 -42.61 -3.55
C VAL B 37 -53.66 -42.11 -3.52
N ALA B 38 -54.00 -41.20 -4.43
CA ALA B 38 -55.34 -40.64 -4.47
C ALA B 38 -56.42 -41.70 -4.70
N LEU B 39 -57.47 -41.67 -3.88
CA LEU B 39 -58.57 -42.63 -4.00
C LEU B 39 -59.69 -41.99 -4.81
N LYS B 40 -59.47 -40.75 -5.25
CA LYS B 40 -60.44 -40.00 -6.04
C LYS B 40 -59.82 -38.64 -6.34
N ASP B 41 -60.20 -38.04 -7.46
CA ASP B 41 -59.65 -36.74 -7.82
C ASP B 41 -59.57 -35.83 -6.60
N ILE B 42 -58.37 -35.32 -6.32
CA ILE B 42 -58.12 -34.44 -5.20
C ILE B 42 -57.73 -33.06 -5.73
N SER B 43 -58.45 -32.02 -5.29
CA SER B 43 -58.20 -30.65 -5.75
C SER B 43 -57.07 -30.01 -4.97
N ARG B 44 -56.43 -28.98 -5.54
CA ARG B 44 -55.36 -28.31 -4.81
C ARG B 44 -55.93 -27.88 -3.46
N ASN B 45 -55.08 -27.81 -2.45
CA ASN B 45 -55.53 -27.40 -1.13
C ASN B 45 -56.50 -28.29 -0.36
N ASP B 46 -56.91 -29.42 -0.92
CA ASP B 46 -57.82 -30.31 -0.20
C ASP B 46 -57.10 -30.87 1.01
N VAL B 47 -57.85 -31.29 2.02
CA VAL B 47 -57.21 -31.87 3.18
C VAL B 47 -57.19 -33.37 2.94
N ILE B 48 -55.98 -33.91 2.85
CA ILE B 48 -55.74 -35.32 2.60
C ILE B 48 -55.93 -36.10 3.89
N LEU B 49 -55.41 -35.55 4.98
CA LEU B 49 -55.50 -36.24 6.25
C LEU B 49 -55.21 -35.35 7.45
N GLN B 50 -55.71 -35.75 8.61
CA GLN B 50 -55.50 -35.01 9.83
C GLN B 50 -55.25 -36.02 10.92
N VAL B 51 -54.19 -35.82 11.69
CA VAL B 51 -53.83 -36.74 12.77
C VAL B 51 -53.93 -36.00 14.12
N PRO B 52 -54.38 -36.68 15.17
CA PRO B 52 -54.50 -36.06 16.50
C PRO B 52 -53.15 -35.96 17.20
N LYS B 53 -52.93 -34.89 17.97
CA LYS B 53 -51.67 -34.70 18.69
C LYS B 53 -51.38 -35.88 19.63
N ARG B 54 -52.46 -36.52 20.06
CA ARG B 54 -52.41 -37.69 20.93
C ARG B 54 -51.43 -38.69 20.33
N LEU B 55 -51.22 -38.54 19.02
CA LEU B 55 -50.35 -39.44 18.27
C LEU B 55 -49.05 -38.85 17.75
N TRP B 56 -48.64 -37.68 18.22
CA TRP B 56 -47.36 -37.16 17.75
C TRP B 56 -46.27 -37.93 18.45
N ILE B 57 -45.08 -37.42 18.26
CA ILE B 57 -43.88 -37.91 18.89
C ILE B 57 -43.06 -36.67 18.62
N ASN B 58 -42.95 -35.85 19.66
CA ASN B 58 -42.21 -34.61 19.64
C ASN B 58 -41.68 -34.47 21.06
N PRO B 59 -40.82 -33.47 21.32
CA PRO B 59 -40.29 -33.30 22.68
C PRO B 59 -41.33 -33.39 23.81
N ASP B 60 -42.50 -32.77 23.63
CA ASP B 60 -43.55 -32.81 24.66
C ASP B 60 -43.99 -34.24 24.97
N ALA B 61 -44.07 -35.07 23.94
CA ALA B 61 -44.49 -36.45 24.12
C ALA B 61 -43.58 -37.24 25.05
N VAL B 62 -42.28 -36.98 24.98
CA VAL B 62 -41.36 -37.70 25.84
C VAL B 62 -41.50 -37.14 27.25
N ALA B 63 -41.71 -35.84 27.35
CA ALA B 63 -41.88 -35.17 28.64
C ALA B 63 -42.95 -35.84 29.50
N ALA B 64 -44.05 -36.25 28.87
CA ALA B 64 -45.15 -36.89 29.59
C ALA B 64 -45.06 -38.42 29.62
N SER B 65 -43.84 -38.96 29.55
CA SER B 65 -43.62 -40.40 29.59
C SER B 65 -42.69 -40.78 30.74
N GLU B 66 -42.61 -42.07 31.04
CA GLU B 66 -41.76 -42.55 32.12
C GLU B 66 -40.34 -42.01 32.09
N ILE B 67 -39.80 -41.76 30.90
CA ILE B 67 -38.44 -41.24 30.79
C ILE B 67 -38.44 -39.73 30.66
N GLY B 68 -39.59 -39.12 30.90
CA GLY B 68 -39.70 -37.67 30.80
C GLY B 68 -38.80 -36.90 31.73
N ARG B 69 -38.49 -37.51 32.88
CA ARG B 69 -37.63 -36.86 33.87
C ARG B 69 -36.14 -37.01 33.57
N VAL B 70 -35.70 -38.23 33.30
CA VAL B 70 -34.31 -38.49 33.00
C VAL B 70 -33.80 -37.71 31.79
N CYS B 71 -34.73 -37.22 30.97
CA CYS B 71 -34.38 -36.45 29.77
C CYS B 71 -34.69 -34.97 29.98
N SER B 72 -35.16 -34.63 31.17
CA SER B 72 -35.52 -33.26 31.51
C SER B 72 -34.48 -32.20 31.13
N GLU B 73 -33.22 -32.61 31.01
CA GLU B 73 -32.17 -31.65 30.69
C GLU B 73 -31.47 -31.92 29.37
N LEU B 74 -31.97 -32.93 28.65
CA LEU B 74 -31.37 -33.29 27.36
C LEU B 74 -31.86 -32.39 26.25
N LYS B 75 -31.05 -32.27 25.20
CA LYS B 75 -31.45 -31.48 24.05
C LYS B 75 -32.69 -32.14 23.48
N PRO B 76 -33.61 -31.35 22.92
CA PRO B 76 -34.84 -31.93 22.37
C PRO B 76 -34.65 -33.15 21.47
N TRP B 77 -33.71 -33.09 20.52
CA TRP B 77 -33.50 -34.19 19.60
C TRP B 77 -32.89 -35.46 20.17
N LEU B 78 -32.17 -35.34 21.27
CA LEU B 78 -31.57 -36.51 21.89
C LEU B 78 -32.65 -37.24 22.69
N SER B 79 -33.62 -36.49 23.19
CA SER B 79 -34.73 -37.04 23.94
C SER B 79 -35.59 -37.91 23.04
N VAL B 80 -35.95 -37.35 21.88
CA VAL B 80 -36.77 -38.06 20.91
C VAL B 80 -36.06 -39.33 20.45
N ILE B 81 -34.75 -39.24 20.21
CA ILE B 81 -34.00 -40.42 19.78
C ILE B 81 -34.18 -41.57 20.76
N LEU B 82 -34.03 -41.27 22.06
CA LEU B 82 -34.19 -42.29 23.10
C LEU B 82 -35.64 -42.77 23.14
N PHE B 83 -36.56 -41.82 23.01
CA PHE B 83 -37.97 -42.14 23.03
C PHE B 83 -38.34 -43.13 21.93
N LEU B 84 -37.88 -42.82 20.72
CA LEU B 84 -38.13 -43.68 19.55
C LEU B 84 -37.54 -45.08 19.72
N ILE B 85 -36.33 -45.16 20.27
CA ILE B 85 -35.70 -46.46 20.49
C ILE B 85 -36.46 -47.22 21.57
N ARG B 86 -36.90 -46.49 22.59
CA ARG B 86 -37.61 -47.14 23.67
C ARG B 86 -38.95 -47.71 23.24
N GLU B 87 -39.80 -46.89 22.65
CA GLU B 87 -41.11 -47.35 22.20
C GLU B 87 -41.05 -48.46 21.15
N ARG B 88 -40.02 -48.41 20.31
CA ARG B 88 -39.85 -49.41 19.26
C ARG B 88 -39.71 -50.82 19.83
N SER B 89 -39.21 -50.92 21.06
CA SER B 89 -39.01 -52.18 21.74
C SER B 89 -40.25 -52.66 22.47
N ARG B 90 -40.85 -51.78 23.27
CA ARG B 90 -42.06 -52.10 24.02
C ARG B 90 -43.15 -52.60 23.09
N GLU B 91 -43.49 -53.89 23.20
CA GLU B 91 -44.52 -54.48 22.34
C GLU B 91 -45.93 -54.20 22.82
N ASP B 92 -46.16 -52.94 23.20
CA ASP B 92 -47.45 -52.50 23.68
C ASP B 92 -47.42 -50.98 23.59
N SER B 93 -46.63 -50.48 22.66
CA SER B 93 -46.51 -49.05 22.45
C SER B 93 -47.64 -48.61 21.53
N VAL B 94 -47.98 -47.33 21.59
CA VAL B 94 -49.04 -46.80 20.77
C VAL B 94 -48.69 -46.88 19.29
N TRP B 95 -47.42 -46.68 19.00
CA TRP B 95 -46.91 -46.72 17.62
C TRP B 95 -46.37 -48.08 17.26
N LYS B 96 -47.02 -49.13 17.76
CA LYS B 96 -46.57 -50.49 17.47
C LYS B 96 -46.64 -50.68 15.97
N HIS B 97 -47.83 -50.47 15.42
CA HIS B 97 -48.07 -50.64 14.00
C HIS B 97 -47.39 -49.58 13.15
N TYR B 98 -47.11 -48.43 13.75
CA TYR B 98 -46.44 -47.37 13.04
C TYR B 98 -44.99 -47.79 12.76
N PHE B 99 -44.33 -48.33 13.78
CA PHE B 99 -42.95 -48.78 13.65
C PHE B 99 -42.78 -49.89 12.62
N GLY B 100 -43.76 -50.77 12.52
CA GLY B 100 -43.68 -51.87 11.57
C GLY B 100 -43.80 -51.42 10.12
N ILE B 101 -43.81 -50.11 9.93
CA ILE B 101 -43.91 -49.51 8.61
C ILE B 101 -42.65 -48.71 8.34
N LEU B 102 -41.93 -48.38 9.41
CA LEU B 102 -40.72 -47.62 9.28
C LEU B 102 -39.59 -48.39 8.61
N PRO B 103 -38.92 -47.78 7.63
CA PRO B 103 -37.83 -48.51 6.99
C PRO B 103 -36.74 -48.61 8.01
N GLN B 104 -35.82 -49.56 7.84
CA GLN B 104 -34.72 -49.73 8.78
C GLN B 104 -33.53 -48.87 8.39
N GLU B 105 -33.57 -48.30 7.20
CA GLU B 105 -32.45 -47.54 6.71
C GLU B 105 -32.94 -46.70 5.53
N THR B 106 -32.35 -45.53 5.31
CA THR B 106 -32.72 -44.67 4.19
C THR B 106 -31.47 -44.52 3.33
N ASP B 107 -31.62 -43.97 2.13
CA ASP B 107 -30.45 -43.82 1.28
C ASP B 107 -29.58 -42.63 1.70
N SER B 108 -29.81 -42.09 2.89
CA SER B 108 -29.02 -40.98 3.39
C SER B 108 -27.57 -41.43 3.59
N THR B 109 -26.61 -40.54 3.34
CA THR B 109 -25.21 -40.92 3.48
C THR B 109 -24.82 -41.45 4.87
N ILE B 110 -25.59 -41.13 5.90
CA ILE B 110 -25.23 -41.64 7.22
C ILE B 110 -25.32 -43.16 7.31
N TYR B 111 -25.76 -43.83 6.23
CA TYR B 111 -25.87 -45.29 6.24
C TYR B 111 -25.00 -45.95 5.19
N TRP B 112 -24.42 -45.13 4.32
CA TRP B 112 -23.55 -45.62 3.25
C TRP B 112 -22.37 -46.44 3.77
N SER B 113 -22.01 -47.48 3.02
CA SER B 113 -20.87 -48.33 3.38
C SER B 113 -19.60 -47.58 3.02
N GLU B 114 -18.46 -48.19 3.32
CA GLU B 114 -17.17 -47.58 3.03
C GLU B 114 -16.90 -47.51 1.54
N GLU B 115 -17.32 -48.53 0.80
CA GLU B 115 -17.10 -48.55 -0.64
C GLU B 115 -17.92 -47.43 -1.25
N GLU B 116 -19.17 -47.30 -0.78
CA GLU B 116 -20.09 -46.29 -1.28
C GLU B 116 -19.62 -44.86 -1.04
N LEU B 117 -19.10 -44.59 0.15
CA LEU B 117 -18.60 -43.26 0.52
C LEU B 117 -17.44 -42.82 -0.37
N GLN B 118 -16.65 -43.78 -0.82
CA GLN B 118 -15.49 -43.52 -1.66
C GLN B 118 -15.87 -42.87 -2.97
N GLU B 119 -17.15 -42.98 -3.33
CA GLU B 119 -17.64 -42.42 -4.58
C GLU B 119 -17.82 -40.92 -4.43
N LEU B 120 -17.74 -40.47 -3.19
CA LEU B 120 -17.87 -39.06 -2.84
C LEU B 120 -16.54 -38.56 -2.31
N GLN B 121 -15.46 -39.16 -2.81
CA GLN B 121 -14.10 -38.84 -2.40
C GLN B 121 -13.67 -37.42 -2.83
N GLY B 122 -13.33 -36.59 -1.84
CA GLY B 122 -12.92 -35.22 -2.11
C GLY B 122 -14.02 -34.18 -1.97
N SER B 123 -15.26 -34.69 -1.92
CA SER B 123 -16.47 -33.89 -1.80
C SER B 123 -16.64 -33.26 -0.43
N GLN B 124 -17.46 -32.23 -0.37
CA GLN B 124 -17.74 -31.56 0.88
C GLN B 124 -18.73 -32.42 1.68
N LEU B 125 -19.70 -33.00 0.97
CA LEU B 125 -20.71 -33.86 1.58
C LEU B 125 -20.05 -34.95 2.40
N LEU B 126 -18.98 -35.53 1.85
CA LEU B 126 -18.29 -36.59 2.56
C LEU B 126 -17.74 -36.04 3.88
N LYS B 127 -17.13 -34.86 3.82
CA LYS B 127 -16.57 -34.24 5.02
C LYS B 127 -17.71 -33.99 6.02
N THR B 128 -18.81 -33.44 5.54
CA THR B 128 -19.96 -33.18 6.40
C THR B 128 -20.58 -34.48 6.95
N THR B 129 -20.87 -35.43 6.08
CA THR B 129 -21.49 -36.66 6.54
C THR B 129 -20.64 -37.38 7.58
N VAL B 130 -19.32 -37.31 7.43
CA VAL B 130 -18.41 -37.95 8.38
C VAL B 130 -18.39 -37.16 9.67
N SER B 131 -18.38 -35.84 9.54
CA SER B 131 -18.36 -34.96 10.69
C SER B 131 -19.64 -35.17 11.49
N VAL B 132 -20.77 -35.18 10.79
CA VAL B 132 -22.07 -35.38 11.42
C VAL B 132 -22.20 -36.77 12.06
N LYS B 133 -21.72 -37.79 11.36
CA LYS B 133 -21.82 -39.15 11.87
C LYS B 133 -21.13 -39.32 13.21
N GLU B 134 -19.96 -38.70 13.32
CA GLU B 134 -19.17 -38.78 14.54
C GLU B 134 -19.82 -38.04 15.71
N TYR B 135 -20.21 -36.80 15.49
CA TYR B 135 -20.84 -36.04 16.55
C TYR B 135 -22.00 -36.82 17.17
N VAL B 136 -22.91 -37.31 16.33
CA VAL B 136 -24.06 -38.07 16.83
C VAL B 136 -23.60 -39.28 17.62
N LYS B 137 -22.52 -39.91 17.16
CA LYS B 137 -21.95 -41.08 17.83
C LYS B 137 -21.50 -40.74 19.25
N ASN B 138 -20.74 -39.65 19.41
CA ASN B 138 -20.27 -39.25 20.71
C ASN B 138 -21.42 -38.90 21.65
N GLU B 139 -22.25 -37.94 21.24
CA GLU B 139 -23.41 -37.52 22.04
C GLU B 139 -24.27 -38.69 22.48
N CYS B 140 -24.43 -39.67 21.61
CA CYS B 140 -25.24 -40.85 21.92
C CYS B 140 -24.54 -41.80 22.88
N LEU B 141 -23.21 -41.86 22.81
CA LEU B 141 -22.45 -42.72 23.70
C LEU B 141 -22.58 -42.15 25.11
N LYS B 142 -22.68 -40.83 25.20
CA LYS B 142 -22.84 -40.14 26.48
C LYS B 142 -24.23 -40.41 27.03
N LEU B 143 -25.18 -40.63 26.13
CA LEU B 143 -26.55 -40.92 26.55
C LEU B 143 -26.58 -42.25 27.26
N GLU B 144 -25.80 -43.20 26.73
CA GLU B 144 -25.73 -44.55 27.29
C GLU B 144 -25.07 -44.59 28.67
N GLN B 145 -24.11 -43.69 28.89
CA GLN B 145 -23.40 -43.61 30.17
C GLN B 145 -24.16 -42.86 31.25
N GLU B 146 -25.00 -41.90 30.85
CA GLU B 146 -25.73 -41.11 31.82
C GLU B 146 -27.23 -41.29 31.86
N ILE B 147 -27.79 -42.14 30.99
CA ILE B 147 -29.23 -42.37 30.99
C ILE B 147 -29.62 -43.84 30.76
N ILE B 148 -29.24 -44.37 29.59
CA ILE B 148 -29.58 -45.76 29.24
C ILE B 148 -29.08 -46.82 30.22
N LEU B 149 -27.82 -46.71 30.64
CA LEU B 149 -27.26 -47.69 31.57
C LEU B 149 -27.71 -47.43 33.00
N PRO B 150 -27.54 -46.20 33.50
CA PRO B 150 -27.96 -45.88 34.88
C PRO B 150 -29.37 -46.33 35.19
N ASN B 151 -30.31 -46.05 34.27
CA ASN B 151 -31.71 -46.40 34.46
C ASN B 151 -32.10 -47.70 33.75
N LYS B 152 -31.44 -48.80 34.11
CA LYS B 152 -31.74 -50.08 33.49
C LYS B 152 -33.20 -50.50 33.61
N ARG B 153 -33.97 -49.79 34.42
CA ARG B 153 -35.38 -50.15 34.59
C ARG B 153 -36.19 -49.68 33.40
N LEU B 154 -35.95 -48.44 32.96
CA LEU B 154 -36.67 -47.89 31.82
C LEU B 154 -36.05 -48.37 30.51
N PHE B 155 -34.72 -48.57 30.51
CA PHE B 155 -34.02 -49.02 29.32
C PHE B 155 -33.43 -50.42 29.53
N PRO B 156 -34.28 -51.47 29.44
CA PRO B 156 -33.86 -52.87 29.60
C PRO B 156 -32.82 -53.30 28.56
N ASP B 157 -33.32 -53.60 27.37
CA ASP B 157 -32.52 -54.04 26.23
C ASP B 157 -31.29 -53.16 25.97
N PRO B 158 -30.22 -53.76 25.43
CA PRO B 158 -29.01 -53.00 25.13
C PRO B 158 -29.23 -52.11 23.90
N VAL B 159 -28.72 -50.88 23.95
CA VAL B 159 -28.88 -49.93 22.85
C VAL B 159 -27.59 -49.84 22.02
N THR B 160 -27.60 -50.41 20.83
CA THR B 160 -26.43 -50.40 19.94
C THR B 160 -26.37 -49.11 19.14
N LEU B 161 -25.25 -48.86 18.47
CA LEU B 161 -25.09 -47.66 17.67
C LEU B 161 -26.10 -47.64 16.54
N ASP B 162 -26.39 -48.81 15.99
CA ASP B 162 -27.34 -48.94 14.89
C ASP B 162 -28.73 -48.41 15.26
N ASP B 163 -29.13 -48.60 16.51
CA ASP B 163 -30.42 -48.10 16.98
C ASP B 163 -30.38 -46.58 16.99
N PHE B 164 -29.25 -46.04 17.46
CA PHE B 164 -29.08 -44.61 17.53
C PHE B 164 -29.19 -44.02 16.14
N PHE B 165 -28.35 -44.45 15.20
CA PHE B 165 -28.43 -43.92 13.85
C PHE B 165 -29.75 -44.19 13.17
N TRP B 166 -30.47 -45.23 13.60
CA TRP B 166 -31.78 -45.51 13.02
C TRP B 166 -32.72 -44.42 13.51
N ALA B 167 -32.67 -44.13 14.82
CA ALA B 167 -33.51 -43.09 15.40
C ALA B 167 -33.11 -41.71 14.90
N PHE B 168 -31.81 -41.46 14.82
CA PHE B 168 -31.35 -40.18 14.31
C PHE B 168 -31.80 -40.02 12.85
N GLY B 169 -31.87 -41.12 12.12
CA GLY B 169 -32.26 -41.06 10.72
C GLY B 169 -33.76 -40.91 10.53
N ILE B 170 -34.53 -41.69 11.29
CA ILE B 170 -35.98 -41.62 11.21
C ILE B 170 -36.36 -40.18 11.57
N LEU B 171 -35.72 -39.66 12.61
CA LEU B 171 -35.99 -38.32 13.07
C LEU B 171 -35.66 -37.25 12.03
N ARG B 172 -34.52 -37.39 11.36
CA ARG B 172 -34.13 -36.37 10.40
C ARG B 172 -34.76 -36.47 9.00
N SER B 173 -35.33 -37.61 8.67
CA SER B 173 -35.93 -37.73 7.34
C SER B 173 -37.45 -37.71 7.38
N ARG B 174 -38.04 -37.84 8.57
CA ARG B 174 -39.49 -37.87 8.72
C ARG B 174 -40.12 -36.73 9.51
N ALA B 175 -39.39 -36.12 10.43
CA ALA B 175 -39.96 -35.05 11.23
C ALA B 175 -40.41 -33.82 10.44
N PHE B 176 -41.55 -33.30 10.84
CA PHE B 176 -42.13 -32.10 10.24
C PHE B 176 -41.73 -30.90 11.11
N SER B 177 -41.09 -29.89 10.51
CA SER B 177 -40.69 -28.71 11.25
C SER B 177 -41.80 -27.65 11.19
N ARG B 178 -41.64 -26.73 10.24
CA ARG B 178 -42.57 -25.62 10.00
C ARG B 178 -43.91 -25.72 10.73
N LEU B 179 -43.96 -25.21 11.96
CA LEU B 179 -45.19 -25.23 12.74
C LEU B 179 -45.33 -24.04 13.67
N ARG B 180 -46.04 -24.26 14.76
CA ARG B 180 -46.31 -23.26 15.79
C ARG B 180 -45.82 -23.87 17.10
N ASN B 181 -44.71 -23.37 17.64
CA ASN B 181 -44.14 -23.88 18.90
C ASN B 181 -43.35 -25.16 18.68
N GLU B 182 -43.53 -25.78 17.53
CA GLU B 182 -42.85 -27.03 17.22
C GLU B 182 -41.92 -26.88 16.02
N ASN B 183 -40.99 -27.83 15.88
CA ASN B 183 -40.03 -27.82 14.77
C ASN B 183 -39.43 -29.23 14.68
N LEU B 184 -39.99 -30.15 15.44
CA LEU B 184 -39.53 -31.52 15.48
C LEU B 184 -40.73 -32.39 15.84
N VAL B 185 -41.54 -32.73 14.85
CA VAL B 185 -42.72 -33.55 15.12
C VAL B 185 -42.84 -34.75 14.17
N VAL B 186 -42.98 -35.95 14.74
CA VAL B 186 -43.11 -37.14 13.91
C VAL B 186 -44.59 -37.50 13.89
N VAL B 187 -45.20 -37.37 12.73
CA VAL B 187 -46.63 -37.62 12.58
C VAL B 187 -46.98 -38.91 11.81
N PRO B 188 -47.33 -39.97 12.55
CA PRO B 188 -47.71 -41.30 12.08
C PRO B 188 -48.27 -41.56 10.67
N MET B 189 -49.25 -40.79 10.20
CA MET B 189 -49.69 -41.13 8.83
C MET B 189 -49.24 -40.10 7.82
N ALA B 190 -49.07 -38.88 8.28
CA ALA B 190 -48.64 -37.82 7.39
C ALA B 190 -47.26 -38.09 6.79
N ASP B 191 -46.36 -38.68 7.56
CA ASP B 191 -44.99 -38.94 7.08
C ASP B 191 -44.79 -39.86 5.88
N LEU B 192 -45.87 -40.47 5.36
CA LEU B 192 -45.75 -41.35 4.20
C LEU B 192 -45.70 -40.49 2.93
N ILE B 193 -46.21 -39.28 3.01
CA ILE B 193 -46.24 -38.36 1.88
C ILE B 193 -44.82 -38.23 1.32
N ASN B 194 -44.69 -38.22 -0.01
CA ASN B 194 -43.37 -38.12 -0.62
C ASN B 194 -43.08 -36.74 -1.21
N HIS B 195 -41.81 -36.52 -1.60
CA HIS B 195 -41.32 -35.26 -2.18
C HIS B 195 -41.32 -35.29 -3.69
N SER B 196 -41.71 -34.16 -4.29
CA SER B 196 -41.71 -34.07 -5.75
C SER B 196 -41.15 -32.70 -6.11
N ALA B 197 -40.23 -32.64 -7.07
CA ALA B 197 -39.67 -31.34 -7.43
C ALA B 197 -40.79 -30.59 -8.11
N GLY B 198 -41.90 -31.30 -8.33
CA GLY B 198 -43.06 -30.71 -8.97
C GLY B 198 -43.82 -29.72 -8.09
N VAL B 199 -43.82 -29.93 -6.77
CA VAL B 199 -44.51 -29.02 -5.88
C VAL B 199 -43.57 -27.86 -5.64
N THR B 200 -44.08 -26.64 -5.72
CA THR B 200 -43.25 -25.45 -5.56
C THR B 200 -43.72 -24.46 -4.48
N THR B 201 -44.50 -24.98 -3.55
CA THR B 201 -45.01 -24.18 -2.43
C THR B 201 -44.86 -25.04 -1.16
N GLU B 202 -44.39 -24.43 -0.07
CA GLU B 202 -44.20 -25.18 1.17
C GLU B 202 -45.40 -25.09 2.14
N ASP B 203 -46.56 -24.69 1.64
CA ASP B 203 -47.77 -24.63 2.47
C ASP B 203 -48.59 -25.91 2.27
N HIS B 204 -48.61 -26.76 3.28
CA HIS B 204 -49.36 -28.01 3.16
C HIS B 204 -49.76 -28.58 4.50
N ALA B 205 -49.38 -27.89 5.57
CA ALA B 205 -49.69 -28.35 6.89
C ALA B 205 -50.12 -27.20 7.78
N TYR B 206 -51.24 -27.37 8.47
CA TYR B 206 -51.76 -26.35 9.40
C TYR B 206 -52.31 -27.11 10.61
N GLU B 207 -52.72 -26.38 11.64
CA GLU B 207 -53.25 -27.03 12.84
C GLU B 207 -54.66 -26.58 13.25
N VAL B 208 -55.27 -27.40 14.08
CA VAL B 208 -56.59 -27.15 14.60
C VAL B 208 -56.46 -27.33 16.11
N LYS B 209 -55.90 -26.30 16.76
CA LYS B 209 -55.66 -26.29 18.20
C LYS B 209 -56.84 -25.91 19.07
N GLY B 210 -56.55 -25.19 20.16
CA GLY B 210 -57.58 -24.76 21.09
C GLY B 210 -58.32 -23.49 20.74
N ALA B 211 -58.00 -22.92 19.57
CA ALA B 211 -58.67 -21.71 19.10
C ALA B 211 -60.14 -22.09 18.89
N ALA B 212 -60.37 -23.38 18.69
CA ALA B 212 -61.71 -23.92 18.51
C ALA B 212 -62.30 -24.11 19.89
N GLY B 213 -62.18 -25.32 20.40
CA GLY B 213 -62.70 -25.65 21.72
C GLY B 213 -62.34 -27.10 21.97
N LEU B 214 -61.22 -27.50 21.38
CA LEU B 214 -60.68 -28.86 21.46
C LEU B 214 -59.67 -29.05 22.57
N PHE B 215 -59.62 -30.25 23.12
CA PHE B 215 -58.65 -30.57 24.16
C PHE B 215 -57.33 -30.77 23.44
N SER B 216 -56.23 -30.37 24.06
CA SER B 216 -54.91 -30.49 23.45
C SER B 216 -54.65 -31.81 22.72
N TRP B 217 -55.00 -32.92 23.36
CA TRP B 217 -54.78 -34.22 22.76
C TRP B 217 -55.55 -34.50 21.48
N ASP B 218 -56.54 -33.67 21.15
CA ASP B 218 -57.32 -33.88 19.94
C ASP B 218 -56.99 -32.84 18.88
N TYR B 219 -55.92 -32.08 19.12
CA TYR B 219 -55.46 -31.05 18.19
C TYR B 219 -55.07 -31.77 16.91
N LEU B 220 -55.36 -31.17 15.77
CA LEU B 220 -55.04 -31.88 14.54
C LEU B 220 -53.92 -31.35 13.68
N PHE B 221 -53.04 -32.26 13.24
CA PHE B 221 -51.98 -31.92 12.30
C PHE B 221 -52.71 -32.18 10.99
N SER B 222 -52.99 -31.10 10.26
CA SER B 222 -53.72 -31.21 9.01
C SER B 222 -52.79 -31.04 7.84
N LEU B 223 -52.79 -32.03 6.96
CA LEU B 223 -51.95 -32.05 5.78
C LEU B 223 -52.81 -31.91 4.54
N LYS B 224 -52.50 -30.96 3.67
CA LYS B 224 -53.28 -30.76 2.45
C LYS B 224 -52.43 -30.96 1.20
N SER B 225 -53.10 -31.15 0.07
CA SER B 225 -52.41 -31.39 -1.19
C SER B 225 -52.13 -30.08 -1.91
N PRO B 226 -50.86 -29.68 -2.04
CA PRO B 226 -50.60 -28.43 -2.74
C PRO B 226 -50.87 -28.52 -4.23
N LEU B 227 -51.16 -29.72 -4.71
CA LEU B 227 -51.43 -29.92 -6.13
C LEU B 227 -52.68 -30.74 -6.42
N SER B 228 -53.18 -30.62 -7.64
CA SER B 228 -54.35 -31.38 -8.05
C SER B 228 -53.84 -32.75 -8.48
N VAL B 229 -54.42 -33.79 -7.89
CA VAL B 229 -54.05 -35.18 -8.15
C VAL B 229 -55.20 -35.96 -8.72
N LYS B 230 -55.01 -36.62 -9.86
CA LYS B 230 -56.11 -37.42 -10.41
C LYS B 230 -56.20 -38.71 -9.58
N ALA B 231 -57.37 -39.34 -9.56
CA ALA B 231 -57.54 -40.57 -8.80
C ALA B 231 -56.58 -41.63 -9.30
N GLY B 232 -55.94 -42.34 -8.37
CA GLY B 232 -55.00 -43.37 -8.76
C GLY B 232 -53.56 -42.89 -8.78
N GLU B 233 -53.37 -41.58 -8.80
CA GLU B 233 -52.03 -41.01 -8.81
C GLU B 233 -51.56 -40.73 -7.41
N GLN B 234 -50.28 -40.45 -7.29
CA GLN B 234 -49.70 -40.18 -5.98
C GLN B 234 -49.67 -38.71 -5.59
N VAL B 235 -50.01 -38.45 -4.33
CA VAL B 235 -50.02 -37.11 -3.77
C VAL B 235 -48.62 -36.79 -3.25
N TYR B 236 -48.02 -35.72 -3.76
CA TYR B 236 -46.69 -35.30 -3.33
C TYR B 236 -46.74 -33.96 -2.59
N ILE B 237 -45.60 -33.55 -2.02
CA ILE B 237 -45.45 -32.25 -1.37
C ILE B 237 -44.01 -31.89 -1.63
N GLN B 238 -43.59 -30.67 -1.28
CA GLN B 238 -42.21 -30.24 -1.46
C GLN B 238 -41.61 -30.28 -0.06
N TYR B 239 -40.38 -30.76 0.05
CA TYR B 239 -39.75 -30.87 1.36
C TYR B 239 -38.99 -29.64 1.85
N ASP B 240 -38.43 -28.86 0.93
CA ASP B 240 -37.68 -27.66 1.32
C ASP B 240 -36.99 -27.07 0.11
N LEU B 241 -37.58 -26.01 -0.44
CA LEU B 241 -37.03 -25.35 -1.63
C LEU B 241 -35.66 -24.73 -1.39
N ASN B 242 -35.27 -24.64 -0.13
CA ASN B 242 -33.99 -24.04 0.20
C ASN B 242 -32.82 -25.00 0.32
N LYS B 243 -33.05 -26.20 0.84
CA LYS B 243 -31.99 -27.17 1.00
C LYS B 243 -31.21 -27.30 -0.28
N SER B 244 -29.95 -27.71 -0.16
CA SER B 244 -29.07 -27.94 -1.31
C SER B 244 -29.15 -29.45 -1.49
N ASN B 245 -28.64 -29.98 -2.61
CA ASN B 245 -28.71 -31.41 -2.79
C ASN B 245 -27.96 -32.09 -1.65
N ALA B 246 -26.80 -31.56 -1.32
CA ALA B 246 -25.99 -32.11 -0.24
C ALA B 246 -26.84 -32.29 1.02
N GLU B 247 -27.71 -31.32 1.30
CA GLU B 247 -28.57 -31.41 2.47
C GLU B 247 -29.70 -32.40 2.17
N LEU B 248 -30.11 -32.45 0.91
CA LEU B 248 -31.15 -33.35 0.50
C LEU B 248 -30.64 -34.79 0.60
N ALA B 249 -29.34 -34.97 0.38
CA ALA B 249 -28.70 -36.28 0.44
C ALA B 249 -28.49 -36.73 1.87
N LEU B 250 -28.09 -35.81 2.74
CA LEU B 250 -27.89 -36.15 4.14
C LEU B 250 -29.19 -36.38 4.88
N ASP B 251 -30.19 -35.53 4.65
CA ASP B 251 -31.47 -35.64 5.36
C ASP B 251 -32.40 -36.72 4.78
N TYR B 252 -32.48 -36.78 3.46
CA TYR B 252 -33.30 -37.79 2.80
C TYR B 252 -32.38 -38.57 1.87
N GLY B 253 -32.78 -39.76 1.45
CA GLY B 253 -31.88 -40.50 0.59
C GLY B 253 -31.98 -40.10 -0.86
N PHE B 254 -31.97 -38.80 -1.15
CA PHE B 254 -32.08 -38.39 -2.55
C PHE B 254 -31.52 -37.03 -2.92
N ILE B 255 -31.59 -36.73 -4.21
CA ILE B 255 -31.15 -35.45 -4.76
C ILE B 255 -31.96 -35.15 -6.03
N GLU B 256 -31.95 -33.90 -6.46
CA GLU B 256 -32.69 -33.51 -7.66
C GLU B 256 -31.70 -33.18 -8.77
N PRO B 257 -32.14 -33.30 -10.03
CA PRO B 257 -31.31 -33.01 -11.21
C PRO B 257 -31.19 -31.51 -11.42
N ASN B 258 -32.05 -30.74 -10.78
CA ASN B 258 -32.02 -29.29 -10.92
C ASN B 258 -30.66 -28.79 -10.49
N GLU B 259 -29.96 -28.11 -11.38
CA GLU B 259 -28.63 -27.60 -11.07
C GLU B 259 -28.60 -26.50 -10.01
N ASN B 260 -29.70 -25.76 -9.87
CA ASN B 260 -29.74 -24.68 -8.89
C ASN B 260 -29.79 -25.21 -7.47
N ARG B 261 -29.73 -26.52 -7.30
CA ARG B 261 -29.75 -27.13 -5.97
C ARG B 261 -28.30 -27.40 -5.54
N HIS B 262 -27.38 -27.18 -6.47
CA HIS B 262 -25.96 -27.39 -6.22
C HIS B 262 -25.30 -26.28 -5.44
N ALA B 263 -24.83 -26.61 -4.25
CA ALA B 263 -24.19 -25.62 -3.41
C ALA B 263 -22.83 -26.09 -2.92
N TYR B 264 -22.14 -25.19 -2.24
CA TYR B 264 -20.82 -25.48 -1.67
C TYR B 264 -20.58 -24.37 -0.66
N THR B 265 -20.49 -24.74 0.61
CA THR B 265 -20.27 -23.74 1.62
C THR B 265 -18.80 -23.54 1.97
N LEU B 266 -18.39 -22.27 2.00
CA LEU B 266 -17.03 -21.88 2.33
C LEU B 266 -17.06 -21.51 3.79
N THR B 267 -15.98 -21.80 4.51
CA THR B 267 -15.93 -21.47 5.92
C THR B 267 -14.80 -20.46 6.13
N LEU B 268 -15.12 -19.39 6.86
CA LEU B 268 -14.16 -18.33 7.11
C LEU B 268 -14.00 -18.11 8.61
N GLU B 269 -12.77 -17.92 9.05
CA GLU B 269 -12.56 -17.67 10.45
C GLU B 269 -11.44 -16.69 10.70
N ILE B 270 -11.63 -15.90 11.75
CA ILE B 270 -10.65 -14.92 12.17
C ILE B 270 -9.78 -15.73 13.12
N SER B 271 -8.56 -16.03 12.67
CA SER B 271 -7.60 -16.81 13.44
C SER B 271 -7.01 -16.01 14.61
N GLU B 272 -6.83 -16.66 15.75
CA GLU B 272 -6.28 -15.99 16.92
C GLU B 272 -4.79 -15.73 16.70
N SER B 273 -4.26 -16.31 15.62
CA SER B 273 -2.85 -16.15 15.26
C SER B 273 -2.72 -14.82 14.51
N ASP B 274 -3.85 -14.17 14.29
CA ASP B 274 -3.90 -12.89 13.59
C ASP B 274 -3.55 -11.81 14.61
N PRO B 275 -2.46 -11.07 14.33
CA PRO B 275 -2.00 -9.99 15.21
C PRO B 275 -3.09 -9.02 15.64
N PHE B 276 -4.16 -8.94 14.85
CA PHE B 276 -5.27 -8.04 15.18
C PHE B 276 -6.55 -8.80 15.50
N PHE B 277 -6.41 -10.06 15.91
CA PHE B 277 -7.55 -10.92 16.23
C PHE B 277 -8.68 -10.20 16.97
N ASP B 278 -8.42 -9.84 18.22
CA ASP B 278 -9.41 -9.18 19.06
C ASP B 278 -10.17 -8.07 18.35
N ASP B 279 -9.46 -7.08 17.81
CA ASP B 279 -10.13 -6.00 17.09
C ASP B 279 -11.07 -6.57 16.02
N LYS B 280 -10.53 -7.44 15.17
CA LYS B 280 -11.31 -8.06 14.10
C LYS B 280 -12.54 -8.78 14.62
N LEU B 281 -12.35 -9.59 15.65
CA LEU B 281 -13.47 -10.35 16.24
C LEU B 281 -14.57 -9.42 16.72
N ASP B 282 -14.16 -8.27 17.25
CA ASP B 282 -15.14 -7.31 17.72
C ASP B 282 -15.90 -6.85 16.49
N VAL B 283 -15.18 -6.36 15.49
CA VAL B 283 -15.80 -5.87 14.25
C VAL B 283 -16.75 -6.91 13.67
N ALA B 284 -16.36 -8.18 13.75
CA ALA B 284 -17.17 -9.27 13.23
C ALA B 284 -18.46 -9.44 14.02
N GLU B 285 -18.35 -9.63 15.33
CA GLU B 285 -19.52 -9.82 16.18
C GLU B 285 -20.44 -8.61 16.22
N SER B 286 -19.84 -7.43 16.27
CA SER B 286 -20.60 -6.19 16.30
C SER B 286 -21.44 -6.04 15.05
N ASN B 287 -21.22 -6.91 14.07
CA ASN B 287 -21.98 -6.86 12.82
C ASN B 287 -22.68 -8.19 12.49
N GLY B 288 -22.97 -8.95 13.54
CA GLY B 288 -23.69 -10.20 13.37
C GLY B 288 -22.95 -11.46 12.95
N PHE B 289 -21.63 -11.48 13.09
CA PHE B 289 -20.89 -12.67 12.70
C PHE B 289 -20.04 -13.15 13.85
N ALA B 290 -19.66 -14.43 13.82
CA ALA B 290 -18.83 -15.00 14.87
C ALA B 290 -17.37 -15.11 14.49
N GLN B 291 -16.61 -15.76 15.35
CA GLN B 291 -15.19 -15.95 15.13
C GLN B 291 -15.06 -16.82 13.88
N THR B 292 -16.10 -17.62 13.65
CA THR B 292 -16.15 -18.50 12.50
C THR B 292 -17.51 -18.37 11.80
N ALA B 293 -17.47 -18.15 10.49
CA ALA B 293 -18.71 -17.99 9.74
C ALA B 293 -18.76 -18.91 8.52
N TYR B 294 -19.94 -19.42 8.21
CA TYR B 294 -20.12 -20.30 7.06
C TYR B 294 -21.00 -19.61 6.01
N PHE B 295 -20.52 -19.60 4.77
CA PHE B 295 -21.27 -18.97 3.69
C PHE B 295 -21.61 -19.95 2.58
N ASP B 296 -22.89 -20.24 2.39
CA ASP B 296 -23.34 -21.15 1.35
C ASP B 296 -23.36 -20.45 0.00
N ILE B 297 -22.74 -21.06 -1.01
CA ILE B 297 -22.73 -20.50 -2.35
C ILE B 297 -23.44 -21.48 -3.29
N PHE B 298 -24.61 -21.07 -3.79
CA PHE B 298 -25.41 -21.90 -4.70
C PHE B 298 -25.09 -21.61 -6.15
N TYR B 299 -25.19 -22.64 -6.98
CA TYR B 299 -24.90 -22.51 -8.39
C TYR B 299 -25.81 -21.50 -9.03
N ASN B 300 -25.26 -20.69 -9.93
CA ASN B 300 -26.00 -19.66 -10.64
C ASN B 300 -26.58 -18.57 -9.75
N ARG B 301 -26.27 -18.59 -8.46
CA ARG B 301 -26.78 -17.55 -7.59
C ARG B 301 -25.63 -16.56 -7.33
N THR B 302 -25.95 -15.41 -6.76
CA THR B 302 -24.94 -14.41 -6.47
C THR B 302 -24.39 -14.67 -5.07
N LEU B 303 -23.13 -14.34 -4.84
CA LEU B 303 -22.51 -14.55 -3.54
C LEU B 303 -23.34 -13.98 -2.39
N PRO B 304 -23.51 -14.77 -1.32
CA PRO B 304 -24.30 -14.32 -0.16
C PRO B 304 -23.70 -13.10 0.49
N PRO B 305 -24.52 -12.11 0.83
CA PRO B 305 -23.99 -10.90 1.47
C PRO B 305 -23.20 -11.26 2.72
N GLY B 306 -22.09 -10.56 2.93
CA GLY B 306 -21.27 -10.83 4.10
C GLY B 306 -20.00 -11.59 3.76
N LEU B 307 -20.00 -12.30 2.64
CA LEU B 307 -18.81 -13.06 2.27
C LEU B 307 -17.65 -12.11 1.90
N LEU B 308 -17.89 -11.17 1.00
CA LEU B 308 -16.81 -10.24 0.62
C LEU B 308 -16.31 -9.39 1.77
N PRO B 309 -17.21 -8.73 2.49
CA PRO B 309 -16.69 -7.92 3.60
C PRO B 309 -15.86 -8.76 4.57
N TYR B 310 -16.37 -9.95 4.91
CA TYR B 310 -15.69 -10.87 5.84
C TYR B 310 -14.31 -11.28 5.32
N LEU B 311 -14.22 -11.64 4.04
CA LEU B 311 -12.94 -12.03 3.45
C LEU B 311 -12.00 -10.85 3.55
N ARG B 312 -12.51 -9.65 3.30
CA ARG B 312 -11.68 -8.45 3.40
C ARG B 312 -11.22 -8.29 4.84
N LEU B 313 -12.12 -8.56 5.77
CA LEU B 313 -11.78 -8.47 7.18
C LEU B 313 -10.69 -9.48 7.51
N VAL B 314 -10.80 -10.69 6.97
CA VAL B 314 -9.81 -11.73 7.22
C VAL B 314 -8.46 -11.37 6.64
N ALA B 315 -8.44 -10.82 5.44
CA ALA B 315 -7.18 -10.46 4.82
C ALA B 315 -6.68 -9.09 5.22
N LEU B 316 -7.48 -8.36 5.99
CA LEU B 316 -7.15 -6.99 6.42
C LEU B 316 -5.65 -6.68 6.33
N GLY B 317 -4.87 -7.05 7.35
CA GLY B 317 -3.42 -6.82 7.26
C GLY B 317 -2.77 -5.45 7.44
N GLY B 318 -1.56 -5.48 8.01
CA GLY B 318 -0.76 -4.30 8.30
C GLY B 318 -1.12 -2.93 7.77
N THR B 319 -0.89 -2.74 6.48
CA THR B 319 -1.17 -1.47 5.82
C THR B 319 -2.54 -0.82 6.18
N ASP B 320 -3.63 -1.57 5.97
CA ASP B 320 -4.97 -1.04 6.21
C ASP B 320 -5.50 -1.30 7.62
N ALA B 321 -4.62 -1.67 8.54
CA ALA B 321 -5.05 -1.96 9.89
C ALA B 321 -5.62 -0.73 10.57
N PHE B 322 -5.27 0.45 10.06
CA PHE B 322 -5.75 1.69 10.64
C PHE B 322 -7.28 1.73 10.68
N LEU B 323 -7.92 0.90 9.87
CA LEU B 323 -9.38 0.87 9.86
C LEU B 323 -9.90 0.21 11.12
N LEU B 324 -9.00 -0.45 11.83
CA LEU B 324 -9.37 -1.14 13.07
C LEU B 324 -9.36 -0.24 14.33
N GLU B 325 -9.17 1.07 14.11
CA GLU B 325 -9.16 2.06 15.21
C GLU B 325 -10.59 2.41 15.66
N SER B 326 -10.76 2.71 16.94
CA SER B 326 -12.06 3.07 17.49
C SER B 326 -12.77 4.14 16.65
N LEU B 327 -11.98 4.91 15.90
CA LEU B 327 -12.49 5.97 15.04
C LEU B 327 -13.45 5.47 13.95
N PHE B 328 -13.26 4.25 13.46
CA PHE B 328 -14.12 3.74 12.40
C PHE B 328 -15.14 2.70 12.84
N ARG B 329 -15.13 2.32 14.12
CA ARG B 329 -16.07 1.31 14.58
C ARG B 329 -17.53 1.52 14.17
N ASP B 330 -17.82 2.64 13.54
CA ASP B 330 -19.19 2.93 13.11
C ASP B 330 -19.32 3.05 11.59
N THR B 331 -18.22 2.77 10.89
CA THR B 331 -18.22 2.84 9.42
C THR B 331 -17.32 1.77 8.83
N ILE B 332 -16.61 1.04 9.69
CA ILE B 332 -15.69 0.01 9.24
C ILE B 332 -16.35 -1.07 8.38
N TRP B 333 -17.50 -1.55 8.82
CA TRP B 333 -18.17 -2.59 8.05
C TRP B 333 -18.62 -2.02 6.72
N GLY B 334 -18.99 -0.75 6.72
CA GLY B 334 -19.41 -0.11 5.49
C GLY B 334 -18.26 -0.13 4.50
N HIS B 335 -17.09 0.32 4.97
CA HIS B 335 -15.88 0.35 4.14
C HIS B 335 -15.53 -1.06 3.66
N LEU B 336 -15.69 -2.05 4.53
CA LEU B 336 -15.42 -3.44 4.17
C LEU B 336 -16.37 -3.88 3.05
N GLU B 337 -17.59 -3.34 3.06
CA GLU B 337 -18.58 -3.67 2.04
C GLU B 337 -18.28 -2.97 0.71
N LEU B 338 -17.60 -1.83 0.78
CA LEU B 338 -17.24 -1.07 -0.42
C LEU B 338 -15.88 -1.47 -0.99
N SER B 339 -15.09 -2.16 -0.16
CA SER B 339 -13.74 -2.65 -0.47
C SER B 339 -12.68 -1.75 0.16
N VAL B 340 -11.64 -2.36 0.70
CA VAL B 340 -10.56 -1.63 1.39
C VAL B 340 -9.43 -1.04 0.55
N SER B 341 -8.64 -1.91 -0.08
CA SER B 341 -7.52 -1.47 -0.89
C SER B 341 -7.26 -2.51 -1.95
N ARG B 342 -6.52 -2.13 -2.99
CA ARG B 342 -6.23 -3.07 -4.05
C ARG B 342 -5.44 -4.27 -3.54
N ASP B 343 -4.54 -4.02 -2.58
CA ASP B 343 -3.74 -5.10 -2.02
C ASP B 343 -4.59 -6.08 -1.24
N ASN B 344 -5.56 -5.55 -0.51
CA ASN B 344 -6.44 -6.39 0.29
C ASN B 344 -7.33 -7.21 -0.63
N GLU B 345 -7.84 -6.57 -1.66
CA GLU B 345 -8.72 -7.24 -2.61
C GLU B 345 -7.95 -8.35 -3.31
N GLU B 346 -6.77 -8.02 -3.83
CA GLU B 346 -5.95 -8.99 -4.53
C GLU B 346 -5.54 -10.18 -3.66
N LEU B 347 -5.37 -9.94 -2.36
CA LEU B 347 -4.96 -11.00 -1.45
C LEU B 347 -6.07 -12.02 -1.28
N LEU B 348 -7.28 -11.54 -1.00
CA LEU B 348 -8.44 -12.40 -0.80
C LEU B 348 -8.84 -13.15 -2.08
N CYS B 349 -8.54 -12.55 -3.23
CA CYS B 349 -8.86 -13.24 -4.48
C CYS B 349 -8.01 -14.49 -4.57
N LYS B 350 -6.69 -14.30 -4.46
CA LYS B 350 -5.78 -15.43 -4.53
C LYS B 350 -6.09 -16.52 -3.51
N ALA B 351 -6.38 -16.14 -2.26
CA ALA B 351 -6.68 -17.14 -1.25
C ALA B 351 -7.89 -17.97 -1.64
N VAL B 352 -8.89 -17.33 -2.25
CA VAL B 352 -10.09 -18.03 -2.65
C VAL B 352 -9.83 -18.94 -3.83
N ARG B 353 -9.29 -18.38 -4.91
CA ARG B 353 -9.00 -19.18 -6.11
C ARG B 353 -8.07 -20.36 -5.87
N GLU B 354 -7.19 -20.24 -4.88
CA GLU B 354 -6.24 -21.31 -4.57
C GLU B 354 -7.02 -22.39 -3.83
N ALA B 355 -7.91 -21.96 -2.95
CA ALA B 355 -8.73 -22.91 -2.20
C ALA B 355 -9.53 -23.75 -3.20
N CYS B 356 -10.10 -23.07 -4.20
CA CYS B 356 -10.90 -23.74 -5.23
C CYS B 356 -10.11 -24.75 -6.05
N LYS B 357 -8.98 -24.31 -6.58
CA LYS B 357 -8.13 -25.20 -7.38
C LYS B 357 -7.75 -26.42 -6.55
N SER B 358 -7.20 -26.18 -5.37
CA SER B 358 -6.81 -27.26 -4.50
C SER B 358 -7.99 -28.21 -4.28
N ALA B 359 -9.12 -27.65 -3.87
CA ALA B 359 -10.32 -28.44 -3.62
C ALA B 359 -10.68 -29.32 -4.82
N LEU B 360 -10.76 -28.72 -5.99
CA LEU B 360 -11.11 -29.40 -7.23
C LEU B 360 -10.19 -30.55 -7.60
N ALA B 361 -9.02 -30.60 -6.94
CA ALA B 361 -8.05 -31.65 -7.23
C ALA B 361 -8.36 -32.93 -6.46
N GLY B 362 -8.96 -32.79 -5.29
CA GLY B 362 -9.29 -33.93 -4.46
C GLY B 362 -10.33 -34.89 -5.02
N TYR B 363 -10.98 -34.51 -6.12
CA TYR B 363 -11.99 -35.38 -6.71
C TYR B 363 -11.31 -36.36 -7.66
N HIS B 364 -11.84 -37.58 -7.75
CA HIS B 364 -11.23 -38.61 -8.60
C HIS B 364 -11.83 -38.82 -9.99
N THR B 365 -12.68 -37.91 -10.44
CA THR B 365 -13.27 -38.03 -11.76
C THR B 365 -13.52 -36.63 -12.27
N THR B 366 -13.53 -36.46 -13.59
CA THR B 366 -13.77 -35.15 -14.14
C THR B 366 -15.26 -35.00 -14.36
N ILE B 367 -15.70 -33.76 -14.53
CA ILE B 367 -17.12 -33.49 -14.74
C ILE B 367 -17.58 -34.28 -15.97
N GLU B 368 -16.76 -34.29 -17.02
CA GLU B 368 -17.07 -35.01 -18.27
C GLU B 368 -17.33 -36.50 -18.04
N GLN B 369 -16.74 -37.05 -16.99
CA GLN B 369 -16.90 -38.47 -16.69
C GLN B 369 -18.16 -38.71 -15.89
N ASP B 370 -18.48 -37.76 -15.03
CA ASP B 370 -19.65 -37.87 -14.20
C ASP B 370 -20.87 -37.80 -15.11
N ARG B 371 -20.86 -36.85 -16.03
CA ARG B 371 -21.98 -36.70 -16.95
C ARG B 371 -22.19 -37.92 -17.85
N GLU B 372 -21.10 -38.61 -18.22
CA GLU B 372 -21.23 -39.79 -19.06
C GLU B 372 -21.87 -40.89 -18.20
N LEU B 373 -21.42 -40.97 -16.96
CA LEU B 373 -21.97 -41.94 -16.02
C LEU B 373 -23.50 -41.80 -15.86
N LYS B 374 -23.97 -40.56 -15.81
CA LYS B 374 -25.38 -40.26 -15.64
C LYS B 374 -26.21 -40.71 -16.85
N GLU B 375 -25.59 -40.73 -18.02
CA GLU B 375 -26.27 -41.11 -19.25
C GLU B 375 -26.68 -42.58 -19.19
N GLY B 376 -26.17 -43.30 -18.19
CA GLY B 376 -26.49 -44.71 -18.00
C GLY B 376 -27.38 -44.98 -16.79
N ASN B 377 -27.41 -46.23 -16.33
CA ASN B 377 -28.24 -46.60 -15.17
C ASN B 377 -27.42 -46.76 -13.92
N LEU B 378 -27.35 -45.71 -13.12
CA LEU B 378 -26.62 -45.77 -11.87
C LEU B 378 -27.60 -46.20 -10.80
N ASP B 379 -27.10 -46.82 -9.73
CA ASP B 379 -27.99 -47.25 -8.66
C ASP B 379 -28.16 -46.12 -7.66
N SER B 380 -29.20 -46.21 -6.84
CA SER B 380 -29.54 -45.24 -5.81
C SER B 380 -28.36 -44.44 -5.29
N ARG B 381 -27.56 -45.08 -4.46
CA ARG B 381 -26.40 -44.45 -3.86
C ARG B 381 -25.33 -43.94 -4.82
N LEU B 382 -24.93 -44.75 -5.79
CA LEU B 382 -23.93 -44.31 -6.76
C LEU B 382 -24.46 -43.08 -7.49
N ALA B 383 -25.75 -43.09 -7.77
CA ALA B 383 -26.42 -41.98 -8.45
C ALA B 383 -26.35 -40.68 -7.67
N ILE B 384 -26.53 -40.79 -6.35
CA ILE B 384 -26.47 -39.64 -5.47
C ILE B 384 -25.06 -39.09 -5.49
N ALA B 385 -24.09 -39.99 -5.33
CA ALA B 385 -22.67 -39.65 -5.31
C ALA B 385 -22.23 -38.98 -6.59
N VAL B 386 -22.68 -39.50 -7.73
CA VAL B 386 -22.29 -38.93 -9.01
C VAL B 386 -22.91 -37.54 -9.20
N GLY B 387 -24.15 -37.38 -8.76
CA GLY B 387 -24.81 -36.10 -8.88
C GLY B 387 -24.17 -35.06 -7.98
N ILE B 388 -24.02 -35.39 -6.70
CA ILE B 388 -23.41 -34.49 -5.73
C ILE B 388 -22.07 -33.95 -6.19
N ARG B 389 -21.13 -34.85 -6.42
CA ARG B 389 -19.78 -34.49 -6.85
C ARG B 389 -19.68 -33.74 -8.18
N GLU B 390 -20.60 -33.98 -9.12
CA GLU B 390 -20.58 -33.25 -10.38
C GLU B 390 -20.94 -31.82 -10.01
N GLY B 391 -21.98 -31.70 -9.19
CA GLY B 391 -22.45 -30.41 -8.75
C GLY B 391 -21.44 -29.59 -7.99
N GLU B 392 -20.80 -30.18 -6.98
CA GLU B 392 -19.81 -29.45 -6.19
C GLU B 392 -18.72 -28.93 -7.12
N LYS B 393 -18.20 -29.80 -7.98
CA LYS B 393 -17.18 -29.40 -8.91
C LYS B 393 -17.67 -28.23 -9.74
N MET B 394 -18.97 -28.21 -10.02
CA MET B 394 -19.55 -27.12 -10.80
C MET B 394 -19.48 -25.81 -10.03
N VAL B 395 -19.96 -25.84 -8.78
CA VAL B 395 -19.93 -24.65 -7.94
C VAL B 395 -18.50 -24.17 -7.75
N LEU B 396 -17.60 -25.09 -7.40
CA LEU B 396 -16.20 -24.76 -7.18
C LEU B 396 -15.63 -24.05 -8.39
N GLN B 397 -15.99 -24.52 -9.57
CA GLN B 397 -15.51 -23.92 -10.80
C GLN B 397 -16.13 -22.57 -11.05
N GLN B 398 -17.36 -22.37 -10.57
CA GLN B 398 -18.03 -21.09 -10.75
C GLN B 398 -17.44 -20.06 -9.83
N ILE B 399 -17.13 -20.47 -8.59
CA ILE B 399 -16.55 -19.56 -7.62
C ILE B 399 -15.24 -19.07 -8.17
N ASP B 400 -14.39 -20.02 -8.56
CA ASP B 400 -13.07 -19.69 -9.10
C ASP B 400 -13.18 -18.75 -10.28
N GLY B 401 -14.26 -18.86 -11.03
CA GLY B 401 -14.42 -17.99 -12.19
C GLY B 401 -14.84 -16.59 -11.77
N ILE B 402 -15.71 -16.54 -10.76
CA ILE B 402 -16.19 -15.28 -10.25
C ILE B 402 -14.99 -14.48 -9.80
N PHE B 403 -14.10 -15.14 -9.05
CA PHE B 403 -12.92 -14.47 -8.53
C PHE B 403 -11.82 -14.24 -9.57
N GLU B 404 -11.86 -14.97 -10.67
CA GLU B 404 -10.87 -14.76 -11.73
C GLU B 404 -11.22 -13.45 -12.44
N GLN B 405 -12.51 -13.12 -12.44
CA GLN B 405 -13.00 -11.88 -13.05
C GLN B 405 -12.56 -10.74 -12.16
N LYS B 406 -12.78 -10.91 -10.86
CA LYS B 406 -12.39 -9.88 -9.90
C LYS B 406 -10.93 -9.50 -10.11
N GLU B 407 -10.05 -10.49 -10.19
CA GLU B 407 -8.64 -10.20 -10.40
C GLU B 407 -8.42 -9.38 -11.68
N LEU B 408 -9.33 -9.52 -12.64
CA LEU B 408 -9.24 -8.77 -13.88
C LEU B 408 -9.72 -7.33 -13.68
N GLU B 409 -10.77 -7.19 -12.89
CA GLU B 409 -11.36 -5.89 -12.61
C GLU B 409 -10.80 -5.33 -11.32
N LEU B 410 -9.60 -5.77 -10.98
CA LEU B 410 -8.99 -5.33 -9.73
C LEU B 410 -8.75 -3.82 -9.61
N ASP B 411 -8.63 -3.12 -10.73
CA ASP B 411 -8.41 -1.67 -10.67
C ASP B 411 -9.67 -0.86 -10.90
N GLN B 412 -10.75 -1.54 -11.24
CA GLN B 412 -12.01 -0.87 -11.50
C GLN B 412 -12.73 -0.47 -10.22
N LEU B 413 -12.30 -1.07 -9.10
CA LEU B 413 -12.92 -0.77 -7.82
C LEU B 413 -12.43 0.57 -7.25
N GLU B 414 -13.24 1.16 -6.39
CA GLU B 414 -12.89 2.41 -5.74
C GLU B 414 -12.65 2.09 -4.27
N TYR B 415 -11.40 1.81 -3.92
CA TYR B 415 -11.09 1.46 -2.55
C TYR B 415 -11.15 2.68 -1.65
N TYR B 416 -10.97 2.47 -0.35
CA TYR B 416 -11.02 3.53 0.66
C TYR B 416 -10.45 4.88 0.24
N GLN B 417 -9.18 4.93 -0.14
CA GLN B 417 -8.58 6.20 -0.52
C GLN B 417 -9.41 6.95 -1.55
N GLU B 418 -9.58 6.39 -2.74
CA GLU B 418 -10.37 7.03 -3.79
C GLU B 418 -11.67 7.62 -3.25
N ARG B 419 -12.35 6.86 -2.39
CA ARG B 419 -13.61 7.29 -1.79
C ARG B 419 -13.46 8.55 -0.92
N ARG B 420 -12.25 8.84 -0.47
CA ARG B 420 -12.00 10.03 0.34
C ARG B 420 -12.03 11.27 -0.55
N LEU B 421 -11.30 11.20 -1.65
CA LEU B 421 -11.21 12.30 -2.58
C LEU B 421 -12.41 12.45 -3.52
N LYS B 422 -13.42 11.61 -3.34
CA LYS B 422 -14.63 11.69 -4.16
C LYS B 422 -15.24 13.09 -3.96
N ASP B 423 -15.07 13.60 -2.75
CA ASP B 423 -15.58 14.91 -2.38
C ASP B 423 -14.45 15.92 -2.13
N LEU B 424 -14.11 16.69 -3.15
CA LEU B 424 -13.04 17.66 -3.01
C LEU B 424 -13.51 19.06 -3.36
N GLY B 425 -14.48 19.14 -4.26
CA GLY B 425 -15.00 20.42 -4.67
C GLY B 425 -13.92 21.28 -5.31
N LEU B 426 -13.03 20.65 -6.07
CA LEU B 426 -11.96 21.37 -6.75
C LEU B 426 -12.56 22.41 -7.67
N CYS B 427 -13.62 22.02 -8.36
CA CYS B 427 -14.29 22.92 -9.28
C CYS B 427 -15.48 23.58 -8.64
N GLY B 428 -15.21 24.59 -7.82
CA GLY B 428 -16.30 25.27 -7.17
C GLY B 428 -16.54 26.66 -7.73
N GLU B 429 -16.38 27.64 -6.86
CA GLU B 429 -16.57 29.03 -7.23
C GLU B 429 -15.27 29.75 -6.99
N ASN B 430 -15.21 30.98 -7.48
CA ASN B 430 -14.04 31.80 -7.31
C ASN B 430 -14.12 32.37 -5.90
N GLY B 431 -13.71 31.57 -4.92
CA GLY B 431 -13.75 31.96 -3.53
C GLY B 431 -13.24 33.36 -3.23
N ASP B 432 -12.34 33.87 -4.07
CA ASP B 432 -11.79 35.21 -3.87
C ASP B 432 -12.84 36.32 -3.95
N ILE B 433 -13.37 36.55 -5.15
CA ILE B 433 -14.37 37.59 -5.35
C ILE B 433 -15.40 37.62 -4.23
N LEU B 434 -15.78 36.44 -3.75
CA LEU B 434 -16.76 36.36 -2.66
C LEU B 434 -16.12 36.86 -1.38
N GLU B 435 -14.99 36.27 -1.02
CA GLU B 435 -14.27 36.63 0.21
C GLU B 435 -13.38 37.86 0.07
N ASN B 436 -13.63 38.65 -0.97
CA ASN B 436 -12.86 39.88 -1.20
C ASN B 436 -13.77 41.02 -0.74
N LEU B 437 -15.07 40.74 -0.69
CA LEU B 437 -16.06 41.71 -0.26
C LEU B 437 -16.49 41.42 1.19
N TYR B 438 -16.06 40.27 1.72
CA TYR B 438 -16.38 39.90 3.10
C TYR B 438 -15.56 40.81 4.02
N PHE B 439 -14.26 40.53 4.08
CA PHE B 439 -13.33 41.29 4.91
C PHE B 439 -13.39 42.79 4.66
N GLN B 440 -13.09 43.57 5.71
CA GLN B 440 -13.11 45.02 5.66
C GLN B 440 -12.49 45.59 4.39
N LEU C 2 72.47 -16.98 -3.96
CA LEU C 2 72.39 -16.41 -2.59
C LEU C 2 73.43 -15.30 -2.37
N SER C 3 72.95 -14.11 -2.02
CA SER C 3 73.82 -12.98 -1.77
C SER C 3 74.48 -13.09 -0.40
N PRO C 4 75.52 -12.29 -0.14
CA PRO C 4 76.22 -12.32 1.14
C PRO C 4 75.24 -12.29 2.33
N ALA C 5 74.24 -11.40 2.25
CA ALA C 5 73.26 -11.25 3.31
C ALA C 5 72.53 -12.56 3.62
N VAL C 6 72.04 -13.22 2.59
CA VAL C 6 71.33 -14.49 2.77
C VAL C 6 72.30 -15.45 3.42
N GLN C 7 73.53 -15.47 2.89
CA GLN C 7 74.60 -16.33 3.38
C GLN C 7 74.79 -16.12 4.89
N THR C 8 74.85 -14.85 5.29
CA THR C 8 75.03 -14.47 6.70
C THR C 8 73.79 -14.84 7.54
N PHE C 9 72.61 -14.56 6.99
CA PHE C 9 71.37 -14.86 7.68
C PHE C 9 71.29 -16.36 7.95
N TRP C 10 71.80 -17.16 7.03
CA TRP C 10 71.75 -18.61 7.20
C TRP C 10 72.68 -19.09 8.29
N LYS C 11 73.89 -18.52 8.30
CA LYS C 11 74.89 -18.86 9.31
C LYS C 11 74.27 -18.57 10.68
N TRP C 12 73.81 -17.32 10.83
CA TRP C 12 73.18 -16.85 12.06
C TRP C 12 72.14 -17.82 12.63
N LEU C 13 71.35 -18.43 11.76
CA LEU C 13 70.33 -19.37 12.19
C LEU C 13 70.94 -20.65 12.70
N GLN C 14 72.13 -20.96 12.20
CA GLN C 14 72.85 -22.16 12.62
C GLN C 14 73.39 -21.96 14.04
N GLU C 15 73.96 -20.77 14.27
CA GLU C 15 74.51 -20.41 15.55
C GLU C 15 73.42 -20.31 16.60
N GLU C 16 72.27 -19.75 16.22
CA GLU C 16 71.16 -19.62 17.13
C GLU C 16 70.58 -20.99 17.46
N GLY C 17 71.07 -22.02 16.79
CA GLY C 17 70.61 -23.38 17.04
C GLY C 17 69.38 -23.79 16.26
N VAL C 18 68.88 -22.89 15.43
CA VAL C 18 67.68 -23.14 14.62
C VAL C 18 67.98 -24.10 13.46
N ILE C 19 68.89 -23.69 12.58
CA ILE C 19 69.29 -24.53 11.44
C ILE C 19 70.34 -25.55 11.85
N THR C 20 69.99 -26.83 11.75
CA THR C 20 70.92 -27.90 12.11
C THR C 20 71.19 -28.71 10.85
N ALA C 21 72.02 -29.74 10.96
CA ALA C 21 72.30 -30.59 9.82
C ALA C 21 71.08 -31.46 9.53
N LYS C 22 70.08 -31.36 10.40
CA LYS C 22 68.83 -32.12 10.27
C LYS C 22 67.79 -31.37 9.42
N THR C 23 67.95 -30.06 9.30
CA THR C 23 67.05 -29.21 8.54
C THR C 23 67.00 -29.64 7.06
N PRO C 24 65.87 -30.22 6.61
CA PRO C 24 65.74 -30.69 5.22
C PRO C 24 65.61 -29.62 4.16
N VAL C 25 65.69 -28.35 4.55
CA VAL C 25 65.51 -27.29 3.58
C VAL C 25 66.64 -26.25 3.56
N LYS C 26 66.66 -25.42 2.53
CA LYS C 26 67.67 -24.38 2.40
C LYS C 26 67.09 -23.17 1.71
N ALA C 27 67.72 -22.01 1.90
CA ALA C 27 67.24 -20.79 1.25
C ALA C 27 67.73 -20.78 -0.19
N SER C 28 66.84 -20.39 -1.09
CA SER C 28 67.18 -20.32 -2.51
C SER C 28 66.52 -19.11 -3.12
N VAL C 29 67.11 -18.66 -4.22
CA VAL C 29 66.60 -17.52 -4.95
C VAL C 29 65.67 -18.14 -5.97
N VAL C 30 64.40 -17.75 -5.92
CA VAL C 30 63.39 -18.31 -6.81
C VAL C 30 62.63 -17.19 -7.52
N THR C 31 61.75 -17.54 -8.45
CA THR C 31 61.02 -16.50 -9.14
C THR C 31 60.27 -15.64 -8.12
N GLU C 32 59.64 -16.26 -7.12
CA GLU C 32 58.89 -15.53 -6.10
C GLU C 32 59.72 -14.59 -5.23
N GLY C 33 61.04 -14.69 -5.34
CA GLY C 33 61.95 -13.87 -4.56
C GLY C 33 62.90 -14.86 -3.91
N LEU C 34 62.82 -14.99 -2.59
CA LEU C 34 63.63 -15.98 -1.88
C LEU C 34 62.63 -17.05 -1.46
N GLY C 35 63.10 -18.27 -1.25
CA GLY C 35 62.17 -19.32 -0.86
C GLY C 35 62.89 -20.50 -0.27
N LEU C 36 62.14 -21.52 0.13
CA LEU C 36 62.76 -22.69 0.71
C LEU C 36 62.73 -23.86 -0.26
N VAL C 37 63.93 -24.37 -0.55
CA VAL C 37 64.10 -25.48 -1.47
C VAL C 37 64.66 -26.73 -0.76
N ALA C 38 63.95 -27.85 -0.92
CA ALA C 38 64.32 -29.12 -0.29
C ALA C 38 65.73 -29.63 -0.60
N LEU C 39 66.45 -30.08 0.43
CA LEU C 39 67.81 -30.59 0.25
C LEU C 39 67.75 -32.07 -0.02
N LYS C 40 66.60 -32.65 0.28
CA LYS C 40 66.37 -34.07 0.09
C LYS C 40 64.86 -34.18 -0.02
N ASP C 41 64.38 -35.31 -0.52
CA ASP C 41 62.94 -35.51 -0.64
C ASP C 41 62.25 -35.28 0.71
N ILE C 42 61.29 -34.37 0.73
CA ILE C 42 60.54 -34.08 1.94
C ILE C 42 59.16 -34.69 1.77
N SER C 43 58.81 -35.66 2.61
CA SER C 43 57.50 -36.26 2.48
C SER C 43 56.43 -35.30 2.99
N ARG C 44 55.17 -35.58 2.68
CA ARG C 44 54.08 -34.73 3.11
C ARG C 44 53.89 -34.80 4.61
N ASN C 45 53.83 -33.63 5.24
CA ASN C 45 53.66 -33.50 6.69
C ASN C 45 54.95 -33.53 7.50
N ASP C 46 56.07 -33.75 6.82
CA ASP C 46 57.37 -33.74 7.48
C ASP C 46 57.57 -32.33 8.05
N VAL C 47 58.12 -32.23 9.25
CA VAL C 47 58.38 -30.90 9.80
C VAL C 47 59.57 -30.34 9.01
N ILE C 48 59.46 -29.11 8.52
CA ILE C 48 60.54 -28.50 7.73
C ILE C 48 61.50 -27.71 8.60
N LEU C 49 60.96 -27.00 9.59
CA LEU C 49 61.79 -26.22 10.48
C LEU C 49 60.98 -25.79 11.70
N GLN C 50 61.68 -25.47 12.79
CA GLN C 50 61.06 -25.01 14.03
C GLN C 50 61.87 -23.82 14.54
N VAL C 51 61.18 -22.79 15.01
CA VAL C 51 61.88 -21.61 15.49
C VAL C 51 61.51 -21.32 16.95
N PRO C 52 62.51 -21.04 17.80
CA PRO C 52 62.24 -20.76 19.21
C PRO C 52 61.56 -19.41 19.42
N LYS C 53 60.64 -19.33 20.39
CA LYS C 53 59.92 -18.09 20.68
C LYS C 53 60.86 -16.90 20.93
N ARG C 54 62.09 -17.21 21.31
CA ARG C 54 63.11 -16.21 21.58
C ARG C 54 63.18 -15.29 20.38
N LEU C 55 62.87 -15.83 19.20
CA LEU C 55 62.96 -15.07 17.96
C LEU C 55 61.67 -14.53 17.31
N TRP C 56 60.53 -14.62 18.00
CA TRP C 56 59.30 -14.04 17.43
C TRP C 56 59.45 -12.54 17.47
N ILE C 57 58.45 -11.87 16.93
CA ILE C 57 58.36 -10.42 16.97
C ILE C 57 56.87 -10.20 16.94
N ASN C 58 56.26 -10.23 18.11
CA ASN C 58 54.83 -10.05 18.25
C ASN C 58 54.55 -9.12 19.42
N PRO C 59 53.27 -8.78 19.65
CA PRO C 59 52.89 -7.89 20.75
C PRO C 59 53.66 -8.11 22.06
N ASP C 60 53.85 -9.36 22.47
CA ASP C 60 54.59 -9.62 23.70
C ASP C 60 56.04 -9.18 23.60
N ALA C 61 56.67 -9.45 22.47
CA ALA C 61 58.07 -9.07 22.24
C ALA C 61 58.33 -7.58 22.54
N VAL C 62 57.45 -6.70 22.07
CA VAL C 62 57.63 -5.27 22.31
C VAL C 62 57.36 -4.94 23.78
N ALA C 63 56.43 -5.66 24.39
CA ALA C 63 56.10 -5.44 25.80
C ALA C 63 57.35 -5.60 26.66
N ALA C 64 58.15 -6.61 26.34
CA ALA C 64 59.37 -6.90 27.08
C ALA C 64 60.61 -6.13 26.61
N SER C 65 60.40 -5.01 25.93
CA SER C 65 61.53 -4.20 25.47
C SER C 65 61.52 -2.80 26.07
N GLU C 66 62.57 -2.04 25.79
CA GLU C 66 62.71 -0.68 26.29
C GLU C 66 61.50 0.18 25.98
N ILE C 67 60.87 -0.05 24.84
CA ILE C 67 59.69 0.73 24.46
C ILE C 67 58.38 0.09 24.90
N GLY C 68 58.48 -0.96 25.72
CA GLY C 68 57.29 -1.65 26.19
C GLY C 68 56.28 -0.83 26.97
N ARG C 69 56.76 0.14 27.75
CA ARG C 69 55.89 0.97 28.58
C ARG C 69 55.26 2.13 27.83
N VAL C 70 56.02 2.73 26.93
CA VAL C 70 55.51 3.85 26.15
C VAL C 70 54.41 3.37 25.21
N CYS C 71 54.42 2.07 24.91
CA CYS C 71 53.43 1.46 23.99
C CYS C 71 52.37 0.64 24.73
N SER C 72 52.38 0.74 26.06
CA SER C 72 51.43 -0.01 26.88
C SER C 72 49.95 0.17 26.52
N GLU C 73 49.61 1.26 25.85
CA GLU C 73 48.22 1.51 25.50
C GLU C 73 47.97 1.63 24.00
N LEU C 74 48.96 1.26 23.20
CA LEU C 74 48.84 1.32 21.75
C LEU C 74 48.25 0.02 21.22
N LYS C 75 47.66 0.08 20.03
CA LYS C 75 47.09 -1.11 19.42
C LYS C 75 48.22 -2.10 19.10
N PRO C 76 48.00 -3.40 19.39
CA PRO C 76 49.04 -4.38 19.11
C PRO C 76 49.85 -4.16 17.83
N TRP C 77 49.16 -3.96 16.71
CA TRP C 77 49.86 -3.75 15.45
C TRP C 77 50.64 -2.44 15.34
N LEU C 78 50.18 -1.40 16.03
CA LEU C 78 50.87 -0.11 16.01
C LEU C 78 52.17 -0.20 16.82
N SER C 79 52.16 -1.07 17.83
CA SER C 79 53.34 -1.28 18.65
C SER C 79 54.38 -2.00 17.81
N VAL C 80 53.98 -3.10 17.17
CA VAL C 80 54.90 -3.87 16.37
C VAL C 80 55.49 -3.04 15.25
N ILE C 81 54.79 -2.01 14.79
CA ILE C 81 55.33 -1.19 13.73
C ILE C 81 56.53 -0.38 14.25
N LEU C 82 56.37 0.21 15.44
CA LEU C 82 57.45 0.99 16.06
C LEU C 82 58.61 0.07 16.37
N PHE C 83 58.31 -1.07 16.99
CA PHE C 83 59.32 -2.05 17.35
C PHE C 83 60.20 -2.37 16.14
N LEU C 84 59.56 -2.71 15.02
CA LEU C 84 60.27 -3.06 13.79
C LEU C 84 61.13 -1.94 13.25
N ILE C 85 60.59 -0.72 13.23
CA ILE C 85 61.36 0.42 12.73
C ILE C 85 62.55 0.66 13.65
N ARG C 86 62.32 0.49 14.96
CA ARG C 86 63.37 0.68 15.95
C ARG C 86 64.50 -0.32 15.80
N GLU C 87 64.20 -1.61 15.96
CA GLU C 87 65.22 -2.65 15.86
C GLU C 87 65.98 -2.57 14.54
N ARG C 88 65.31 -2.12 13.49
CA ARG C 88 65.92 -2.00 12.16
C ARG C 88 67.06 -0.98 12.11
N SER C 89 67.10 -0.08 13.08
CA SER C 89 68.13 0.94 13.15
C SER C 89 69.26 0.55 14.11
N ARG C 90 68.90 -0.15 15.17
CA ARG C 90 69.87 -0.60 16.15
C ARG C 90 70.83 -1.61 15.52
N GLU C 91 72.09 -1.19 15.33
CA GLU C 91 73.10 -2.06 14.74
C GLU C 91 73.64 -3.03 15.78
N ASP C 92 72.73 -3.71 16.45
CA ASP C 92 73.07 -4.67 17.49
C ASP C 92 71.79 -5.40 17.88
N SER C 93 70.81 -5.35 17.00
CA SER C 93 69.53 -5.99 17.24
C SER C 93 69.66 -7.49 16.94
N VAL C 94 68.82 -8.31 17.56
CA VAL C 94 68.87 -9.75 17.34
C VAL C 94 68.46 -10.10 15.91
N TRP C 95 67.71 -9.20 15.28
CA TRP C 95 67.23 -9.41 13.92
C TRP C 95 68.02 -8.54 12.95
N LYS C 96 69.30 -8.36 13.26
CA LYS C 96 70.15 -7.54 12.40
C LYS C 96 70.29 -8.22 11.05
N HIS C 97 70.58 -9.53 11.08
CA HIS C 97 70.74 -10.32 9.86
C HIS C 97 69.41 -10.55 9.17
N TYR C 98 68.38 -10.80 9.98
CA TYR C 98 67.03 -11.03 9.48
C TYR C 98 66.58 -9.81 8.67
N PHE C 99 66.84 -8.61 9.19
CA PHE C 99 66.47 -7.37 8.48
C PHE C 99 67.27 -7.22 7.18
N GLY C 100 68.43 -7.87 7.11
CA GLY C 100 69.25 -7.78 5.90
C GLY C 100 68.72 -8.67 4.79
N ILE C 101 67.59 -9.31 5.07
CA ILE C 101 66.94 -10.21 4.12
C ILE C 101 65.64 -9.58 3.61
N LEU C 102 65.00 -8.82 4.49
CA LEU C 102 63.73 -8.19 4.17
C LEU C 102 63.76 -7.28 2.94
N PRO C 103 62.75 -7.42 2.07
CA PRO C 103 62.61 -6.63 0.84
C PRO C 103 62.25 -5.22 1.24
N GLN C 104 62.75 -4.23 0.52
CA GLN C 104 62.42 -2.87 0.86
C GLN C 104 61.00 -2.54 0.45
N GLU C 105 60.41 -3.38 -0.39
CA GLU C 105 59.07 -3.13 -0.89
C GLU C 105 58.48 -4.45 -1.44
N THR C 106 57.16 -4.56 -1.45
CA THR C 106 56.49 -5.75 -2.01
C THR C 106 55.58 -5.20 -3.10
N ASP C 107 54.94 -6.06 -3.88
CA ASP C 107 54.06 -5.54 -4.93
C ASP C 107 52.69 -5.15 -4.41
N SER C 108 52.56 -5.07 -3.09
CA SER C 108 51.32 -4.68 -2.49
C SER C 108 50.95 -3.31 -3.03
N THR C 109 49.66 -3.09 -3.24
CA THR C 109 49.17 -1.81 -3.77
C THR C 109 49.49 -0.58 -2.91
N ILE C 110 49.92 -0.79 -1.67
CA ILE C 110 50.26 0.34 -0.79
C ILE C 110 51.58 0.98 -1.22
N TYR C 111 52.30 0.33 -2.13
CA TYR C 111 53.57 0.85 -2.61
C TYR C 111 53.49 1.30 -4.06
N TRP C 112 52.39 1.00 -4.73
CA TRP C 112 52.26 1.38 -6.13
C TRP C 112 52.42 2.88 -6.35
N SER C 113 52.88 3.26 -7.54
CA SER C 113 53.06 4.66 -7.88
C SER C 113 51.71 5.18 -8.35
N GLU C 114 51.63 6.49 -8.56
CA GLU C 114 50.38 7.09 -9.00
C GLU C 114 49.98 6.62 -10.40
N GLU C 115 50.96 6.36 -11.26
CA GLU C 115 50.63 5.91 -12.62
C GLU C 115 50.10 4.50 -12.48
N GLU C 116 50.81 3.68 -11.71
CA GLU C 116 50.39 2.30 -11.50
C GLU C 116 48.97 2.15 -10.94
N LEU C 117 48.61 3.00 -9.98
CA LEU C 117 47.29 2.96 -9.39
C LEU C 117 46.20 3.27 -10.41
N GLN C 118 46.55 4.08 -11.40
CA GLN C 118 45.57 4.45 -12.42
C GLN C 118 45.10 3.23 -13.19
N GLU C 119 45.89 2.16 -13.16
CA GLU C 119 45.53 0.94 -13.85
C GLU C 119 44.43 0.22 -13.05
N LEU C 120 44.13 0.74 -11.87
CA LEU C 120 43.08 0.17 -11.04
C LEU C 120 41.94 1.17 -10.97
N GLN C 121 41.99 2.11 -11.89
CA GLN C 121 40.99 3.17 -12.00
C GLN C 121 39.57 2.65 -11.95
N GLY C 122 38.80 3.18 -11.01
CA GLY C 122 37.42 2.78 -10.85
C GLY C 122 37.15 1.55 -10.02
N SER C 123 38.19 0.78 -9.69
CA SER C 123 38.01 -0.47 -8.93
C SER C 123 37.88 -0.31 -7.43
N GLN C 124 37.31 -1.33 -6.79
CA GLN C 124 37.15 -1.33 -5.34
C GLN C 124 38.49 -1.47 -4.63
N LEU C 125 39.40 -2.26 -5.19
CA LEU C 125 40.71 -2.44 -4.59
C LEU C 125 41.41 -1.09 -4.48
N LEU C 126 41.16 -0.21 -5.43
CA LEU C 126 41.78 1.09 -5.38
C LEU C 126 41.16 1.91 -4.24
N LYS C 127 39.84 1.97 -4.20
CA LYS C 127 39.19 2.72 -3.14
C LYS C 127 39.71 2.21 -1.79
N THR C 128 39.79 0.88 -1.64
CA THR C 128 40.26 0.29 -0.39
C THR C 128 41.71 0.60 -0.03
N THR C 129 42.64 0.47 -0.98
CA THR C 129 44.04 0.75 -0.68
C THR C 129 44.25 2.21 -0.30
N VAL C 130 43.57 3.10 -1.02
CA VAL C 130 43.68 4.52 -0.72
C VAL C 130 43.17 4.74 0.72
N SER C 131 41.97 4.25 0.97
CA SER C 131 41.36 4.34 2.28
C SER C 131 42.29 3.77 3.34
N VAL C 132 42.88 2.61 3.05
CA VAL C 132 43.79 1.97 3.98
C VAL C 132 45.11 2.74 4.09
N LYS C 133 45.63 3.21 2.96
CA LYS C 133 46.89 3.96 3.01
C LYS C 133 46.75 5.18 3.87
N GLU C 134 45.59 5.84 3.78
CA GLU C 134 45.37 7.05 4.54
C GLU C 134 45.36 6.83 6.04
N TYR C 135 44.52 5.90 6.48
CA TYR C 135 44.40 5.58 7.88
C TYR C 135 45.74 5.29 8.53
N VAL C 136 46.53 4.41 7.90
CA VAL C 136 47.82 4.06 8.44
C VAL C 136 48.68 5.30 8.59
N LYS C 137 48.59 6.23 7.63
CA LYS C 137 49.36 7.46 7.70
C LYS C 137 48.93 8.30 8.91
N ASN C 138 47.62 8.50 9.07
CA ASN C 138 47.11 9.29 10.17
C ASN C 138 47.43 8.68 11.54
N GLU C 139 47.27 7.36 11.66
CA GLU C 139 47.56 6.70 12.93
C GLU C 139 49.05 6.77 13.21
N CYS C 140 49.87 6.66 12.17
CA CYS C 140 51.31 6.72 12.31
C CYS C 140 51.81 8.11 12.66
N LEU C 141 51.15 9.15 12.13
CA LEU C 141 51.55 10.52 12.42
C LEU C 141 51.29 10.83 13.88
N LYS C 142 50.26 10.20 14.45
CA LYS C 142 49.91 10.37 15.86
C LYS C 142 50.99 9.73 16.71
N LEU C 143 51.46 8.56 16.27
CA LEU C 143 52.51 7.85 16.98
C LEU C 143 53.73 8.74 17.09
N GLU C 144 54.07 9.42 16.00
CA GLU C 144 55.24 10.28 15.99
C GLU C 144 55.09 11.40 17.02
N GLN C 145 53.91 12.01 17.04
CA GLN C 145 53.66 13.09 17.99
C GLN C 145 53.66 12.64 19.44
N GLU C 146 53.05 11.50 19.73
CA GLU C 146 52.94 11.01 21.09
C GLU C 146 53.95 9.99 21.61
N ILE C 147 54.83 9.48 20.76
CA ILE C 147 55.81 8.52 21.24
C ILE C 147 57.20 8.70 20.66
N ILE C 148 57.29 8.88 19.34
CA ILE C 148 58.58 9.03 18.69
C ILE C 148 59.35 10.32 19.00
N LEU C 149 58.63 11.42 19.14
CA LEU C 149 59.27 12.71 19.42
C LEU C 149 59.51 12.89 20.93
N PRO C 150 58.44 12.82 21.74
CA PRO C 150 58.62 12.99 23.17
C PRO C 150 59.63 12.03 23.82
N ASN C 151 59.83 10.86 23.21
CA ASN C 151 60.77 9.89 23.75
C ASN C 151 62.04 9.79 22.90
N LYS C 152 62.57 10.94 22.49
CA LYS C 152 63.77 10.99 21.64
C LYS C 152 64.95 10.15 22.13
N ARG C 153 64.85 9.58 23.33
CA ARG C 153 65.94 8.75 23.85
C ARG C 153 65.87 7.36 23.25
N LEU C 154 64.66 6.81 23.14
CA LEU C 154 64.48 5.48 22.57
C LEU C 154 64.32 5.56 21.06
N PHE C 155 63.83 6.68 20.58
CA PHE C 155 63.65 6.87 19.14
C PHE C 155 64.54 8.02 18.69
N PRO C 156 65.85 7.79 18.65
CA PRO C 156 66.79 8.83 18.22
C PRO C 156 66.55 9.31 16.79
N ASP C 157 66.85 8.45 15.82
CA ASP C 157 66.70 8.76 14.40
C ASP C 157 65.28 9.16 14.03
N PRO C 158 65.13 9.98 12.97
CA PRO C 158 63.81 10.44 12.50
C PRO C 158 63.02 9.29 11.86
N VAL C 159 61.71 9.29 12.06
CA VAL C 159 60.88 8.24 11.50
C VAL C 159 59.99 8.81 10.40
N THR C 160 60.32 8.47 9.16
CA THR C 160 59.59 8.94 7.97
C THR C 160 58.42 8.03 7.61
N LEU C 161 57.50 8.53 6.78
CA LEU C 161 56.35 7.73 6.37
C LEU C 161 56.82 6.43 5.74
N ASP C 162 57.85 6.50 4.90
CA ASP C 162 58.40 5.32 4.23
C ASP C 162 58.76 4.25 5.25
N ASP C 163 59.20 4.66 6.42
CA ASP C 163 59.56 3.72 7.48
C ASP C 163 58.28 3.10 8.02
N PHE C 164 57.26 3.93 8.17
CA PHE C 164 55.99 3.46 8.66
C PHE C 164 55.36 2.48 7.68
N PHE C 165 55.35 2.83 6.40
CA PHE C 165 54.78 1.95 5.39
C PHE C 165 55.58 0.69 5.12
N TRP C 166 56.85 0.73 5.46
CA TRP C 166 57.72 -0.43 5.29
C TRP C 166 57.36 -1.47 6.33
N ALA C 167 57.12 -1.01 7.56
CA ALA C 167 56.78 -1.89 8.66
C ALA C 167 55.38 -2.44 8.47
N PHE C 168 54.42 -1.57 8.22
CA PHE C 168 53.03 -2.00 8.00
C PHE C 168 53.06 -3.09 6.91
N GLY C 169 53.87 -2.87 5.88
CA GLY C 169 53.98 -3.81 4.77
C GLY C 169 54.62 -5.11 5.17
N ILE C 170 55.74 -5.04 5.88
CA ILE C 170 56.42 -6.24 6.34
C ILE C 170 55.48 -7.00 7.25
N LEU C 171 54.78 -6.26 8.09
CA LEU C 171 53.86 -6.85 9.04
C LEU C 171 52.67 -7.54 8.40
N ARG C 172 52.01 -6.89 7.45
CA ARG C 172 50.84 -7.47 6.81
C ARG C 172 51.12 -8.48 5.70
N SER C 173 52.38 -8.57 5.26
CA SER C 173 52.73 -9.49 4.19
C SER C 173 53.55 -10.68 4.65
N ARG C 174 54.10 -10.62 5.86
CA ARG C 174 54.93 -11.70 6.36
C ARG C 174 54.40 -12.41 7.58
N ALA C 175 53.89 -11.65 8.54
CA ALA C 175 53.37 -12.20 9.79
C ALA C 175 52.35 -13.34 9.67
N PHE C 176 52.49 -14.35 10.51
CA PHE C 176 51.55 -15.47 10.53
C PHE C 176 50.47 -15.10 11.53
N SER C 177 49.25 -15.61 11.35
CA SER C 177 48.16 -15.28 12.27
C SER C 177 47.09 -16.36 12.42
N ARG C 178 47.41 -17.57 11.96
CA ARG C 178 46.47 -18.68 12.08
C ARG C 178 46.93 -19.51 13.28
N LEU C 179 47.34 -18.83 14.34
CA LEU C 179 47.83 -19.46 15.57
C LEU C 179 46.82 -19.29 16.69
N ARG C 180 47.01 -20.02 17.79
CA ARG C 180 46.11 -19.92 18.94
C ARG C 180 46.66 -18.87 19.91
N ASN C 181 45.80 -17.93 20.34
CA ASN C 181 46.20 -16.86 21.26
C ASN C 181 47.04 -15.81 20.55
N GLU C 182 47.79 -16.24 19.54
CA GLU C 182 48.64 -15.34 18.79
C GLU C 182 48.06 -15.11 17.40
N ASN C 183 47.84 -13.85 17.04
CA ASN C 183 47.30 -13.52 15.73
C ASN C 183 48.15 -12.47 15.01
N LEU C 184 49.42 -12.38 15.37
CA LEU C 184 50.29 -11.42 14.72
C LEU C 184 51.69 -11.73 15.17
N VAL C 185 52.35 -12.64 14.45
CA VAL C 185 53.72 -13.04 14.76
C VAL C 185 54.62 -13.00 13.54
N VAL C 186 55.81 -12.43 13.67
CA VAL C 186 56.75 -12.38 12.57
C VAL C 186 57.79 -13.40 12.96
N VAL C 187 58.07 -14.37 12.09
CA VAL C 187 59.01 -15.45 12.37
C VAL C 187 60.13 -15.56 11.31
N PRO C 188 61.35 -15.10 11.64
CA PRO C 188 62.57 -15.06 10.81
C PRO C 188 62.90 -16.06 9.66
N MET C 189 62.81 -17.36 9.90
CA MET C 189 63.12 -18.31 8.83
C MET C 189 61.84 -18.84 8.21
N ALA C 190 60.90 -19.19 9.09
CA ALA C 190 59.61 -19.71 8.68
C ALA C 190 58.97 -18.88 7.58
N ASP C 191 58.98 -17.55 7.73
CA ASP C 191 58.34 -16.70 6.74
C ASP C 191 59.03 -16.61 5.37
N LEU C 192 60.10 -17.35 5.17
CA LEU C 192 60.77 -17.34 3.86
C LEU C 192 60.00 -18.18 2.84
N ILE C 193 59.22 -19.13 3.34
CA ILE C 193 58.41 -20.04 2.54
C ILE C 193 57.38 -19.27 1.69
N ASN C 194 57.02 -19.81 0.52
CA ASN C 194 56.06 -19.15 -0.33
C ASN C 194 54.69 -19.86 -0.45
N HIS C 195 53.84 -19.25 -1.28
CA HIS C 195 52.49 -19.71 -1.53
C HIS C 195 52.37 -20.36 -2.90
N SER C 196 51.56 -21.41 -2.98
CA SER C 196 51.34 -22.11 -4.23
C SER C 196 49.89 -22.53 -4.30
N ALA C 197 49.24 -22.07 -5.36
CA ALA C 197 47.85 -22.41 -5.57
C ALA C 197 47.73 -23.93 -5.62
N GLY C 198 48.86 -24.62 -5.43
CA GLY C 198 48.89 -26.06 -5.45
C GLY C 198 48.51 -26.66 -4.11
N VAL C 199 48.83 -25.95 -3.03
CA VAL C 199 48.48 -26.39 -1.68
C VAL C 199 47.01 -26.04 -1.56
N THR C 200 46.21 -26.97 -1.08
CA THR C 200 44.77 -26.76 -0.98
C THR C 200 44.13 -27.50 0.19
N THR C 201 44.34 -27.01 1.42
CA THR C 201 43.77 -27.68 2.59
C THR C 201 43.49 -26.74 3.75
N GLU C 202 44.31 -25.69 3.82
CA GLU C 202 44.27 -24.66 4.86
C GLU C 202 44.33 -25.25 6.28
N ASP C 203 45.05 -26.35 6.44
CA ASP C 203 45.19 -26.96 7.74
C ASP C 203 46.35 -26.36 8.49
N HIS C 204 46.63 -25.09 8.22
CA HIS C 204 47.73 -24.38 8.87
C HIS C 204 48.92 -25.32 8.87
N ALA C 205 49.87 -25.07 7.98
CA ALA C 205 51.04 -25.94 7.94
C ALA C 205 51.91 -25.62 9.16
N TYR C 206 51.36 -24.86 10.10
CA TYR C 206 52.12 -24.50 11.30
C TYR C 206 51.32 -24.48 12.58
N GLU C 207 52.04 -24.69 13.67
CA GLU C 207 51.50 -24.71 15.02
C GLU C 207 52.56 -24.23 16.01
N VAL C 208 52.18 -24.19 17.28
CA VAL C 208 53.06 -23.78 18.35
C VAL C 208 53.17 -24.98 19.27
N LYS C 209 54.31 -25.66 19.27
CA LYS C 209 54.47 -26.78 20.17
C LYS C 209 55.61 -26.48 21.15
N GLY C 210 55.39 -26.87 22.41
CA GLY C 210 56.39 -26.61 23.45
C GLY C 210 57.25 -27.81 23.76
N ALA C 211 58.31 -27.59 24.54
CA ALA C 211 59.23 -28.67 24.92
C ALA C 211 59.86 -28.48 26.30
N ALA C 212 60.79 -29.37 26.64
CA ALA C 212 61.49 -29.31 27.93
C ALA C 212 60.55 -29.05 29.09
N GLY C 213 60.92 -28.08 29.93
CA GLY C 213 60.09 -27.75 31.09
C GLY C 213 58.86 -26.94 30.81
N LEU C 214 58.54 -26.73 29.53
CA LEU C 214 57.37 -25.96 29.14
C LEU C 214 57.44 -24.53 29.67
N PHE C 215 58.62 -23.93 29.61
CA PHE C 215 58.78 -22.53 30.04
C PHE C 215 58.46 -21.65 28.83
N SER C 216 58.11 -20.39 29.06
CA SER C 216 57.77 -19.49 27.97
C SER C 216 58.75 -19.53 26.79
N TRP C 217 60.04 -19.56 27.09
CA TRP C 217 61.06 -19.57 26.04
C TRP C 217 61.11 -20.90 25.28
N ASP C 218 60.79 -21.99 25.96
CA ASP C 218 60.80 -23.33 25.37
C ASP C 218 59.83 -23.55 24.19
N TYR C 219 58.77 -22.74 24.11
CA TYR C 219 57.81 -22.89 23.02
C TYR C 219 58.30 -22.48 21.63
N LEU C 220 58.01 -23.27 20.61
CA LEU C 220 58.46 -22.95 19.25
C LEU C 220 57.49 -23.13 18.09
N PHE C 221 57.73 -22.36 17.03
CA PHE C 221 56.94 -22.32 15.78
C PHE C 221 57.31 -23.55 14.95
N SER C 222 56.36 -24.46 14.75
CA SER C 222 56.67 -25.67 14.00
C SER C 222 56.02 -25.70 12.63
N LEU C 223 56.79 -25.37 11.61
CA LEU C 223 56.29 -25.37 10.24
C LEU C 223 56.58 -26.67 9.51
N LYS C 224 55.55 -27.27 8.93
CA LYS C 224 55.75 -28.50 8.19
C LYS C 224 55.26 -28.37 6.75
N SER C 225 55.78 -29.22 5.86
CA SER C 225 55.40 -29.16 4.46
C SER C 225 54.09 -29.86 4.18
N PRO C 226 53.07 -29.11 3.71
CA PRO C 226 51.76 -29.69 3.41
C PRO C 226 51.76 -30.60 2.17
N LEU C 227 52.84 -30.52 1.38
CA LEU C 227 52.99 -31.31 0.16
C LEU C 227 54.30 -32.08 0.13
N SER C 228 54.38 -33.10 -0.71
CA SER C 228 55.61 -33.89 -0.88
C SER C 228 56.42 -33.17 -1.93
N VAL C 229 57.69 -32.96 -1.63
CA VAL C 229 58.58 -32.26 -2.53
C VAL C 229 59.82 -33.09 -2.80
N LYS C 230 60.18 -33.28 -4.08
CA LYS C 230 61.37 -34.03 -4.40
C LYS C 230 62.58 -33.13 -4.14
N ALA C 231 63.75 -33.71 -3.97
CA ALA C 231 64.94 -32.90 -3.71
C ALA C 231 65.07 -31.80 -4.77
N GLY C 232 65.57 -30.63 -4.37
CA GLY C 232 65.75 -29.55 -5.33
C GLY C 232 64.51 -28.74 -5.65
N GLU C 233 63.32 -29.29 -5.45
CA GLU C 233 62.11 -28.55 -5.74
C GLU C 233 61.77 -27.65 -4.53
N GLN C 234 60.89 -26.68 -4.71
CA GLN C 234 60.52 -25.75 -3.65
C GLN C 234 59.36 -26.21 -2.78
N VAL C 235 59.38 -25.80 -1.51
CA VAL C 235 58.35 -26.15 -0.55
C VAL C 235 57.36 -24.99 -0.39
N TYR C 236 56.06 -25.29 -0.50
CA TYR C 236 55.04 -24.25 -0.41
C TYR C 236 53.96 -24.46 0.66
N ILE C 237 53.14 -23.43 0.84
CA ILE C 237 52.00 -23.52 1.75
C ILE C 237 50.87 -22.73 1.11
N GLN C 238 49.71 -22.73 1.74
CA GLN C 238 48.57 -21.98 1.22
C GLN C 238 48.38 -20.82 2.20
N TYR C 239 48.63 -19.60 1.74
CA TYR C 239 48.49 -18.44 2.60
C TYR C 239 47.13 -18.29 3.26
N ASP C 240 46.06 -18.43 2.47
CA ASP C 240 44.69 -18.34 2.99
C ASP C 240 43.73 -18.74 1.90
N LEU C 241 43.10 -19.89 2.06
CA LEU C 241 42.16 -20.36 1.05
C LEU C 241 40.94 -19.49 0.90
N ASN C 242 40.63 -18.70 1.91
CA ASN C 242 39.42 -17.90 1.85
C ASN C 242 39.50 -16.43 1.46
N LYS C 243 40.70 -15.90 1.26
CA LYS C 243 40.84 -14.48 0.89
C LYS C 243 40.50 -14.26 -0.56
N SER C 244 40.09 -13.04 -0.89
CA SER C 244 39.76 -12.67 -2.27
C SER C 244 41.05 -12.22 -2.95
N ASN C 245 41.04 -12.12 -4.28
CA ASN C 245 42.23 -11.68 -5.00
C ASN C 245 42.59 -10.27 -4.51
N ALA C 246 41.56 -9.49 -4.21
CA ALA C 246 41.74 -8.13 -3.71
C ALA C 246 42.59 -8.16 -2.45
N GLU C 247 42.30 -9.11 -1.57
CA GLU C 247 43.04 -9.24 -0.33
C GLU C 247 44.46 -9.65 -0.68
N LEU C 248 44.62 -10.75 -1.42
CA LEU C 248 45.95 -11.22 -1.81
C LEU C 248 46.79 -10.13 -2.43
N ALA C 249 46.14 -9.19 -3.11
CA ALA C 249 46.86 -8.10 -3.78
C ALA C 249 47.33 -7.05 -2.79
N LEU C 250 46.47 -6.69 -1.85
CA LEU C 250 46.84 -5.70 -0.86
C LEU C 250 47.76 -6.28 0.22
N ASP C 251 47.42 -7.46 0.74
CA ASP C 251 48.21 -8.10 1.78
C ASP C 251 49.59 -8.50 1.31
N TYR C 252 49.63 -9.31 0.25
CA TYR C 252 50.90 -9.72 -0.34
C TYR C 252 50.92 -9.06 -1.73
N GLY C 253 51.94 -9.31 -2.54
CA GLY C 253 51.94 -8.67 -3.86
C GLY C 253 51.60 -9.60 -5.00
N PHE C 254 50.44 -10.25 -4.97
CA PHE C 254 50.09 -11.16 -6.04
C PHE C 254 48.63 -11.58 -6.03
N ILE C 255 48.20 -12.19 -7.15
CA ILE C 255 46.83 -12.69 -7.30
C ILE C 255 46.88 -14.02 -8.04
N GLU C 256 45.78 -14.78 -8.01
CA GLU C 256 45.73 -16.06 -8.68
C GLU C 256 44.81 -16.04 -9.88
N PRO C 257 45.10 -16.87 -10.90
CA PRO C 257 44.27 -16.94 -12.10
C PRO C 257 42.89 -17.48 -11.78
N ASN C 258 42.81 -18.30 -10.74
CA ASN C 258 41.54 -18.89 -10.35
C ASN C 258 40.43 -17.83 -10.28
N GLU C 259 39.44 -17.96 -11.15
CA GLU C 259 38.34 -17.01 -11.19
C GLU C 259 37.52 -16.98 -9.91
N ASN C 260 37.68 -17.98 -9.04
CA ASN C 260 36.89 -17.99 -7.82
C ASN C 260 37.46 -17.10 -6.74
N ARG C 261 38.68 -16.64 -6.93
CA ARG C 261 39.33 -15.77 -5.95
C ARG C 261 38.72 -14.38 -6.07
N HIS C 262 37.96 -14.17 -7.12
CA HIS C 262 37.33 -12.89 -7.41
C HIS C 262 36.10 -12.58 -6.57
N ALA C 263 36.14 -11.45 -5.87
CA ALA C 263 35.02 -11.05 -5.05
C ALA C 263 34.87 -9.56 -5.10
N TYR C 264 33.72 -9.10 -4.65
CA TYR C 264 33.38 -7.68 -4.60
C TYR C 264 32.56 -7.50 -3.34
N THR C 265 32.90 -6.53 -2.51
CA THR C 265 32.10 -6.38 -1.32
C THR C 265 31.22 -5.14 -1.36
N LEU C 266 29.94 -5.39 -1.07
CA LEU C 266 28.92 -4.36 -1.05
C LEU C 266 28.80 -3.93 0.41
N THR C 267 28.46 -2.66 0.64
CA THR C 267 28.34 -2.18 2.01
C THR C 267 26.95 -1.59 2.23
N LEU C 268 26.29 -2.05 3.28
CA LEU C 268 24.93 -1.62 3.59
C LEU C 268 24.84 -0.94 4.93
N GLU C 269 24.12 0.16 5.00
CA GLU C 269 23.99 0.83 6.29
C GLU C 269 22.68 1.53 6.55
N ILE C 270 22.18 1.32 7.76
CA ILE C 270 20.95 1.94 8.20
C ILE C 270 21.31 3.37 8.49
N SER C 271 20.88 4.28 7.62
CA SER C 271 21.17 5.69 7.80
C SER C 271 20.30 6.29 8.89
N GLU C 272 20.83 7.31 9.57
CA GLU C 272 20.10 7.97 10.64
C GLU C 272 19.05 8.91 10.07
N SER C 273 19.06 9.07 8.74
CA SER C 273 18.10 9.91 8.03
C SER C 273 16.86 9.08 7.75
N ASP C 274 16.95 7.80 8.06
CA ASP C 274 15.84 6.89 7.85
C ASP C 274 14.81 7.15 8.94
N PRO C 275 13.60 7.59 8.54
CA PRO C 275 12.56 7.86 9.54
C PRO C 275 12.37 6.75 10.58
N PHE C 276 12.86 5.56 10.29
CA PHE C 276 12.72 4.45 11.23
C PHE C 276 14.07 3.94 11.72
N PHE C 277 15.09 4.79 11.61
CA PHE C 277 16.44 4.46 12.03
C PHE C 277 16.49 3.64 13.31
N ASP C 278 16.08 4.26 14.40
CA ASP C 278 16.07 3.62 15.70
C ASP C 278 15.51 2.21 15.70
N ASP C 279 14.27 2.04 15.24
CA ASP C 279 13.66 0.70 15.21
C ASP C 279 14.45 -0.31 14.40
N LYS C 280 14.96 0.13 13.24
CA LYS C 280 15.72 -0.76 12.38
C LYS C 280 17.06 -1.15 13.00
N LEU C 281 17.80 -0.16 13.49
CA LEU C 281 19.08 -0.44 14.12
C LEU C 281 18.92 -1.46 15.24
N ASP C 282 17.81 -1.38 15.96
CA ASP C 282 17.54 -2.31 17.04
C ASP C 282 17.35 -3.71 16.45
N VAL C 283 16.52 -3.79 15.41
CA VAL C 283 16.26 -5.06 14.75
C VAL C 283 17.55 -5.66 14.21
N ALA C 284 18.42 -4.84 13.65
CA ALA C 284 19.68 -5.32 13.10
C ALA C 284 20.62 -5.81 14.19
N GLU C 285 20.83 -4.97 15.20
CA GLU C 285 21.73 -5.33 16.28
C GLU C 285 21.25 -6.58 16.98
N SER C 286 19.96 -6.61 17.28
CA SER C 286 19.37 -7.75 17.96
C SER C 286 19.56 -9.04 17.18
N ASN C 287 20.02 -8.94 15.94
CA ASN C 287 20.23 -10.12 15.12
C ASN C 287 21.67 -10.33 14.66
N GLY C 288 22.61 -9.64 15.32
CA GLY C 288 24.00 -9.80 14.98
C GLY C 288 24.59 -8.91 13.90
N PHE C 289 23.94 -7.80 13.60
CA PHE C 289 24.46 -6.88 12.58
C PHE C 289 24.62 -5.48 13.15
N ALA C 290 25.54 -4.72 12.57
CA ALA C 290 25.78 -3.36 13.02
C ALA C 290 24.99 -2.33 12.23
N GLN C 291 25.22 -1.07 12.57
CA GLN C 291 24.57 0.04 11.90
C GLN C 291 25.06 -0.05 10.46
N THR C 292 26.23 -0.64 10.29
CA THR C 292 26.85 -0.82 8.99
C THR C 292 27.38 -2.25 8.86
N ALA C 293 27.06 -2.89 7.73
CA ALA C 293 27.49 -4.26 7.50
C ALA C 293 28.13 -4.37 6.12
N TYR C 294 29.16 -5.20 5.99
CA TYR C 294 29.80 -5.38 4.70
C TYR C 294 29.58 -6.83 4.27
N PHE C 295 29.20 -7.03 3.01
CA PHE C 295 28.96 -8.36 2.48
C PHE C 295 29.87 -8.69 1.31
N ASP C 296 30.58 -9.81 1.44
CA ASP C 296 31.51 -10.27 0.41
C ASP C 296 30.85 -11.23 -0.56
N ILE C 297 30.88 -10.82 -1.83
CA ILE C 297 30.28 -11.58 -2.90
C ILE C 297 31.35 -12.17 -3.81
N PHE C 298 31.55 -13.48 -3.68
CA PHE C 298 32.53 -14.19 -4.48
C PHE C 298 31.96 -14.74 -5.76
N TYR C 299 32.76 -14.67 -6.82
CA TYR C 299 32.33 -15.16 -8.10
C TYR C 299 31.86 -16.60 -7.99
N ASN C 300 30.82 -16.94 -8.74
CA ASN C 300 30.24 -18.27 -8.75
C ASN C 300 29.71 -18.80 -7.42
N ARG C 301 29.86 -18.03 -6.36
CA ARG C 301 29.37 -18.46 -5.04
C ARG C 301 27.98 -17.83 -4.87
N THR C 302 27.18 -18.37 -3.96
CA THR C 302 25.85 -17.83 -3.75
C THR C 302 25.92 -16.64 -2.81
N LEU C 303 24.92 -15.77 -2.86
CA LEU C 303 24.88 -14.60 -2.02
C LEU C 303 25.05 -14.93 -0.55
N PRO C 304 25.88 -14.15 0.16
CA PRO C 304 26.11 -14.39 1.58
C PRO C 304 24.83 -14.25 2.39
N PRO C 305 24.63 -15.13 3.38
CA PRO C 305 23.42 -15.05 4.22
C PRO C 305 23.39 -13.69 4.92
N GLY C 306 22.21 -13.14 5.13
CA GLY C 306 22.12 -11.86 5.79
C GLY C 306 22.12 -10.71 4.80
N LEU C 307 22.61 -10.92 3.59
CA LEU C 307 22.61 -9.84 2.61
C LEU C 307 21.19 -9.41 2.25
N LEU C 308 20.36 -10.35 1.81
CA LEU C 308 19.00 -9.99 1.43
C LEU C 308 18.15 -9.45 2.57
N PRO C 309 18.07 -10.18 3.69
CA PRO C 309 17.24 -9.62 4.77
C PRO C 309 17.68 -8.22 5.18
N TYR C 310 18.98 -7.93 5.05
CA TYR C 310 19.47 -6.61 5.42
C TYR C 310 19.02 -5.57 4.36
N LEU C 311 19.10 -5.93 3.07
CA LEU C 311 18.65 -5.01 2.03
C LEU C 311 17.17 -4.71 2.28
N ARG C 312 16.42 -5.75 2.64
CA ARG C 312 15.00 -5.56 2.92
C ARG C 312 14.79 -4.66 4.12
N LEU C 313 15.64 -4.80 5.15
CA LEU C 313 15.50 -3.94 6.30
C LEU C 313 15.83 -2.51 5.86
N VAL C 314 16.86 -2.34 5.06
CA VAL C 314 17.24 -1.02 4.59
C VAL C 314 16.14 -0.39 3.74
N ALA C 315 15.50 -1.18 2.90
CA ALA C 315 14.46 -0.67 2.03
C ALA C 315 13.09 -0.63 2.68
N LEU C 316 12.99 -1.16 3.91
CA LEU C 316 11.72 -1.25 4.63
C LEU C 316 10.63 -0.25 4.26
N GLY C 317 10.76 1.02 4.65
CA GLY C 317 9.75 2.01 4.28
C GLY C 317 8.31 1.91 4.79
N GLY C 318 7.58 3.02 4.63
CA GLY C 318 6.19 3.13 5.09
C GLY C 318 5.22 1.96 5.08
N THR C 319 5.01 1.38 3.90
CA THR C 319 4.09 0.26 3.71
C THR C 319 4.19 -0.89 4.69
N ASP C 320 5.42 -1.33 4.94
CA ASP C 320 5.69 -2.43 5.84
C ASP C 320 6.29 -1.99 7.16
N ALA C 321 6.20 -0.69 7.44
CA ALA C 321 6.75 -0.16 8.68
C ALA C 321 6.11 -0.86 9.87
N PHE C 322 4.90 -1.38 9.67
CA PHE C 322 4.18 -2.05 10.75
C PHE C 322 4.93 -3.24 11.35
N LEU C 323 5.87 -3.80 10.59
CA LEU C 323 6.66 -4.95 11.06
C LEU C 323 7.66 -4.56 12.13
N LEU C 324 7.92 -3.26 12.24
CA LEU C 324 8.87 -2.73 13.22
C LEU C 324 8.21 -2.51 14.59
N GLU C 325 7.06 -3.14 14.81
CA GLU C 325 6.33 -3.02 16.06
C GLU C 325 6.80 -4.05 17.06
N SER C 326 6.62 -3.74 18.35
CA SER C 326 7.03 -4.63 19.43
C SER C 326 6.55 -6.05 19.18
N LEU C 327 5.37 -6.16 18.57
CA LEU C 327 4.77 -7.45 18.27
C LEU C 327 5.61 -8.38 17.43
N PHE C 328 6.32 -7.83 16.44
CA PHE C 328 7.13 -8.65 15.55
C PHE C 328 8.61 -8.73 15.89
N ARG C 329 9.05 -8.09 16.98
CA ARG C 329 10.47 -8.13 17.31
C ARG C 329 11.04 -9.52 17.43
N ASP C 330 10.19 -10.53 17.58
CA ASP C 330 10.68 -11.90 17.71
C ASP C 330 10.57 -12.70 16.41
N THR C 331 9.95 -12.11 15.39
CA THR C 331 9.76 -12.78 14.11
C THR C 331 10.22 -11.95 12.91
N ILE C 332 10.38 -10.66 13.15
CA ILE C 332 10.80 -9.70 12.13
C ILE C 332 11.94 -10.18 11.23
N TRP C 333 12.95 -10.84 11.80
CA TRP C 333 14.07 -11.29 10.99
C TRP C 333 13.67 -12.46 10.10
N GLY C 334 12.81 -13.33 10.62
CA GLY C 334 12.35 -14.47 9.84
C GLY C 334 11.61 -13.98 8.60
N HIS C 335 10.75 -12.99 8.80
CA HIS C 335 10.03 -12.44 7.68
C HIS C 335 11.03 -11.78 6.76
N LEU C 336 11.93 -10.97 7.31
CA LEU C 336 12.94 -10.31 6.49
C LEU C 336 13.71 -11.32 5.64
N GLU C 337 13.81 -12.57 6.11
CA GLU C 337 14.51 -13.60 5.36
C GLU C 337 13.66 -14.23 4.28
N LEU C 338 12.37 -14.47 4.59
CA LEU C 338 11.43 -15.07 3.65
C LEU C 338 11.00 -14.07 2.56
N SER C 339 11.03 -12.78 2.92
CA SER C 339 10.70 -11.62 2.07
C SER C 339 9.53 -10.86 2.69
N VAL C 340 9.54 -9.54 2.51
CA VAL C 340 8.52 -8.65 3.05
C VAL C 340 7.35 -8.35 2.11
N SER C 341 7.57 -7.48 1.12
CA SER C 341 6.52 -7.13 0.18
C SER C 341 7.09 -6.95 -1.21
N ARG C 342 6.23 -7.01 -2.21
CA ARG C 342 6.70 -6.86 -3.59
C ARG C 342 7.30 -5.48 -3.81
N ASP C 343 6.69 -4.49 -3.18
CA ASP C 343 7.14 -3.12 -3.30
C ASP C 343 8.51 -2.96 -2.65
N ASN C 344 8.72 -3.73 -1.59
CA ASN C 344 9.98 -3.72 -0.86
C ASN C 344 11.04 -4.41 -1.73
N GLU C 345 10.72 -5.61 -2.19
CA GLU C 345 11.62 -6.39 -3.04
C GLU C 345 12.02 -5.64 -4.31
N GLU C 346 11.03 -5.03 -4.97
CA GLU C 346 11.28 -4.28 -6.20
C GLU C 346 12.26 -3.12 -5.98
N LEU C 347 12.08 -2.44 -4.85
CA LEU C 347 12.90 -1.29 -4.48
C LEU C 347 14.38 -1.62 -4.25
N LEU C 348 14.65 -2.71 -3.54
CA LEU C 348 16.02 -3.10 -3.24
C LEU C 348 16.70 -3.59 -4.51
N CYS C 349 15.93 -4.30 -5.34
CA CYS C 349 16.48 -4.80 -6.59
C CYS C 349 16.97 -3.64 -7.43
N LYS C 350 16.11 -2.63 -7.59
CA LYS C 350 16.50 -1.49 -8.39
C LYS C 350 17.73 -0.81 -7.82
N ALA C 351 17.76 -0.65 -6.50
CA ALA C 351 18.89 0.00 -5.86
C ALA C 351 20.16 -0.76 -6.15
N VAL C 352 20.11 -2.07 -5.92
CA VAL C 352 21.28 -2.96 -6.15
C VAL C 352 21.77 -2.86 -7.59
N ARG C 353 20.85 -3.04 -8.54
CA ARG C 353 21.19 -3.02 -9.95
C ARG C 353 21.77 -1.69 -10.45
N GLU C 354 21.25 -0.57 -9.95
CA GLU C 354 21.74 0.73 -10.35
C GLU C 354 23.14 0.94 -9.79
N ALA C 355 23.41 0.31 -8.65
CA ALA C 355 24.72 0.42 -8.02
C ALA C 355 25.74 -0.21 -8.93
N CYS C 356 25.46 -1.44 -9.32
CA CYS C 356 26.34 -2.18 -10.21
C CYS C 356 26.64 -1.43 -11.50
N LYS C 357 25.59 -1.00 -12.20
CA LYS C 357 25.74 -0.28 -13.46
C LYS C 357 26.63 0.94 -13.29
N SER C 358 26.37 1.72 -12.26
CA SER C 358 27.15 2.92 -12.00
C SER C 358 28.62 2.57 -11.74
N ALA C 359 28.83 1.56 -10.90
CA ALA C 359 30.18 1.10 -10.57
C ALA C 359 30.86 0.60 -11.82
N LEU C 360 30.13 -0.22 -12.59
CA LEU C 360 30.65 -0.81 -13.81
C LEU C 360 31.17 0.24 -14.78
N ALA C 361 30.48 1.37 -14.81
CA ALA C 361 30.86 2.49 -15.66
C ALA C 361 32.20 3.08 -15.24
N GLY C 362 32.53 2.92 -13.96
CA GLY C 362 33.78 3.44 -13.43
C GLY C 362 35.09 2.94 -14.04
N TYR C 363 35.08 1.72 -14.59
CA TYR C 363 36.31 1.16 -15.18
C TYR C 363 36.66 1.76 -16.54
N HIS C 364 37.95 1.83 -16.83
CA HIS C 364 38.41 2.39 -18.10
C HIS C 364 38.80 1.36 -19.18
N THR C 365 38.30 0.14 -19.06
CA THR C 365 38.56 -0.94 -20.01
C THR C 365 37.44 -1.95 -19.91
N THR C 366 37.31 -2.79 -20.94
CA THR C 366 36.28 -3.81 -20.98
C THR C 366 36.89 -5.17 -20.60
N ILE C 367 36.06 -6.10 -20.17
CA ILE C 367 36.54 -7.42 -19.83
C ILE C 367 37.28 -7.97 -21.05
N GLU C 368 36.69 -7.78 -22.23
CA GLU C 368 37.30 -8.24 -23.48
C GLU C 368 38.73 -7.70 -23.67
N GLN C 369 38.94 -6.43 -23.32
CA GLN C 369 40.26 -5.81 -23.45
C GLN C 369 41.22 -6.37 -22.43
N ASP C 370 40.73 -6.52 -21.21
CA ASP C 370 41.55 -7.04 -20.13
C ASP C 370 42.06 -8.42 -20.48
N ARG C 371 41.15 -9.29 -20.90
CA ARG C 371 41.52 -10.64 -21.26
C ARG C 371 42.51 -10.74 -22.41
N GLU C 372 42.48 -9.77 -23.32
CA GLU C 372 43.40 -9.80 -24.44
C GLU C 372 44.75 -9.43 -23.89
N LEU C 373 44.76 -8.47 -22.97
CA LEU C 373 45.99 -8.01 -22.33
C LEU C 373 46.73 -9.15 -21.67
N LYS C 374 45.96 -10.03 -21.03
CA LYS C 374 46.51 -11.17 -20.32
C LYS C 374 47.18 -12.20 -21.24
N GLU C 375 46.75 -12.24 -22.50
CA GLU C 375 47.31 -13.18 -23.47
C GLU C 375 48.75 -12.80 -23.81
N GLY C 376 49.16 -11.65 -23.30
CA GLY C 376 50.51 -11.17 -23.55
C GLY C 376 51.38 -11.20 -22.31
N ASN C 377 52.52 -10.50 -22.36
CA ASN C 377 53.45 -10.44 -21.23
C ASN C 377 53.27 -9.17 -20.42
N LEU C 378 52.46 -9.25 -19.37
CA LEU C 378 52.21 -8.10 -18.51
C LEU C 378 53.26 -8.13 -17.42
N ASP C 379 53.56 -6.96 -16.86
CA ASP C 379 54.55 -6.89 -15.79
C ASP C 379 53.81 -7.10 -14.48
N SER C 380 54.58 -7.44 -13.45
CA SER C 380 54.08 -7.71 -12.11
C SER C 380 52.86 -6.92 -11.68
N ARG C 381 53.02 -5.61 -11.52
CA ARG C 381 51.92 -4.77 -11.06
C ARG C 381 50.81 -4.54 -12.09
N LEU C 382 51.18 -4.50 -13.36
CA LEU C 382 50.17 -4.32 -14.42
C LEU C 382 49.32 -5.58 -14.45
N ALA C 383 49.98 -6.72 -14.28
CA ALA C 383 49.32 -8.02 -14.27
C ALA C 383 48.24 -8.03 -13.20
N ILE C 384 48.62 -7.63 -11.99
CA ILE C 384 47.71 -7.58 -10.85
C ILE C 384 46.52 -6.68 -11.12
N ALA C 385 46.81 -5.44 -11.48
CA ALA C 385 45.75 -4.50 -11.79
C ALA C 385 44.77 -5.14 -12.76
N VAL C 386 45.26 -5.49 -13.95
CA VAL C 386 44.44 -6.08 -14.98
C VAL C 386 43.56 -7.23 -14.48
N GLY C 387 44.19 -8.19 -13.79
CA GLY C 387 43.44 -9.33 -13.30
C GLY C 387 42.38 -8.96 -12.27
N ILE C 388 42.73 -8.01 -11.41
CA ILE C 388 41.82 -7.56 -10.37
C ILE C 388 40.58 -6.89 -10.96
N ARG C 389 40.81 -5.90 -11.81
CA ARG C 389 39.71 -5.17 -12.43
C ARG C 389 38.82 -6.07 -13.29
N GLU C 390 39.41 -7.06 -13.95
CA GLU C 390 38.63 -7.97 -14.78
C GLU C 390 37.66 -8.78 -13.88
N GLY C 391 38.18 -9.24 -12.75
CA GLY C 391 37.37 -10.02 -11.82
C GLY C 391 36.30 -9.20 -11.14
N GLU C 392 36.59 -7.93 -10.88
CA GLU C 392 35.60 -7.07 -10.24
C GLU C 392 34.41 -6.89 -11.18
N LYS C 393 34.71 -6.62 -12.44
CA LYS C 393 33.65 -6.45 -13.44
C LYS C 393 32.79 -7.72 -13.53
N MET C 394 33.44 -8.88 -13.43
CA MET C 394 32.75 -10.17 -13.49
C MET C 394 31.75 -10.36 -12.36
N VAL C 395 32.15 -9.99 -11.15
CA VAL C 395 31.28 -10.12 -9.99
C VAL C 395 30.19 -9.07 -10.08
N LEU C 396 30.60 -7.85 -10.43
CA LEU C 396 29.67 -6.75 -10.56
C LEU C 396 28.60 -7.19 -11.54
N GLN C 397 29.05 -7.76 -12.66
CA GLN C 397 28.11 -8.23 -13.66
C GLN C 397 27.26 -9.40 -13.18
N GLN C 398 27.86 -10.31 -12.43
CA GLN C 398 27.09 -11.46 -11.95
C GLN C 398 26.03 -10.99 -10.97
N ILE C 399 26.41 -10.07 -10.08
CA ILE C 399 25.48 -9.54 -9.10
C ILE C 399 24.31 -8.92 -9.83
N ASP C 400 24.62 -8.12 -10.84
CA ASP C 400 23.60 -7.44 -11.64
C ASP C 400 22.64 -8.45 -12.26
N GLY C 401 23.19 -9.57 -12.73
CA GLY C 401 22.36 -10.59 -13.34
C GLY C 401 21.53 -11.34 -12.32
N ILE C 402 22.10 -11.53 -11.14
CA ILE C 402 21.39 -12.23 -10.08
C ILE C 402 20.12 -11.46 -9.74
N PHE C 403 20.26 -10.15 -9.61
CA PHE C 403 19.12 -9.30 -9.26
C PHE C 403 18.20 -8.98 -10.44
N GLU C 404 18.66 -9.21 -11.67
CA GLU C 404 17.81 -8.97 -12.83
C GLU C 404 16.81 -10.12 -12.87
N GLN C 405 17.29 -11.31 -12.55
CA GLN C 405 16.45 -12.49 -12.50
C GLN C 405 15.36 -12.29 -11.48
N LYS C 406 15.75 -11.82 -10.29
CA LYS C 406 14.79 -11.58 -9.21
C LYS C 406 13.71 -10.61 -9.67
N GLU C 407 14.08 -9.62 -10.46
CA GLU C 407 13.10 -8.66 -10.94
C GLU C 407 12.08 -9.43 -11.78
N LEU C 408 12.54 -10.40 -12.55
CA LEU C 408 11.63 -11.19 -13.37
C LEU C 408 10.76 -12.07 -12.50
N GLU C 409 11.33 -12.61 -11.44
CA GLU C 409 10.60 -13.51 -10.56
C GLU C 409 9.92 -12.73 -9.45
N LEU C 410 9.82 -11.43 -9.65
CA LEU C 410 9.24 -10.56 -8.65
C LEU C 410 7.88 -10.99 -8.10
N ASP C 411 7.12 -11.77 -8.86
CA ASP C 411 5.80 -12.17 -8.39
C ASP C 411 5.69 -13.62 -7.98
N GLN C 412 6.81 -14.33 -8.05
CA GLN C 412 6.86 -15.74 -7.69
C GLN C 412 7.07 -15.94 -6.18
N LEU C 413 7.44 -14.86 -5.49
CA LEU C 413 7.69 -14.90 -4.05
C LEU C 413 6.43 -14.78 -3.19
N GLU C 414 6.41 -15.47 -2.06
CA GLU C 414 5.28 -15.37 -1.15
C GLU C 414 5.69 -14.34 -0.13
N TYR C 415 5.15 -13.13 -0.21
CA TYR C 415 5.53 -12.12 0.74
C TYR C 415 4.81 -12.29 2.05
N TYR C 416 5.07 -11.40 3.00
CA TYR C 416 4.45 -11.49 4.32
C TYR C 416 2.97 -11.78 4.32
N GLN C 417 2.21 -10.99 3.58
CA GLN C 417 0.76 -11.15 3.51
C GLN C 417 0.33 -12.49 2.95
N GLU C 418 0.83 -12.83 1.76
CA GLU C 418 0.42 -14.09 1.18
C GLU C 418 0.66 -15.23 2.15
N ARG C 419 1.77 -15.20 2.89
CA ARG C 419 2.06 -16.26 3.83
C ARG C 419 1.05 -16.28 4.98
N ARG C 420 0.64 -15.11 5.43
CA ARG C 420 -0.32 -14.96 6.52
C ARG C 420 -1.58 -15.83 6.28
N LEU C 421 -2.05 -15.85 5.04
CA LEU C 421 -3.25 -16.60 4.65
C LEU C 421 -2.98 -17.87 3.84
N LYS C 422 -1.81 -18.47 4.04
CA LYS C 422 -1.42 -19.67 3.29
C LYS C 422 -2.40 -20.86 3.31
N ASP C 423 -3.30 -20.89 4.29
CA ASP C 423 -4.23 -22.01 4.40
C ASP C 423 -5.47 -21.69 5.23
N LEU C 424 -6.24 -20.70 4.79
CA LEU C 424 -7.44 -20.29 5.51
C LEU C 424 -8.40 -21.45 5.72
N GLY C 425 -8.38 -22.43 4.82
CA GLY C 425 -9.28 -23.55 4.94
C GLY C 425 -10.71 -23.19 4.56
N LEU C 426 -10.86 -22.36 3.53
CA LEU C 426 -12.17 -21.96 3.05
C LEU C 426 -12.99 -23.19 2.75
N CYS C 427 -12.46 -24.03 1.86
CA CYS C 427 -13.11 -25.25 1.45
C CYS C 427 -13.09 -26.37 2.48
N GLY C 428 -13.67 -26.12 3.64
CA GLY C 428 -13.69 -27.13 4.68
C GLY C 428 -14.91 -27.99 4.51
N GLU C 429 -15.80 -27.91 5.50
CA GLU C 429 -17.04 -28.68 5.47
C GLU C 429 -18.19 -27.69 5.63
N ASN C 430 -19.34 -28.21 6.00
CA ASN C 430 -20.52 -27.39 6.21
C ASN C 430 -20.84 -27.39 7.70
N GLY C 431 -20.06 -26.63 8.45
CA GLY C 431 -20.25 -26.54 9.89
C GLY C 431 -21.65 -26.16 10.31
N ASP C 432 -22.40 -25.52 9.42
CA ASP C 432 -23.76 -25.10 9.73
C ASP C 432 -24.61 -26.28 10.23
N ILE C 433 -24.39 -27.46 9.65
CA ILE C 433 -25.15 -28.65 10.02
C ILE C 433 -24.83 -29.16 11.41
N LEU C 434 -23.63 -28.84 11.89
CA LEU C 434 -23.21 -29.23 13.22
C LEU C 434 -23.71 -28.23 14.22
N GLU C 435 -23.59 -26.95 13.88
CA GLU C 435 -24.05 -25.86 14.73
C GLU C 435 -25.50 -26.14 15.15
N ASN C 436 -26.26 -26.75 14.25
CA ASN C 436 -27.66 -27.07 14.50
C ASN C 436 -27.91 -28.15 15.52
N LEU C 437 -26.90 -28.96 15.79
CA LEU C 437 -27.03 -30.02 16.77
C LEU C 437 -26.40 -29.61 18.11
N TYR C 438 -26.36 -28.31 18.38
CA TYR C 438 -25.81 -27.77 19.64
C TYR C 438 -26.87 -27.04 20.48
N PHE C 439 -27.56 -26.07 19.89
CA PHE C 439 -28.58 -25.32 20.62
C PHE C 439 -29.81 -26.19 21.00
N SA8 D . -17.93 55.35 -21.52
CA SA8 D . -18.91 54.53 -20.84
C SA8 D . -20.32 55.12 -21.03
O SA8 D . -20.60 56.22 -20.50
OXT SA8 D . -21.13 54.47 -21.71
CB SA8 D . -18.58 54.44 -19.35
CG SA8 D . -17.21 53.87 -18.97
ND SA8 D . -17.21 52.87 -17.76
CE SA8 D . -15.84 52.44 -17.45
C5' SA8 D . -18.07 51.58 -18.02
C4' SA8 D . -18.52 51.23 -19.42
O4' SA8 D . -17.46 51.14 -20.40
C3' SA8 D . -19.32 49.94 -19.45
O3' SA8 D . -20.70 50.23 -19.68
C2' SA8 D . -18.65 49.12 -20.56
O2' SA8 D . -19.66 48.45 -21.35
C1' SA8 D . -17.86 50.15 -21.36
N9 SA8 D . -16.64 49.55 -22.04
C8 SA8 D . -15.31 49.73 -21.75
N7 SA8 D . -14.45 49.09 -22.50
C5 SA8 D . -15.28 48.40 -23.41
C6 SA8 D . -15.03 47.50 -24.50
N6 SA8 D . -13.80 47.15 -24.88
N1 SA8 D . -16.11 46.99 -25.20
C2 SA8 D . -17.37 47.34 -24.83
N3 SA8 D . -17.75 48.17 -23.82
C4 SA8 D . -16.63 48.67 -23.14
N LYS E . -10.03 49.24 -12.51
CA LYS E . -9.16 50.12 -13.34
C LYS E . -8.45 51.21 -12.51
O LYS E . -8.87 52.39 -12.58
CB LYS E . -10.01 50.77 -14.45
CG LYS E . -11.37 51.27 -14.00
CD LYS E . -11.93 52.26 -15.00
CE LYS E . -13.35 52.66 -14.66
NZ LYS E . -13.83 53.72 -15.58
OXT LYS E . -7.47 50.87 -11.82
N SA8 F . -42.67 -42.50 1.96
CA SA8 F . -41.37 -42.96 2.42
C SA8 F . -41.42 -44.47 2.75
O SA8 F . -42.52 -44.96 3.05
OXT SA8 F . -40.37 -45.11 2.70
CB SA8 F . -40.92 -42.18 3.67
CG SA8 F . -40.80 -40.65 3.54
ND SA8 F . -39.47 -40.02 4.03
CE SA8 F . -39.51 -38.56 3.90
C5' SA8 F . -38.20 -40.54 3.26
C4' SA8 F . -38.36 -41.16 1.88
O4' SA8 F . -39.01 -40.35 0.86
C3' SA8 F . -37.02 -41.62 1.30
O3' SA8 F . -36.92 -43.05 1.32
C2' SA8 F . -37.00 -41.04 -0.09
O2' SA8 F . -36.41 -41.99 -1.03
C1' SA8 F . -38.45 -40.76 -0.40
N9 SA8 F . -38.63 -39.69 -1.44
C8 SA8 F . -39.40 -38.58 -1.41
N7 SA8 F . -39.39 -37.82 -2.46
C5 SA8 F . -38.48 -38.48 -3.32
C6 SA8 F . -37.96 -38.22 -4.64
N6 SA8 F . -38.31 -37.15 -5.37
N1 SA8 F . -37.06 -39.10 -5.18
C2 SA8 F . -36.70 -40.19 -4.47
N3 SA8 F . -37.10 -40.55 -3.23
C4 SA8 F . -38.01 -39.64 -2.71
N LYS G . -38.73 -30.91 6.77
CA LYS G . -39.88 -30.75 5.83
C LYS G . -41.15 -30.26 6.54
O LYS G . -42.27 -30.58 6.08
CB LYS G . -40.17 -32.08 5.11
CG LYS G . -40.41 -33.27 6.04
CD LYS G . -40.93 -34.48 5.30
CE LYS G . -41.18 -35.62 6.26
NZ LYS G . -41.93 -36.75 5.63
OXT LYS G . -41.01 -29.53 7.55
N SA8 H . 60.39 -15.46 0.44
CA SA8 H . 59.97 -14.12 0.10
C SA8 H . 61.19 -13.21 -0.13
O SA8 H . 61.94 -12.96 0.85
OXT SA8 H . 61.40 -12.77 -1.27
CB SA8 H . 59.12 -13.52 1.22
CG SA8 H . 57.88 -14.31 1.63
ND SA8 H . 56.70 -13.47 2.20
CE SA8 H . 55.64 -14.39 2.63
C5' SA8 H . 56.02 -12.54 1.14
C4' SA8 H . 56.34 -12.63 -0.33
O4' SA8 H . 56.18 -13.96 -0.92
C3' SA8 H . 55.51 -11.65 -1.15
O3' SA8 H . 56.33 -10.58 -1.64
C2' SA8 H . 54.91 -12.50 -2.24
O2' SA8 H . 54.90 -11.80 -3.50
C1' SA8 H . 55.77 -13.76 -2.27
N9 SA8 H . 55.01 -14.94 -2.80
C8 SA8 H . 54.56 -16.05 -2.17
N7 SA8 H . 53.92 -16.93 -2.88
C5 SA8 H . 53.95 -16.35 -4.17
C6 SA8 H . 53.42 -16.73 -5.45
N6 SA8 H . 52.76 -17.88 -5.64
N1 SA8 H . 53.62 -15.89 -6.52
C2 SA8 H . 54.29 -14.73 -6.33
N3 SA8 H . 54.82 -14.25 -5.19
C4 SA8 H . 54.60 -15.11 -4.13
N LYS I . 48.98 -18.31 7.34
CA LYS I . 49.67 -17.01 7.12
C LYS I . 48.69 -15.90 7.48
O LYS I . 48.26 -15.90 8.64
CB LYS I . 50.12 -16.87 5.67
CG LYS I . 51.11 -15.75 5.39
CD LYS I . 52.54 -16.16 5.68
CE LYS I . 53.54 -15.07 5.29
NZ LYS I . 54.96 -15.57 5.31
OXT LYS I . 48.35 -15.05 6.59
#